data_7DDA
# 
_entry.id   7DDA 
# 
_audit_conform.dict_name       mmcif_pdbx.dic 
_audit_conform.dict_version    5.397 
_audit_conform.dict_location   http://mmcif.pdb.org/dictionaries/ascii/mmcif_pdbx.dic 
# 
loop_
_database_2.database_id 
_database_2.database_code 
_database_2.pdbx_database_accession 
_database_2.pdbx_DOI 
PDB   7DDA         pdb_00007dda 10.2210/pdb7dda/pdb 
WWPDB D_1300018772 ?            ?                   
# 
loop_
_pdbx_audit_revision_history.ordinal 
_pdbx_audit_revision_history.data_content_type 
_pdbx_audit_revision_history.major_revision 
_pdbx_audit_revision_history.minor_revision 
_pdbx_audit_revision_history.revision_date 
1 'Structure model' 1 0 2021-06-23 
2 'Structure model' 1 1 2024-10-23 
# 
_pdbx_audit_revision_details.ordinal             1 
_pdbx_audit_revision_details.revision_ordinal    1 
_pdbx_audit_revision_details.data_content_type   'Structure model' 
_pdbx_audit_revision_details.provider            repository 
_pdbx_audit_revision_details.type                'Initial release' 
_pdbx_audit_revision_details.description         ? 
_pdbx_audit_revision_details.details             ? 
# 
loop_
_pdbx_audit_revision_group.ordinal 
_pdbx_audit_revision_group.revision_ordinal 
_pdbx_audit_revision_group.data_content_type 
_pdbx_audit_revision_group.group 
1 2 'Structure model' 'Data collection'     
2 2 'Structure model' 'Database references' 
3 2 'Structure model' 'Structure summary'   
# 
loop_
_pdbx_audit_revision_category.ordinal 
_pdbx_audit_revision_category.revision_ordinal 
_pdbx_audit_revision_category.data_content_type 
_pdbx_audit_revision_category.category 
1 2 'Structure model' chem_comp_atom            
2 2 'Structure model' chem_comp_bond            
3 2 'Structure model' database_2                
4 2 'Structure model' pdbx_entry_details        
5 2 'Structure model' pdbx_modification_feature 
# 
loop_
_pdbx_audit_revision_item.ordinal 
_pdbx_audit_revision_item.revision_ordinal 
_pdbx_audit_revision_item.data_content_type 
_pdbx_audit_revision_item.item 
1 2 'Structure model' '_database_2.pdbx_DOI'                         
2 2 'Structure model' '_database_2.pdbx_database_accession'          
3 2 'Structure model' '_pdbx_entry_details.has_protein_modification' 
# 
_pdbx_database_status.status_code                     REL 
_pdbx_database_status.status_code_sf                  REL 
_pdbx_database_status.status_code_mr                  ? 
_pdbx_database_status.entry_id                        7DDA 
_pdbx_database_status.recvd_initial_deposition_date   2020-10-28 
_pdbx_database_status.SG_entry                        N 
_pdbx_database_status.deposit_site                    PDBJ 
_pdbx_database_status.process_site                    PDBJ 
_pdbx_database_status.status_code_cs                  ? 
_pdbx_database_status.status_code_nmr_data            ? 
_pdbx_database_status.methods_development_category    ? 
_pdbx_database_status.pdb_format_compatible           Y 
# 
loop_
_audit_author.name 
_audit_author.pdbx_ordinal 
_audit_author.identifier_ORCID 
'Somsoros, W.'   1 0000-0002-8096-3522 
'Sangawa, T.'    2 ?                   
'Takebe, K.'     3 0000-0002-1611-1042 
'Attarataya, J.' 4 0000-0003-3708-4458 
'Suzuki, M.'     5 0000-0001-7071-5093 
'Khunrae, P.'    6 0000-0001-6257-1835 
# 
_citation.abstract                  ? 
_citation.abstract_id_CAS           ? 
_citation.book_id_ISBN              ? 
_citation.book_publisher            ? 
_citation.book_publisher_city       ? 
_citation.book_title                ? 
_citation.coordinate_linkage        ? 
_citation.country                   US 
_citation.database_id_Medline       ? 
_citation.details                   ? 
_citation.id                        primary 
_citation.journal_abbrev            J.Gen.Virol. 
_citation.journal_id_ASTM           JGVIAY 
_citation.journal_id_CSD            2058 
_citation.journal_id_ISSN           1465-2099 
_citation.journal_full              ? 
_citation.journal_issue             ? 
_citation.journal_volume            102 
_citation.language                  ? 
_citation.page_first                ? 
_citation.page_last                 ? 
_citation.title                     
;Crystal structure of the C-terminal domain of envelope protein VP37 from white spot syndrome virus reveals sulphate binding sites responsible for heparin binding.
;
_citation.year                      2021 
_citation.database_id_CSD           ? 
_citation.pdbx_database_id_DOI      10.1099/jgv.0.001611 
_citation.pdbx_database_id_PubMed   34106826 
_citation.unpublished_flag          ? 
# 
loop_
_citation_author.citation_id 
_citation_author.name 
_citation_author.ordinal 
_citation_author.identifier_ORCID 
primary 'Somsoros, W.'       1 ? 
primary 'Sangawa, T.'        2 ? 
primary 'Takebe, K.'         3 ? 
primary 'Attarataya, J.'     4 ? 
primary 'Wongprasert, K.'    5 ? 
primary 'Senapin, S.'        6 ? 
primary 'Rattanarojpong, T.' 7 ? 
primary 'Suzuki, M.'         8 ? 
primary 'Khunrae, P.'        9 ? 
# 
loop_
_entity.id 
_entity.type 
_entity.src_method 
_entity.pdbx_description 
_entity.formula_weight 
_entity.pdbx_number_of_molecules 
_entity.pdbx_ec 
_entity.pdbx_mutation 
_entity.pdbx_fragment 
_entity.details 
1 polymer     man 'Envelope protein' 18984.098 1  ? ? ? ? 
2 non-polymer syn 'SULFATE ION'      96.063    2  ? ? ? ? 
3 water       nat water              18.015    13 ? ? ? ? 
# 
_entity_name_com.entity_id   1 
_entity_name_com.name        'Envelope protein VP37' 
# 
_entity_poly.entity_id                      1 
_entity_poly.type                           'polypeptide(L)' 
_entity_poly.nstd_linkage                   no 
_entity_poly.nstd_monomer                   no 
_entity_poly.pdbx_seq_one_letter_code       
;ADFLLDRMTPVSEEDIEGFAASTFKEVSDSKTATVIVKADCETGDIDEVYNLAPSFGVTQEIKIYRSNNSSELDNVADSF
HIYKISATDSDSGNTKKLLYGLRNKKAGYTCLCRIFAEIESDGIMANTNIGVAENNRDEIDENEEGKYGFLIPKQPAGAK
LIIYFFLNCWT
;
_entity_poly.pdbx_seq_one_letter_code_can   
;ADFLLDRMTPVSEEDIEGFAASTFKEVSDSKTATVIVKADCETGDIDEVYNLAPSFGVTQEIKIYRSNNSSELDNVADSF
HIYKISATDSDSGNTKKLLYGLRNKKAGYTCLCRIFAEIESDGIMANTNIGVAENNRDEIDENEEGKYGFLIPKQPAGAK
LIIYFFLNCWT
;
_entity_poly.pdbx_strand_id                 A 
_entity_poly.pdbx_target_identifier         ? 
# 
loop_
_pdbx_entity_nonpoly.entity_id 
_pdbx_entity_nonpoly.name 
_pdbx_entity_nonpoly.comp_id 
2 'SULFATE ION' SO4 
3 water         HOH 
# 
loop_
_entity_poly_seq.entity_id 
_entity_poly_seq.num 
_entity_poly_seq.mon_id 
_entity_poly_seq.hetero 
1 1   ALA n 
1 2   ASP n 
1 3   PHE n 
1 4   LEU n 
1 5   LEU n 
1 6   ASP n 
1 7   ARG n 
1 8   MET n 
1 9   THR n 
1 10  PRO n 
1 11  VAL n 
1 12  SER n 
1 13  GLU n 
1 14  GLU n 
1 15  ASP n 
1 16  ILE n 
1 17  GLU n 
1 18  GLY n 
1 19  PHE n 
1 20  ALA n 
1 21  ALA n 
1 22  SER n 
1 23  THR n 
1 24  PHE n 
1 25  LYS n 
1 26  GLU n 
1 27  VAL n 
1 28  SER n 
1 29  ASP n 
1 30  SER n 
1 31  LYS n 
1 32  THR n 
1 33  ALA n 
1 34  THR n 
1 35  VAL n 
1 36  ILE n 
1 37  VAL n 
1 38  LYS n 
1 39  ALA n 
1 40  ASP n 
1 41  CYS n 
1 42  GLU n 
1 43  THR n 
1 44  GLY n 
1 45  ASP n 
1 46  ILE n 
1 47  ASP n 
1 48  GLU n 
1 49  VAL n 
1 50  TYR n 
1 51  ASN n 
1 52  LEU n 
1 53  ALA n 
1 54  PRO n 
1 55  SER n 
1 56  PHE n 
1 57  GLY n 
1 58  VAL n 
1 59  THR n 
1 60  GLN n 
1 61  GLU n 
1 62  ILE n 
1 63  LYS n 
1 64  ILE n 
1 65  TYR n 
1 66  ARG n 
1 67  SER n 
1 68  ASN n 
1 69  ASN n 
1 70  SER n 
1 71  SER n 
1 72  GLU n 
1 73  LEU n 
1 74  ASP n 
1 75  ASN n 
1 76  VAL n 
1 77  ALA n 
1 78  ASP n 
1 79  SER n 
1 80  PHE n 
1 81  HIS n 
1 82  ILE n 
1 83  TYR n 
1 84  LYS n 
1 85  ILE n 
1 86  SER n 
1 87  ALA n 
1 88  THR n 
1 89  ASP n 
1 90  SER n 
1 91  ASP n 
1 92  SER n 
1 93  GLY n 
1 94  ASN n 
1 95  THR n 
1 96  LYS n 
1 97  LYS n 
1 98  LEU n 
1 99  LEU n 
1 100 TYR n 
1 101 GLY n 
1 102 LEU n 
1 103 ARG n 
1 104 ASN n 
1 105 LYS n 
1 106 LYS n 
1 107 ALA n 
1 108 GLY n 
1 109 TYR n 
1 110 THR n 
1 111 CYS n 
1 112 LEU n 
1 113 CYS n 
1 114 ARG n 
1 115 ILE n 
1 116 PHE n 
1 117 ALA n 
1 118 GLU n 
1 119 ILE n 
1 120 GLU n 
1 121 SER n 
1 122 ASP n 
1 123 GLY n 
1 124 ILE n 
1 125 MET n 
1 126 ALA n 
1 127 ASN n 
1 128 THR n 
1 129 ASN n 
1 130 ILE n 
1 131 GLY n 
1 132 VAL n 
1 133 ALA n 
1 134 GLU n 
1 135 ASN n 
1 136 ASN n 
1 137 ARG n 
1 138 ASP n 
1 139 GLU n 
1 140 ILE n 
1 141 ASP n 
1 142 GLU n 
1 143 ASN n 
1 144 GLU n 
1 145 GLU n 
1 146 GLY n 
1 147 LYS n 
1 148 TYR n 
1 149 GLY n 
1 150 PHE n 
1 151 LEU n 
1 152 ILE n 
1 153 PRO n 
1 154 LYS n 
1 155 GLN n 
1 156 PRO n 
1 157 ALA n 
1 158 GLY n 
1 159 ALA n 
1 160 LYS n 
1 161 LEU n 
1 162 ILE n 
1 163 ILE n 
1 164 TYR n 
1 165 PHE n 
1 166 PHE n 
1 167 LEU n 
1 168 ASN n 
1 169 CYS n 
1 170 TRP n 
1 171 THR n 
# 
_entity_src_gen.entity_id                          1 
_entity_src_gen.pdbx_src_id                        1 
_entity_src_gen.pdbx_alt_source_flag               sample 
_entity_src_gen.pdbx_seq_type                      'Biological sequence' 
_entity_src_gen.pdbx_beg_seq_num                   1 
_entity_src_gen.pdbx_end_seq_num                   171 
_entity_src_gen.gene_src_common_name               WSSV 
_entity_src_gen.gene_src_genus                     ? 
_entity_src_gen.pdbx_gene_src_gene                 VP281 
_entity_src_gen.gene_src_species                   ? 
_entity_src_gen.gene_src_strain                    ? 
_entity_src_gen.gene_src_tissue                    ? 
_entity_src_gen.gene_src_tissue_fraction           ? 
_entity_src_gen.gene_src_details                   ? 
_entity_src_gen.pdbx_gene_src_fragment             ? 
_entity_src_gen.pdbx_gene_src_scientific_name      'White spot syndrome virus' 
_entity_src_gen.pdbx_gene_src_ncbi_taxonomy_id     92652 
_entity_src_gen.pdbx_gene_src_variant              ? 
_entity_src_gen.pdbx_gene_src_cell_line            ? 
_entity_src_gen.pdbx_gene_src_atcc                 ? 
_entity_src_gen.pdbx_gene_src_organ                ? 
_entity_src_gen.pdbx_gene_src_organelle            ? 
_entity_src_gen.pdbx_gene_src_cell                 ? 
_entity_src_gen.pdbx_gene_src_cellular_location    ? 
_entity_src_gen.host_org_common_name               ? 
_entity_src_gen.pdbx_host_org_scientific_name      'Escherichia coli' 
_entity_src_gen.pdbx_host_org_ncbi_taxonomy_id     562 
_entity_src_gen.host_org_genus                     ? 
_entity_src_gen.pdbx_host_org_gene                 ? 
_entity_src_gen.pdbx_host_org_organ                ? 
_entity_src_gen.host_org_species                   ? 
_entity_src_gen.pdbx_host_org_tissue               ? 
_entity_src_gen.pdbx_host_org_tissue_fraction      ? 
_entity_src_gen.pdbx_host_org_strain               'Rosetta 2(DE3)' 
_entity_src_gen.pdbx_host_org_variant              ? 
_entity_src_gen.pdbx_host_org_cell_line            ? 
_entity_src_gen.pdbx_host_org_atcc                 ? 
_entity_src_gen.pdbx_host_org_culture_collection   ? 
_entity_src_gen.pdbx_host_org_cell                 ? 
_entity_src_gen.pdbx_host_org_organelle            ? 
_entity_src_gen.pdbx_host_org_cellular_location    ? 
_entity_src_gen.pdbx_host_org_vector_type          'Plasmid vector' 
_entity_src_gen.pdbx_host_org_vector               ? 
_entity_src_gen.host_org_details                   
;pET15bThio, a pET15b (+) from Novagen which was modified to have thioredoxin and TEV cleavage site encoding sequence inserted upstream of the multiple cloning region
;
_entity_src_gen.expression_system_id               ? 
_entity_src_gen.plasmid_name                       pET15bThio 
_entity_src_gen.plasmid_details                    ? 
_entity_src_gen.pdbx_description                   ? 
# 
loop_
_chem_comp.id 
_chem_comp.type 
_chem_comp.mon_nstd_flag 
_chem_comp.name 
_chem_comp.pdbx_synonyms 
_chem_comp.formula 
_chem_comp.formula_weight 
ALA 'L-peptide linking' y ALANINE         ? 'C3 H7 N O2'     89.093  
ARG 'L-peptide linking' y ARGININE        ? 'C6 H15 N4 O2 1' 175.209 
ASN 'L-peptide linking' y ASPARAGINE      ? 'C4 H8 N2 O3'    132.118 
ASP 'L-peptide linking' y 'ASPARTIC ACID' ? 'C4 H7 N O4'     133.103 
CYS 'L-peptide linking' y CYSTEINE        ? 'C3 H7 N O2 S'   121.158 
GLN 'L-peptide linking' y GLUTAMINE       ? 'C5 H10 N2 O3'   146.144 
GLU 'L-peptide linking' y 'GLUTAMIC ACID' ? 'C5 H9 N O4'     147.129 
GLY 'peptide linking'   y GLYCINE         ? 'C2 H5 N O2'     75.067  
HIS 'L-peptide linking' y HISTIDINE       ? 'C6 H10 N3 O2 1' 156.162 
HOH non-polymer         . WATER           ? 'H2 O'           18.015  
ILE 'L-peptide linking' y ISOLEUCINE      ? 'C6 H13 N O2'    131.173 
LEU 'L-peptide linking' y LEUCINE         ? 'C6 H13 N O2'    131.173 
LYS 'L-peptide linking' y LYSINE          ? 'C6 H15 N2 O2 1' 147.195 
MET 'L-peptide linking' y METHIONINE      ? 'C5 H11 N O2 S'  149.211 
PHE 'L-peptide linking' y PHENYLALANINE   ? 'C9 H11 N O2'    165.189 
PRO 'L-peptide linking' y PROLINE         ? 'C5 H9 N O2'     115.130 
SER 'L-peptide linking' y SERINE          ? 'C3 H7 N O3'     105.093 
SO4 non-polymer         . 'SULFATE ION'   ? 'O4 S -2'        96.063  
THR 'L-peptide linking' y THREONINE       ? 'C4 H9 N O3'     119.119 
TRP 'L-peptide linking' y TRYPTOPHAN      ? 'C11 H12 N2 O2'  204.225 
TYR 'L-peptide linking' y TYROSINE        ? 'C9 H11 N O3'    181.189 
VAL 'L-peptide linking' y VALINE          ? 'C5 H11 N O2'    117.146 
# 
loop_
_pdbx_poly_seq_scheme.asym_id 
_pdbx_poly_seq_scheme.entity_id 
_pdbx_poly_seq_scheme.seq_id 
_pdbx_poly_seq_scheme.mon_id 
_pdbx_poly_seq_scheme.ndb_seq_num 
_pdbx_poly_seq_scheme.pdb_seq_num 
_pdbx_poly_seq_scheme.auth_seq_num 
_pdbx_poly_seq_scheme.pdb_mon_id 
_pdbx_poly_seq_scheme.auth_mon_id 
_pdbx_poly_seq_scheme.pdb_strand_id 
_pdbx_poly_seq_scheme.pdb_ins_code 
_pdbx_poly_seq_scheme.hetero 
A 1 1   ALA 1   111 ?   ?   ?   A . n 
A 1 2   ASP 2   112 ?   ?   ?   A . n 
A 1 3   PHE 3   113 ?   ?   ?   A . n 
A 1 4   LEU 4   114 ?   ?   ?   A . n 
A 1 5   LEU 5   115 ?   ?   ?   A . n 
A 1 6   ASP 6   116 ?   ?   ?   A . n 
A 1 7   ARG 7   117 ?   ?   ?   A . n 
A 1 8   MET 8   118 ?   ?   ?   A . n 
A 1 9   THR 9   119 ?   ?   ?   A . n 
A 1 10  PRO 10  120 ?   ?   ?   A . n 
A 1 11  VAL 11  121 ?   ?   ?   A . n 
A 1 12  SER 12  122 ?   ?   ?   A . n 
A 1 13  GLU 13  123 ?   ?   ?   A . n 
A 1 14  GLU 14  124 ?   ?   ?   A . n 
A 1 15  ASP 15  125 ?   ?   ?   A . n 
A 1 16  ILE 16  126 ?   ?   ?   A . n 
A 1 17  GLU 17  127 ?   ?   ?   A . n 
A 1 18  GLY 18  128 ?   ?   ?   A . n 
A 1 19  PHE 19  129 ?   ?   ?   A . n 
A 1 20  ALA 20  130 ?   ?   ?   A . n 
A 1 21  ALA 21  131 ?   ?   ?   A . n 
A 1 22  SER 22  132 ?   ?   ?   A . n 
A 1 23  THR 23  133 ?   ?   ?   A . n 
A 1 24  PHE 24  134 ?   ?   ?   A . n 
A 1 25  LYS 25  135 ?   ?   ?   A . n 
A 1 26  GLU 26  136 ?   ?   ?   A . n 
A 1 27  VAL 27  137 ?   ?   ?   A . n 
A 1 28  SER 28  138 138 SER SER A . n 
A 1 29  ASP 29  139 139 ASP ASP A . n 
A 1 30  SER 30  140 140 SER SER A . n 
A 1 31  LYS 31  141 141 LYS LYS A . n 
A 1 32  THR 32  142 142 THR THR A . n 
A 1 33  ALA 33  143 143 ALA ALA A . n 
A 1 34  THR 34  144 144 THR THR A . n 
A 1 35  VAL 35  145 145 VAL VAL A . n 
A 1 36  ILE 36  146 146 ILE ILE A . n 
A 1 37  VAL 37  147 147 VAL VAL A . n 
A 1 38  LYS 38  148 148 LYS LYS A . n 
A 1 39  ALA 39  149 149 ALA ALA A . n 
A 1 40  ASP 40  150 150 ASP ASP A . n 
A 1 41  CYS 41  151 151 CYS CYS A . n 
A 1 42  GLU 42  152 152 GLU GLU A . n 
A 1 43  THR 43  153 153 THR THR A . n 
A 1 44  GLY 44  154 154 GLY GLY A . n 
A 1 45  ASP 45  155 155 ASP ASP A . n 
A 1 46  ILE 46  156 156 ILE ILE A . n 
A 1 47  ASP 47  157 157 ASP ASP A . n 
A 1 48  GLU 48  158 158 GLU GLU A . n 
A 1 49  VAL 49  159 159 VAL VAL A . n 
A 1 50  TYR 50  160 160 TYR TYR A . n 
A 1 51  ASN 51  161 161 ASN ASN A . n 
A 1 52  LEU 52  162 162 LEU LEU A . n 
A 1 53  ALA 53  163 163 ALA ALA A . n 
A 1 54  PRO 54  164 ?   ?   ?   A . n 
A 1 55  SER 55  165 ?   ?   ?   A . n 
A 1 56  PHE 56  166 ?   ?   ?   A . n 
A 1 57  GLY 57  167 ?   ?   ?   A . n 
A 1 58  VAL 58  168 ?   ?   ?   A . n 
A 1 59  THR 59  169 ?   ?   ?   A . n 
A 1 60  GLN 60  170 ?   ?   ?   A . n 
A 1 61  GLU 61  171 ?   ?   ?   A . n 
A 1 62  ILE 62  172 ?   ?   ?   A . n 
A 1 63  LYS 63  173 ?   ?   ?   A . n 
A 1 64  ILE 64  174 ?   ?   ?   A . n 
A 1 65  TYR 65  175 ?   ?   ?   A . n 
A 1 66  ARG 66  176 ?   ?   ?   A . n 
A 1 67  SER 67  177 ?   ?   ?   A . n 
A 1 68  ASN 68  178 ?   ?   ?   A . n 
A 1 69  ASN 69  179 ?   ?   ?   A . n 
A 1 70  SER 70  180 ?   ?   ?   A . n 
A 1 71  SER 71  181 ?   ?   ?   A . n 
A 1 72  GLU 72  182 ?   ?   ?   A . n 
A 1 73  LEU 73  183 ?   ?   ?   A . n 
A 1 74  ASP 74  184 ?   ?   ?   A . n 
A 1 75  ASN 75  185 ?   ?   ?   A . n 
A 1 76  VAL 76  186 186 VAL VAL A . n 
A 1 77  ALA 77  187 187 ALA ALA A . n 
A 1 78  ASP 78  188 188 ASP ASP A . n 
A 1 79  SER 79  189 189 SER SER A . n 
A 1 80  PHE 80  190 190 PHE PHE A . n 
A 1 81  HIS 81  191 191 HIS HIS A . n 
A 1 82  ILE 82  192 192 ILE ILE A . n 
A 1 83  TYR 83  193 193 TYR TYR A . n 
A 1 84  LYS 84  194 194 LYS LYS A . n 
A 1 85  ILE 85  195 195 ILE ILE A . n 
A 1 86  SER 86  196 196 SER SER A . n 
A 1 87  ALA 87  197 197 ALA ALA A . n 
A 1 88  THR 88  198 198 THR THR A . n 
A 1 89  ASP 89  199 199 ASP ASP A . n 
A 1 90  SER 90  200 200 SER SER A . n 
A 1 91  ASP 91  201 201 ASP ASP A . n 
A 1 92  SER 92  202 202 SER SER A . n 
A 1 93  GLY 93  203 203 GLY GLY A . n 
A 1 94  ASN 94  204 204 ASN ASN A . n 
A 1 95  THR 95  205 205 THR THR A . n 
A 1 96  LYS 96  206 206 LYS LYS A . n 
A 1 97  LYS 97  207 207 LYS LYS A . n 
A 1 98  LEU 98  208 208 LEU LEU A . n 
A 1 99  LEU 99  209 209 LEU LEU A . n 
A 1 100 TYR 100 210 210 TYR TYR A . n 
A 1 101 GLY 101 211 211 GLY GLY A . n 
A 1 102 LEU 102 212 212 LEU LEU A . n 
A 1 103 ARG 103 213 213 ARG ARG A . n 
A 1 104 ASN 104 214 214 ASN ASN A . n 
A 1 105 LYS 105 215 215 LYS LYS A . n 
A 1 106 LYS 106 216 216 LYS LYS A . n 
A 1 107 ALA 107 217 217 ALA ALA A . n 
A 1 108 GLY 108 218 218 GLY GLY A . n 
A 1 109 TYR 109 219 219 TYR TYR A . n 
A 1 110 THR 110 220 220 THR THR A . n 
A 1 111 CYS 111 221 221 CYS CYS A . n 
A 1 112 LEU 112 222 222 LEU LEU A . n 
A 1 113 CYS 113 223 223 CYS CYS A . n 
A 1 114 ARG 114 224 224 ARG ARG A . n 
A 1 115 ILE 115 225 225 ILE ILE A . n 
A 1 116 PHE 116 226 226 PHE PHE A . n 
A 1 117 ALA 117 227 227 ALA ALA A . n 
A 1 118 GLU 118 228 228 GLU GLU A . n 
A 1 119 ILE 119 229 229 ILE ILE A . n 
A 1 120 GLU 120 230 230 GLU GLU A . n 
A 1 121 SER 121 231 231 SER SER A . n 
A 1 122 ASP 122 232 232 ASP ASP A . n 
A 1 123 GLY 123 233 233 GLY GLY A . n 
A 1 124 ILE 124 234 234 ILE ILE A . n 
A 1 125 MET 125 235 235 MET MET A . n 
A 1 126 ALA 126 236 236 ALA ALA A . n 
A 1 127 ASN 127 237 237 ASN ASN A . n 
A 1 128 THR 128 238 238 THR THR A . n 
A 1 129 ASN 129 239 239 ASN ASN A . n 
A 1 130 ILE 130 240 240 ILE ILE A . n 
A 1 131 GLY 131 241 241 GLY GLY A . n 
A 1 132 VAL 132 242 242 VAL VAL A . n 
A 1 133 ALA 133 243 243 ALA ALA A . n 
A 1 134 GLU 134 244 244 GLU GLU A . n 
A 1 135 ASN 135 245 245 ASN ASN A . n 
A 1 136 ASN 136 246 246 ASN ASN A . n 
A 1 137 ARG 137 247 247 ARG ARG A . n 
A 1 138 ASP 138 248 248 ASP ASP A . n 
A 1 139 GLU 139 249 249 GLU GLU A . n 
A 1 140 ILE 140 250 250 ILE ILE A . n 
A 1 141 ASP 141 251 251 ASP ASP A . n 
A 1 142 GLU 142 252 252 GLU GLU A . n 
A 1 143 ASN 143 253 253 ASN ASN A . n 
A 1 144 GLU 144 254 254 GLU GLU A . n 
A 1 145 GLU 145 255 255 GLU GLU A . n 
A 1 146 GLY 146 256 256 GLY GLY A . n 
A 1 147 LYS 147 257 257 LYS LYS A . n 
A 1 148 TYR 148 258 258 TYR TYR A . n 
A 1 149 GLY 149 259 259 GLY GLY A . n 
A 1 150 PHE 150 260 260 PHE PHE A . n 
A 1 151 LEU 151 261 261 LEU LEU A . n 
A 1 152 ILE 152 262 262 ILE ILE A . n 
A 1 153 PRO 153 263 263 PRO PRO A . n 
A 1 154 LYS 154 264 264 LYS LYS A . n 
A 1 155 GLN 155 265 265 GLN GLN A . n 
A 1 156 PRO 156 266 266 PRO PRO A . n 
A 1 157 ALA 157 267 267 ALA ALA A . n 
A 1 158 GLY 158 268 268 GLY GLY A . n 
A 1 159 ALA 159 269 269 ALA ALA A . n 
A 1 160 LYS 160 270 270 LYS LYS A . n 
A 1 161 LEU 161 271 271 LEU LEU A . n 
A 1 162 ILE 162 272 272 ILE ILE A . n 
A 1 163 ILE 163 273 273 ILE ILE A . n 
A 1 164 TYR 164 274 274 TYR TYR A . n 
A 1 165 PHE 165 275 275 PHE PHE A . n 
A 1 166 PHE 166 276 276 PHE PHE A . n 
A 1 167 LEU 167 277 277 LEU LEU A . n 
A 1 168 ASN 168 278 278 ASN ASN A . n 
A 1 169 CYS 169 279 279 CYS CYS A . n 
A 1 170 TRP 170 280 280 TRP TRP A . n 
A 1 171 THR 171 281 281 THR THR A . n 
# 
_pdbx_entity_instance_feature.ordinal        1 
_pdbx_entity_instance_feature.comp_id        SO4 
_pdbx_entity_instance_feature.asym_id        ? 
_pdbx_entity_instance_feature.seq_num        ? 
_pdbx_entity_instance_feature.auth_comp_id   SO4 
_pdbx_entity_instance_feature.auth_asym_id   ? 
_pdbx_entity_instance_feature.auth_seq_num   ? 
_pdbx_entity_instance_feature.feature_type   'SUBJECT OF INVESTIGATION' 
_pdbx_entity_instance_feature.details        ? 
# 
loop_
_pdbx_nonpoly_scheme.asym_id 
_pdbx_nonpoly_scheme.entity_id 
_pdbx_nonpoly_scheme.mon_id 
_pdbx_nonpoly_scheme.ndb_seq_num 
_pdbx_nonpoly_scheme.pdb_seq_num 
_pdbx_nonpoly_scheme.auth_seq_num 
_pdbx_nonpoly_scheme.pdb_mon_id 
_pdbx_nonpoly_scheme.auth_mon_id 
_pdbx_nonpoly_scheme.pdb_strand_id 
_pdbx_nonpoly_scheme.pdb_ins_code 
B 2 SO4 1  301 1  SO4 SO4 A . 
C 2 SO4 1  302 2  SO4 SO4 A . 
D 3 HOH 1  401 12 HOH HOH A . 
D 3 HOH 2  402 10 HOH HOH A . 
D 3 HOH 3  403 7  HOH HOH A . 
D 3 HOH 4  404 90 HOH HOH A . 
D 3 HOH 5  405 4  HOH HOH A . 
D 3 HOH 6  406 27 HOH HOH A . 
D 3 HOH 7  407 22 HOH HOH A . 
D 3 HOH 8  408 6  HOH HOH A . 
D 3 HOH 9  409 1  HOH HOH A . 
D 3 HOH 10 410 5  HOH HOH A . 
D 3 HOH 11 411 8  HOH HOH A . 
D 3 HOH 12 412 84 HOH HOH A . 
D 3 HOH 13 413 85 HOH HOH A . 
# 
loop_
_software.citation_id 
_software.classification 
_software.compiler_name 
_software.compiler_version 
_software.contact_author 
_software.contact_author_email 
_software.date 
_software.description 
_software.dependencies 
_software.hardware 
_software.language 
_software.location 
_software.mods 
_software.name 
_software.os 
_software.os_version 
_software.type 
_software.version 
_software.pdbx_ordinal 
? refinement       ? ? ? ? ? ? ? ? ? ? ? PHENIX  ? ? ? 1.18.2_3874    1 
? refinement       ? ? ? ? ? ? ? ? ? ? ? REFMAC  ? ? ? 5.8.0267       2 
? 'model building' ? ? ? ? ? ? ? ? ? ? ? Coot    ? ? ? 0.8.9.2        3 
? 'data reduction' ? ? ? ? ? ? ? ? ? ? ? XDS     ? ? ? 'Jan 31, 2020' 4 
? 'data scaling'   ? ? ? ? ? ? ? ? ? ? ? Aimless ? ? ? 0.7.4          5 
? phasing          ? ? ? ? ? ? ? ? ? ? ? PHENIX  ? ? ? 1.18.2-3874    6 
# 
_cell.angle_alpha                  90.000 
_cell.angle_alpha_esd              ? 
_cell.angle_beta                   90.000 
_cell.angle_beta_esd               ? 
_cell.angle_gamma                  120.000 
_cell.angle_gamma_esd              ? 
_cell.entry_id                     7DDA 
_cell.details                      ? 
_cell.formula_units_Z              ? 
_cell.length_a                     89.382 
_cell.length_a_esd                 ? 
_cell.length_b                     89.382 
_cell.length_b_esd                 ? 
_cell.length_c                     99.046 
_cell.length_c_esd                 ? 
_cell.volume                       685279.451 
_cell.volume_esd                   ? 
_cell.Z_PDB                        12 
_cell.reciprocal_angle_alpha       ? 
_cell.reciprocal_angle_beta        ? 
_cell.reciprocal_angle_gamma       ? 
_cell.reciprocal_angle_alpha_esd   ? 
_cell.reciprocal_angle_beta_esd    ? 
_cell.reciprocal_angle_gamma_esd   ? 
_cell.reciprocal_length_a          ? 
_cell.reciprocal_length_b          ? 
_cell.reciprocal_length_c          ? 
_cell.reciprocal_length_a_esd      ? 
_cell.reciprocal_length_b_esd      ? 
_cell.reciprocal_length_c_esd      ? 
_cell.pdbx_unique_axis             ? 
# 
_symmetry.entry_id                         7DDA 
_symmetry.cell_setting                     ? 
_symmetry.Int_Tables_number                182 
_symmetry.space_group_name_Hall            'P 6c 2c' 
_symmetry.space_group_name_H-M             'P 63 2 2' 
_symmetry.pdbx_full_space_group_name_H-M   ? 
# 
_exptl.absorpt_coefficient_mu     ? 
_exptl.absorpt_correction_T_max   ? 
_exptl.absorpt_correction_T_min   ? 
_exptl.absorpt_correction_type    ? 
_exptl.absorpt_process_details    ? 
_exptl.entry_id                   7DDA 
_exptl.crystals_number            1 
_exptl.details                    ? 
_exptl.method                     'X-RAY DIFFRACTION' 
_exptl.method_details             ? 
# 
_exptl_crystal.colour                      ? 
_exptl_crystal.density_diffrn              ? 
_exptl_crystal.density_Matthews            3.01 
_exptl_crystal.density_method              ? 
_exptl_crystal.density_percent_sol         59.11 
_exptl_crystal.description                 'Hexagonal shaped crystals' 
_exptl_crystal.F_000                       ? 
_exptl_crystal.id                          1 
_exptl_crystal.preparation                 ? 
_exptl_crystal.size_max                    ? 
_exptl_crystal.size_mid                    ? 
_exptl_crystal.size_min                    ? 
_exptl_crystal.size_rad                    ? 
_exptl_crystal.colour_lustre               ? 
_exptl_crystal.colour_modifier             ? 
_exptl_crystal.colour_primary              ? 
_exptl_crystal.density_meas                ? 
_exptl_crystal.density_meas_esd            ? 
_exptl_crystal.density_meas_gt             ? 
_exptl_crystal.density_meas_lt             ? 
_exptl_crystal.density_meas_temp           ? 
_exptl_crystal.density_meas_temp_esd       ? 
_exptl_crystal.density_meas_temp_gt        ? 
_exptl_crystal.density_meas_temp_lt        ? 
_exptl_crystal.pdbx_crystal_image_url      ? 
_exptl_crystal.pdbx_crystal_image_format   ? 
_exptl_crystal.pdbx_mosaicity              ? 
_exptl_crystal.pdbx_mosaicity_esd          ? 
# 
_exptl_crystal_grow.apparatus       ? 
_exptl_crystal_grow.atmosphere      ? 
_exptl_crystal_grow.crystal_id      1 
_exptl_crystal_grow.details         ? 
_exptl_crystal_grow.method          'VAPOR DIFFUSION, HANGING DROP' 
_exptl_crystal_grow.method_ref      ? 
_exptl_crystal_grow.pH              6.5 
_exptl_crystal_grow.pressure        ? 
_exptl_crystal_grow.pressure_esd    ? 
_exptl_crystal_grow.seeding         ? 
_exptl_crystal_grow.seeding_ref     ? 
_exptl_crystal_grow.temp            293.2 
_exptl_crystal_grow.temp_details    ? 
_exptl_crystal_grow.temp_esd        ? 
_exptl_crystal_grow.time            ? 
_exptl_crystal_grow.pdbx_details    
'1.5 M Ammonium sulfate, 100 mM Bis-Tris pH 6.5, 100 mM NaCl, VAPOR DIFFUSION, HANGING DROP, temperature 293.2K' 
_exptl_crystal_grow.pdbx_pH_range   ? 
# 
_diffrn.ambient_environment              ? 
_diffrn.ambient_temp                     100 
_diffrn.ambient_temp_details             ? 
_diffrn.ambient_temp_esd                 ? 
_diffrn.crystal_id                       1 
_diffrn.crystal_support                  ? 
_diffrn.crystal_treatment                ? 
_diffrn.details                          ? 
_diffrn.id                               1 
_diffrn.ambient_pressure                 ? 
_diffrn.ambient_pressure_esd             ? 
_diffrn.ambient_pressure_gt              ? 
_diffrn.ambient_pressure_lt              ? 
_diffrn.ambient_temp_gt                  ? 
_diffrn.ambient_temp_lt                  ? 
_diffrn.pdbx_serial_crystal_experiment   N 
# 
_diffrn_detector.details                      ? 
_diffrn_detector.detector                     PIXEL 
_diffrn_detector.diffrn_id                    1 
_diffrn_detector.type                         'DECTRIS PILATUS 6M' 
_diffrn_detector.area_resol_mean              ? 
_diffrn_detector.dtime                        ? 
_diffrn_detector.pdbx_frames_total            ? 
_diffrn_detector.pdbx_collection_time_total   ? 
_diffrn_detector.pdbx_collection_date         2016-03-09 
_diffrn_detector.pdbx_frequency               ? 
# 
_diffrn_radiation.collimation                      ? 
_diffrn_radiation.diffrn_id                        1 
_diffrn_radiation.filter_edge                      ? 
_diffrn_radiation.inhomogeneity                    ? 
_diffrn_radiation.monochromator                    'Si(111) double crystal monochromator' 
_diffrn_radiation.polarisn_norm                    ? 
_diffrn_radiation.polarisn_ratio                   ? 
_diffrn_radiation.probe                            ? 
_diffrn_radiation.type                             ? 
_diffrn_radiation.xray_symbol                      ? 
_diffrn_radiation.wavelength_id                    1 
_diffrn_radiation.pdbx_monochromatic_or_laue_m_l   M 
_diffrn_radiation.pdbx_wavelength_list             ? 
_diffrn_radiation.pdbx_wavelength                  ? 
_diffrn_radiation.pdbx_diffrn_protocol             'SINGLE WAVELENGTH' 
_diffrn_radiation.pdbx_analyzer                    ? 
_diffrn_radiation.pdbx_scattering_type             x-ray 
# 
_diffrn_radiation_wavelength.id           1 
_diffrn_radiation_wavelength.wavelength   0.9800 
_diffrn_radiation_wavelength.wt           1.0 
# 
_diffrn_source.current                     ? 
_diffrn_source.details                     ? 
_diffrn_source.diffrn_id                   1 
_diffrn_source.power                       ? 
_diffrn_source.size                        ? 
_diffrn_source.source                      SYNCHROTRON 
_diffrn_source.target                      ? 
_diffrn_source.type                        'PHOTON FACTORY BEAMLINE BL-17A' 
_diffrn_source.voltage                     ? 
_diffrn_source.take-off_angle              ? 
_diffrn_source.pdbx_wavelength_list        0.9800 
_diffrn_source.pdbx_wavelength             ? 
_diffrn_source.pdbx_synchrotron_beamline   BL-17A 
_diffrn_source.pdbx_synchrotron_site       'Photon Factory' 
# 
_reflns.B_iso_Wilson_estimate            28.51 
_reflns.entry_id                         7DDA 
_reflns.data_reduction_details           ? 
_reflns.data_reduction_method            ? 
_reflns.d_resolution_high                2.505 
_reflns.d_resolution_low                 44.691 
_reflns.details                          ? 
_reflns.limit_h_max                      ? 
_reflns.limit_h_min                      ? 
_reflns.limit_k_max                      ? 
_reflns.limit_k_min                      ? 
_reflns.limit_l_max                      ? 
_reflns.limit_l_min                      ? 
_reflns.number_all                       ? 
_reflns.number_obs                       8198 
_reflns.observed_criterion               ? 
_reflns.observed_criterion_F_max         ? 
_reflns.observed_criterion_F_min         ? 
_reflns.observed_criterion_I_max         ? 
_reflns.observed_criterion_I_min         ? 
_reflns.observed_criterion_sigma_F       ? 
_reflns.observed_criterion_sigma_I       ? 
_reflns.percent_possible_obs             96.2 
_reflns.R_free_details                   ? 
_reflns.Rmerge_F_all                     ? 
_reflns.Rmerge_F_obs                     ? 
_reflns.Friedel_coverage                 ? 
_reflns.number_gt                        ? 
_reflns.threshold_expression             ? 
_reflns.pdbx_redundancy                  37.1 
_reflns.pdbx_Rmerge_I_obs                0.085 
_reflns.pdbx_Rmerge_I_all                ? 
_reflns.pdbx_Rsym_value                  ? 
_reflns.pdbx_netI_over_av_sigmaI         ? 
_reflns.pdbx_netI_over_sigmaI            43.6 
_reflns.pdbx_res_netI_over_av_sigmaI_2   ? 
_reflns.pdbx_res_netI_over_sigmaI_2      ? 
_reflns.pdbx_chi_squared                 ? 
_reflns.pdbx_scaling_rejects             ? 
_reflns.pdbx_d_res_high_opt              ? 
_reflns.pdbx_d_res_low_opt               ? 
_reflns.pdbx_d_res_opt_method            ? 
_reflns.phase_calculation_details        ? 
_reflns.pdbx_Rrim_I_all                  0.086 
_reflns.pdbx_Rpim_I_all                  0.014 
_reflns.pdbx_d_opt                       ? 
_reflns.pdbx_number_measured_all         ? 
_reflns.pdbx_diffrn_id                   1 
_reflns.pdbx_ordinal                     1 
_reflns.pdbx_CC_half                     1.000 
_reflns.pdbx_CC_star                     1.000 
_reflns.pdbx_R_split                     ? 
# 
_reflns_shell.d_res_high                  2.505 
_reflns_shell.d_res_low                   2.548 
_reflns_shell.meanI_over_sigI_all         ? 
_reflns_shell.meanI_over_sigI_obs         12.2 
_reflns_shell.number_measured_all         ? 
_reflns_shell.number_measured_obs         ? 
_reflns_shell.number_possible             ? 
_reflns_shell.number_unique_all           ? 
_reflns_shell.number_unique_obs           410 
_reflns_shell.percent_possible_all        100.0 
_reflns_shell.percent_possible_obs        ? 
_reflns_shell.Rmerge_F_all                ? 
_reflns_shell.Rmerge_F_obs                ? 
_reflns_shell.Rmerge_I_all                ? 
_reflns_shell.Rmerge_I_obs                0.327 
_reflns_shell.meanI_over_sigI_gt          ? 
_reflns_shell.meanI_over_uI_all           ? 
_reflns_shell.meanI_over_uI_gt            ? 
_reflns_shell.number_measured_gt          ? 
_reflns_shell.number_unique_gt            ? 
_reflns_shell.percent_possible_gt         ? 
_reflns_shell.Rmerge_F_gt                 ? 
_reflns_shell.Rmerge_I_gt                 ? 
_reflns_shell.pdbx_redundancy             36.1 
_reflns_shell.pdbx_Rsym_value             ? 
_reflns_shell.pdbx_chi_squared            ? 
_reflns_shell.pdbx_netI_over_sigmaI_all   ? 
_reflns_shell.pdbx_netI_over_sigmaI_obs   ? 
_reflns_shell.pdbx_Rrim_I_all             0.331 
_reflns_shell.pdbx_Rpim_I_all             0.054 
_reflns_shell.pdbx_rejects                ? 
_reflns_shell.pdbx_ordinal                1 
_reflns_shell.pdbx_diffrn_id              1 
_reflns_shell.pdbx_CC_half                0.994 
_reflns_shell.pdbx_CC_star                0.998 
_reflns_shell.pdbx_R_split                ? 
# 
_refine.aniso_B[1][1]                            ? 
_refine.aniso_B[1][2]                            ? 
_refine.aniso_B[1][3]                            ? 
_refine.aniso_B[2][2]                            ? 
_refine.aniso_B[2][3]                            ? 
_refine.aniso_B[3][3]                            ? 
_refine.B_iso_max                                ? 
_refine.B_iso_mean                               29.26 
_refine.B_iso_min                                ? 
_refine.correlation_coeff_Fo_to_Fc               ? 
_refine.correlation_coeff_Fo_to_Fc_free          ? 
_refine.details                                  ? 
_refine.diff_density_max                         ? 
_refine.diff_density_max_esd                     ? 
_refine.diff_density_min                         ? 
_refine.diff_density_min_esd                     ? 
_refine.diff_density_rms                         ? 
_refine.diff_density_rms_esd                     ? 
_refine.entry_id                                 7DDA 
_refine.pdbx_refine_id                           'X-RAY DIFFRACTION' 
_refine.ls_abs_structure_details                 ? 
_refine.ls_abs_structure_Flack                   ? 
_refine.ls_abs_structure_Flack_esd               ? 
_refine.ls_abs_structure_Rogers                  ? 
_refine.ls_abs_structure_Rogers_esd              ? 
_refine.ls_d_res_high                            2.51 
_refine.ls_d_res_low                             40.74 
_refine.ls_extinction_coef                       ? 
_refine.ls_extinction_coef_esd                   ? 
_refine.ls_extinction_expression                 ? 
_refine.ls_extinction_method                     ? 
_refine.ls_goodness_of_fit_all                   ? 
_refine.ls_goodness_of_fit_all_esd               ? 
_refine.ls_goodness_of_fit_obs                   ? 
_refine.ls_goodness_of_fit_obs_esd               ? 
_refine.ls_hydrogen_treatment                    ? 
_refine.ls_matrix_type                           ? 
_refine.ls_number_constraints                    ? 
_refine.ls_number_parameters                     ? 
_refine.ls_number_reflns_all                     ? 
_refine.ls_number_reflns_obs                     8195 
_refine.ls_number_reflns_R_free                  820 
_refine.ls_number_reflns_R_work                  13203 
_refine.ls_number_restraints                     ? 
_refine.ls_percent_reflns_obs                    96.04 
_refine.ls_percent_reflns_R_free                 9.93 
_refine.ls_R_factor_all                          ? 
_refine.ls_R_factor_obs                          0.2047 
_refine.ls_R_factor_R_free                       0.2380 
_refine.ls_R_factor_R_free_error                 ? 
_refine.ls_R_factor_R_free_error_details         ? 
_refine.ls_R_factor_R_work                       0.2012 
_refine.ls_R_Fsqd_factor_obs                     ? 
_refine.ls_R_I_factor_obs                        ? 
_refine.ls_redundancy_reflns_all                 ? 
_refine.ls_redundancy_reflns_obs                 ? 
_refine.ls_restrained_S_all                      ? 
_refine.ls_restrained_S_obs                      ? 
_refine.ls_shift_over_esd_max                    ? 
_refine.ls_shift_over_esd_mean                   ? 
_refine.ls_structure_factor_coef                 ? 
_refine.ls_weighting_details                     ? 
_refine.ls_weighting_scheme                      ? 
_refine.ls_wR_factor_all                         ? 
_refine.ls_wR_factor_obs                         ? 
_refine.ls_wR_factor_R_free                      ? 
_refine.ls_wR_factor_R_work                      ? 
_refine.occupancy_max                            ? 
_refine.occupancy_min                            ? 
_refine.solvent_model_details                    'FLAT BULK SOLVENT MODEL' 
_refine.solvent_model_param_bsol                 ? 
_refine.solvent_model_param_ksol                 ? 
_refine.pdbx_R_complete                          ? 
_refine.ls_R_factor_gt                           ? 
_refine.ls_goodness_of_fit_gt                    ? 
_refine.ls_goodness_of_fit_ref                   ? 
_refine.ls_shift_over_su_max                     ? 
_refine.ls_shift_over_su_max_lt                  ? 
_refine.ls_shift_over_su_mean                    ? 
_refine.ls_shift_over_su_mean_lt                 ? 
_refine.pdbx_ls_sigma_I                          ? 
_refine.pdbx_ls_sigma_F                          1.36 
_refine.pdbx_ls_sigma_Fsqd                       ? 
_refine.pdbx_data_cutoff_high_absF               ? 
_refine.pdbx_data_cutoff_high_rms_absF           ? 
_refine.pdbx_data_cutoff_low_absF                ? 
_refine.pdbx_isotropic_thermal_model             ? 
_refine.pdbx_ls_cross_valid_method               'FREE R-VALUE' 
_refine.pdbx_method_to_determine_struct          SAD 
_refine.pdbx_starting_model                      ? 
_refine.pdbx_stereochemistry_target_values       'GeoStd + Monomer Library + CDL v1.2' 
_refine.pdbx_R_Free_selection_details            'the entry contains Friedel pairs in I_Plus/Minus columns' 
_refine.pdbx_stereochem_target_val_spec_case     ? 
_refine.pdbx_overall_ESU_R                       ? 
_refine.pdbx_overall_ESU_R_Free                  ? 
_refine.pdbx_solvent_vdw_probe_radii             1.1100 
_refine.pdbx_solvent_ion_probe_radii             ? 
_refine.pdbx_solvent_shrinkage_radii             0.9000 
_refine.pdbx_real_space_R                        ? 
_refine.pdbx_density_correlation                 ? 
_refine.pdbx_pd_number_of_powder_patterns        ? 
_refine.pdbx_pd_number_of_points                 ? 
_refine.pdbx_pd_meas_number_of_points            ? 
_refine.pdbx_pd_proc_ls_prof_R_factor            ? 
_refine.pdbx_pd_proc_ls_prof_wR_factor           ? 
_refine.pdbx_pd_Marquardt_correlation_coeff      ? 
_refine.pdbx_pd_Fsqrd_R_factor                   ? 
_refine.pdbx_pd_ls_matrix_band_width             ? 
_refine.pdbx_overall_phase_error                 23.8760 
_refine.pdbx_overall_SU_R_free_Cruickshank_DPI   ? 
_refine.pdbx_overall_SU_R_free_Blow_DPI          ? 
_refine.pdbx_overall_SU_R_Blow_DPI               ? 
_refine.pdbx_TLS_residual_ADP_flag               ? 
_refine.pdbx_diffrn_id                           1 
_refine.overall_SU_B                             ? 
_refine.overall_SU_ML                            0.2879 
_refine.overall_SU_R_Cruickshank_DPI             ? 
_refine.overall_SU_R_free                        ? 
_refine.overall_FOM_free_R_set                   ? 
_refine.overall_FOM_work_R_set                   ? 
_refine.pdbx_average_fsc_overall                 ? 
_refine.pdbx_average_fsc_work                    ? 
_refine.pdbx_average_fsc_free                    ? 
# 
_refine_hist.pdbx_refine_id                   'X-RAY DIFFRACTION' 
_refine_hist.cycle_id                         LAST 
_refine_hist.details                          ? 
_refine_hist.d_res_high                       2.51 
_refine_hist.d_res_low                        40.74 
_refine_hist.number_atoms_solvent             13 
_refine_hist.number_atoms_total               969 
_refine_hist.number_reflns_all                ? 
_refine_hist.number_reflns_obs                ? 
_refine_hist.number_reflns_R_free             ? 
_refine_hist.number_reflns_R_work             ? 
_refine_hist.R_factor_all                     ? 
_refine_hist.R_factor_obs                     ? 
_refine_hist.R_factor_R_free                  ? 
_refine_hist.R_factor_R_work                  ? 
_refine_hist.pdbx_number_residues_total       ? 
_refine_hist.pdbx_B_iso_mean_ligand           ? 
_refine_hist.pdbx_B_iso_mean_solvent          ? 
_refine_hist.pdbx_number_atoms_protein        946 
_refine_hist.pdbx_number_atoms_nucleic_acid   0 
_refine_hist.pdbx_number_atoms_ligand         10 
_refine_hist.pdbx_number_atoms_lipid          ? 
_refine_hist.pdbx_number_atoms_carb           ? 
_refine_hist.pdbx_pseudo_atom_details         ? 
# 
loop_
_refine_ls_restr.pdbx_refine_id 
_refine_ls_restr.criterion 
_refine_ls_restr.dev_ideal 
_refine_ls_restr.dev_ideal_target 
_refine_ls_restr.number 
_refine_ls_restr.rejects 
_refine_ls_restr.type 
_refine_ls_restr.weight 
_refine_ls_restr.pdbx_restraint_function 
'X-RAY DIFFRACTION' ? 0.0076 ? 968  ? f_bond_d           ? ? 
'X-RAY DIFFRACTION' ? 0.9125 ? 1307 ? f_angle_d          ? ? 
'X-RAY DIFFRACTION' ? 0.0547 ? 146  ? f_chiral_restr     ? ? 
'X-RAY DIFFRACTION' ? 0.0048 ? 167  ? f_plane_restr      ? ? 
'X-RAY DIFFRACTION' ? 7.2032 ? 129  ? f_dihedral_angle_d ? ? 
# 
loop_
_refine_ls_shell.pdbx_refine_id 
_refine_ls_shell.d_res_high 
_refine_ls_shell.d_res_low 
_refine_ls_shell.number_reflns_all 
_refine_ls_shell.number_reflns_obs 
_refine_ls_shell.number_reflns_R_free 
_refine_ls_shell.number_reflns_R_work 
_refine_ls_shell.percent_reflns_obs 
_refine_ls_shell.percent_reflns_R_free 
_refine_ls_shell.R_factor_all 
_refine_ls_shell.R_factor_obs 
_refine_ls_shell.R_factor_R_free 
_refine_ls_shell.R_factor_R_free_error 
_refine_ls_shell.R_factor_R_work 
_refine_ls_shell.redundancy_reflns_all 
_refine_ls_shell.redundancy_reflns_obs 
_refine_ls_shell.wR_factor_all 
_refine_ls_shell.wR_factor_obs 
_refine_ls_shell.wR_factor_R_free 
_refine_ls_shell.wR_factor_R_work 
_refine_ls_shell.pdbx_R_complete 
_refine_ls_shell.pdbx_total_number_of_bins_used 
_refine_ls_shell.pdbx_phase_error 
_refine_ls_shell.pdbx_fsc_work 
_refine_ls_shell.pdbx_fsc_free 
'X-RAY DIFFRACTION' 2.51 2.59  . . 148 824  99.61  . . . 0.2956 . 0.2478 . . . . . . . . . . . 
'X-RAY DIFFRACTION' 2.59 2.70  . . 115 1017 74.33  . . . 0.3490 . 0.2351 . . . . . . . . . . . 
'X-RAY DIFFRACTION' 2.70 2.82  . . 154 1373 100.00 . . . 0.2634 . 0.2409 . . . . . . . . . . . 
'X-RAY DIFFRACTION' 2.82 2.97  . . 155 1374 100.00 . . . 0.2599 . 0.2271 . . . . . . . . . . . 
'X-RAY DIFFRACTION' 2.97 3.16  . . 152 1368 100.00 . . . 0.2699 . 0.2224 . . . . . . . . . . . 
'X-RAY DIFFRACTION' 3.16 3.40  . . 147 1378 100.00 . . . 0.2586 . 0.2068 . . . . . . . . . . . 
'X-RAY DIFFRACTION' 3.40 3.74  . . 138 1227 89.63  . . . 0.2374 . 0.1992 . . . . . . . . . . . 
'X-RAY DIFFRACTION' 3.74 4.28  . . 142 1336 96.73  . . . 0.1906 . 0.1767 . . . . . . . . . . . 
'X-RAY DIFFRACTION' 4.28 5.39  . . 152 1365 100.00 . . . 0.1638 . 0.1541 . . . . . . . . . . . 
'X-RAY DIFFRACTION' 5.40 40.74 . . 152 1388 100.00 . . . 0.2691 . 0.2087 . . . . . . . . . . . 
# 
_struct.entry_id                     7DDA 
_struct.title                        'Envelope protein VP37 a crystal structure from White Spot Syndrome Virus' 
_struct.pdbx_model_details           ? 
_struct.pdbx_formula_weight          ? 
_struct.pdbx_formula_weight_method   ? 
_struct.pdbx_model_type_details      ? 
_struct.pdbx_CASP_flag               N 
# 
_struct_keywords.entry_id        7DDA 
_struct_keywords.text            
'Envelope protein, Sulfate binding site, VP281, VP37, White spot syndrome virus (WSSV), VIRAL PROTEIN' 
_struct_keywords.pdbx_keywords   'VIRAL PROTEIN' 
# 
loop_
_struct_asym.id 
_struct_asym.pdbx_blank_PDB_chainid_flag 
_struct_asym.pdbx_modified 
_struct_asym.entity_id 
_struct_asym.details 
A N N 1 ? 
B N N 2 ? 
C N N 2 ? 
D N N 3 ? 
# 
_struct_ref.id                         1 
_struct_ref.db_name                    UNP 
_struct_ref.db_code                    A6ZI34_WSSV 
_struct_ref.pdbx_db_accession          A6ZI34 
_struct_ref.pdbx_db_isoform            ? 
_struct_ref.entity_id                  1 
_struct_ref.pdbx_seq_one_letter_code   
;ADFLLDRMTPVSEEDIEGFAASTFKEVSDSKTATVIVKADCETGDIDEVYNLAPSFGVTQEIKIYRSNNSSELDNVADSF
HIYKISATDSDSGNTKKLLYGLRNKKAGYTCLCRIFAEIESDGIMANTNIGVAENNRDEIDENEEGKYGFLIPKQPAGAK
LIIYFFLNCWT
;
_struct_ref.pdbx_align_begin           111 
# 
_struct_ref_seq.align_id                      1 
_struct_ref_seq.ref_id                        1 
_struct_ref_seq.pdbx_PDB_id_code              7DDA 
_struct_ref_seq.pdbx_strand_id                A 
_struct_ref_seq.seq_align_beg                 1 
_struct_ref_seq.pdbx_seq_align_beg_ins_code   ? 
_struct_ref_seq.seq_align_end                 171 
_struct_ref_seq.pdbx_seq_align_end_ins_code   ? 
_struct_ref_seq.pdbx_db_accession             A6ZI34 
_struct_ref_seq.db_align_beg                  111 
_struct_ref_seq.pdbx_db_align_beg_ins_code    ? 
_struct_ref_seq.db_align_end                  281 
_struct_ref_seq.pdbx_db_align_end_ins_code    ? 
_struct_ref_seq.pdbx_auth_seq_align_beg       111 
_struct_ref_seq.pdbx_auth_seq_align_end       281 
# 
_pdbx_struct_assembly.id                   1 
_pdbx_struct_assembly.details              author_and_software_defined_assembly 
_pdbx_struct_assembly.method_details       PISA 
_pdbx_struct_assembly.oligomeric_details   trimeric 
_pdbx_struct_assembly.oligomeric_count     3 
# 
loop_
_pdbx_struct_assembly_prop.biol_id 
_pdbx_struct_assembly_prop.type 
_pdbx_struct_assembly_prop.value 
_pdbx_struct_assembly_prop.details 
1 'ABSA (A^2)' 5260  ? 
1 MORE         -105  ? 
1 'SSA (A^2)'  15780 ? 
# 
_pdbx_struct_assembly_gen.assembly_id       1 
_pdbx_struct_assembly_gen.oper_expression   1,2,3 
_pdbx_struct_assembly_gen.asym_id_list      A,B,C,D 
# 
_pdbx_struct_assembly_auth_evidence.id                     1 
_pdbx_struct_assembly_auth_evidence.assembly_id            1 
_pdbx_struct_assembly_auth_evidence.experimental_support   'gel filtration' 
_pdbx_struct_assembly_auth_evidence.details                
;The molecular weight expected from the peak position (14.73 mL) was 143.4 kDa, indicating oligomeric state of VP37 in solution phase.
;
# 
loop_
_pdbx_struct_oper_list.id 
_pdbx_struct_oper_list.type 
_pdbx_struct_oper_list.name 
_pdbx_struct_oper_list.symmetry_operation 
_pdbx_struct_oper_list.matrix[1][1] 
_pdbx_struct_oper_list.matrix[1][2] 
_pdbx_struct_oper_list.matrix[1][3] 
_pdbx_struct_oper_list.vector[1] 
_pdbx_struct_oper_list.matrix[2][1] 
_pdbx_struct_oper_list.matrix[2][2] 
_pdbx_struct_oper_list.matrix[2][3] 
_pdbx_struct_oper_list.vector[2] 
_pdbx_struct_oper_list.matrix[3][1] 
_pdbx_struct_oper_list.matrix[3][2] 
_pdbx_struct_oper_list.matrix[3][3] 
_pdbx_struct_oper_list.vector[3] 
1 'identity operation'         1_555 x,y,z       1.0000000000  0.0000000000  0.0000000000  0.0000000000   0.0000000000  1.0000000000 0.0000000000  0.0000000000   0.0000000000  0.0000000000  1.0000000000 0.0000000000   
2 'crystal symmetry operation' 2_565 -y,x-y+1,z  -0.4523843209 0.7178587156  0.5291760489  -6.5614189502  -0.2948172153 0.4396280504 -0.8484161637 -12.3190523801 -0.8416835722 -0.5398203792 0.0127562705 -18.6757847504 
3 'crystal symmetry operation' 3_455 -x+y-1,-x,z -0.4523843209 -0.2948172153 -0.8416835722 -22.3192529957 0.7178587156  0.4396280504 -0.5398203792 0.0444035544   0.5291760489  -0.8484161637 0.0127562705 -6.7413040441 
# 
_struct_conn.id                            disulf1 
_struct_conn.conn_type_id                  disulf 
_struct_conn.pdbx_leaving_atom_flag        ? 
_struct_conn.pdbx_PDB_id                   ? 
_struct_conn.ptnr1_label_asym_id           A 
_struct_conn.ptnr1_label_comp_id           CYS 
_struct_conn.ptnr1_label_seq_id            111 
_struct_conn.ptnr1_label_atom_id           SG 
_struct_conn.pdbx_ptnr1_label_alt_id       ? 
_struct_conn.pdbx_ptnr1_PDB_ins_code       ? 
_struct_conn.pdbx_ptnr1_standard_comp_id   ? 
_struct_conn.ptnr1_symmetry                1_555 
_struct_conn.ptnr2_label_asym_id           A 
_struct_conn.ptnr2_label_comp_id           CYS 
_struct_conn.ptnr2_label_seq_id            169 
_struct_conn.ptnr2_label_atom_id           SG 
_struct_conn.pdbx_ptnr2_label_alt_id       ? 
_struct_conn.pdbx_ptnr2_PDB_ins_code       ? 
_struct_conn.ptnr1_auth_asym_id            A 
_struct_conn.ptnr1_auth_comp_id            CYS 
_struct_conn.ptnr1_auth_seq_id             221 
_struct_conn.ptnr2_auth_asym_id            A 
_struct_conn.ptnr2_auth_comp_id            CYS 
_struct_conn.ptnr2_auth_seq_id             279 
_struct_conn.ptnr2_symmetry                1_555 
_struct_conn.pdbx_ptnr3_label_atom_id      ? 
_struct_conn.pdbx_ptnr3_label_seq_id       ? 
_struct_conn.pdbx_ptnr3_label_comp_id      ? 
_struct_conn.pdbx_ptnr3_label_asym_id      ? 
_struct_conn.pdbx_ptnr3_label_alt_id       ? 
_struct_conn.pdbx_ptnr3_PDB_ins_code       ? 
_struct_conn.details                       ? 
_struct_conn.pdbx_dist_value               2.038 
_struct_conn.pdbx_value_order              ? 
_struct_conn.pdbx_role                     ? 
# 
_struct_conn_type.id          disulf 
_struct_conn_type.criteria    ? 
_struct_conn_type.reference   ? 
# 
_pdbx_modification_feature.ordinal                            1 
_pdbx_modification_feature.label_comp_id                      CYS 
_pdbx_modification_feature.label_asym_id                      A 
_pdbx_modification_feature.label_seq_id                       111 
_pdbx_modification_feature.label_alt_id                       ? 
_pdbx_modification_feature.modified_residue_label_comp_id     CYS 
_pdbx_modification_feature.modified_residue_label_asym_id     A 
_pdbx_modification_feature.modified_residue_label_seq_id      169 
_pdbx_modification_feature.modified_residue_label_alt_id      ? 
_pdbx_modification_feature.auth_comp_id                       CYS 
_pdbx_modification_feature.auth_asym_id                       A 
_pdbx_modification_feature.auth_seq_id                        221 
_pdbx_modification_feature.PDB_ins_code                       ? 
_pdbx_modification_feature.symmetry                           1_555 
_pdbx_modification_feature.modified_residue_auth_comp_id      CYS 
_pdbx_modification_feature.modified_residue_auth_asym_id      A 
_pdbx_modification_feature.modified_residue_auth_seq_id       279 
_pdbx_modification_feature.modified_residue_PDB_ins_code      ? 
_pdbx_modification_feature.modified_residue_symmetry          1_555 
_pdbx_modification_feature.comp_id_linking_atom               SG 
_pdbx_modification_feature.modified_residue_id_linking_atom   SG 
_pdbx_modification_feature.modified_residue_id                . 
_pdbx_modification_feature.ref_pcm_id                         . 
_pdbx_modification_feature.ref_comp_id                        . 
_pdbx_modification_feature.type                               None 
_pdbx_modification_feature.category                           'Disulfide bridge' 
# 
loop_
_struct_sheet.id 
_struct_sheet.type 
_struct_sheet.number_strands 
_struct_sheet.details 
AA1 ? 4 ? 
AA2 ? 4 ? 
# 
loop_
_struct_sheet_order.sheet_id 
_struct_sheet_order.range_id_1 
_struct_sheet_order.range_id_2 
_struct_sheet_order.offset 
_struct_sheet_order.sense 
AA1 1 2 ? anti-parallel 
AA1 2 3 ? anti-parallel 
AA1 3 4 ? anti-parallel 
AA2 1 2 ? anti-parallel 
AA2 2 3 ? anti-parallel 
AA2 3 4 ? anti-parallel 
# 
loop_
_struct_sheet_range.sheet_id 
_struct_sheet_range.id 
_struct_sheet_range.beg_label_comp_id 
_struct_sheet_range.beg_label_asym_id 
_struct_sheet_range.beg_label_seq_id 
_struct_sheet_range.pdbx_beg_PDB_ins_code 
_struct_sheet_range.end_label_comp_id 
_struct_sheet_range.end_label_asym_id 
_struct_sheet_range.end_label_seq_id 
_struct_sheet_range.pdbx_end_PDB_ins_code 
_struct_sheet_range.beg_auth_comp_id 
_struct_sheet_range.beg_auth_asym_id 
_struct_sheet_range.beg_auth_seq_id 
_struct_sheet_range.end_auth_comp_id 
_struct_sheet_range.end_auth_asym_id 
_struct_sheet_range.end_auth_seq_id 
AA1 1 ILE A 46  ? LEU A 52  ? ILE A 156 LEU A 162 
AA1 2 SER A 30  ? ASP A 40  ? SER A 140 ASP A 150 
AA1 3 LYS A 160 ? TRP A 170 ? LYS A 270 TRP A 280 
AA1 4 THR A 110 ? GLU A 120 ? THR A 220 GLU A 230 
AA2 1 PHE A 80  ? ASP A 89  ? PHE A 190 ASP A 199 
AA2 2 THR A 95  ? ASN A 104 ? THR A 205 ASN A 214 
AA2 3 GLU A 145 ? PRO A 153 ? GLU A 255 PRO A 263 
AA2 4 GLY A 131 ? ASN A 135 ? GLY A 241 ASN A 245 
# 
loop_
_pdbx_struct_sheet_hbond.sheet_id 
_pdbx_struct_sheet_hbond.range_id_1 
_pdbx_struct_sheet_hbond.range_id_2 
_pdbx_struct_sheet_hbond.range_1_label_atom_id 
_pdbx_struct_sheet_hbond.range_1_label_comp_id 
_pdbx_struct_sheet_hbond.range_1_label_asym_id 
_pdbx_struct_sheet_hbond.range_1_label_seq_id 
_pdbx_struct_sheet_hbond.range_1_PDB_ins_code 
_pdbx_struct_sheet_hbond.range_1_auth_atom_id 
_pdbx_struct_sheet_hbond.range_1_auth_comp_id 
_pdbx_struct_sheet_hbond.range_1_auth_asym_id 
_pdbx_struct_sheet_hbond.range_1_auth_seq_id 
_pdbx_struct_sheet_hbond.range_2_label_atom_id 
_pdbx_struct_sheet_hbond.range_2_label_comp_id 
_pdbx_struct_sheet_hbond.range_2_label_asym_id 
_pdbx_struct_sheet_hbond.range_2_label_seq_id 
_pdbx_struct_sheet_hbond.range_2_PDB_ins_code 
_pdbx_struct_sheet_hbond.range_2_auth_atom_id 
_pdbx_struct_sheet_hbond.range_2_auth_comp_id 
_pdbx_struct_sheet_hbond.range_2_auth_asym_id 
_pdbx_struct_sheet_hbond.range_2_auth_seq_id 
AA1 1 2 O ASP A 47  ? O ASP A 157 N LYS A 38  ? N LYS A 148 
AA1 2 3 N LYS A 31  ? N LYS A 141 O CYS A 169 ? O CYS A 279 
AA1 3 4 O TYR A 164 ? O TYR A 274 N PHE A 116 ? N PHE A 226 
AA2 1 2 N SER A 86  ? N SER A 196 O LEU A 99  ? O LEU A 209 
AA2 2 3 N TYR A 100 ? N TYR A 210 O TYR A 148 ? O TYR A 258 
AA2 3 4 O LEU A 151 ? O LEU A 261 N GLY A 131 ? N GLY A 241 
# 
_pdbx_entry_details.entry_id                   7DDA 
_pdbx_entry_details.has_ligand_of_interest     Y 
_pdbx_entry_details.compound_details           ? 
_pdbx_entry_details.source_details             ? 
_pdbx_entry_details.nonpolymer_details         ? 
_pdbx_entry_details.sequence_details           ? 
_pdbx_entry_details.has_protein_modification   Y 
# 
loop_
_pdbx_validate_close_contact.id 
_pdbx_validate_close_contact.PDB_model_num 
_pdbx_validate_close_contact.auth_atom_id_1 
_pdbx_validate_close_contact.auth_asym_id_1 
_pdbx_validate_close_contact.auth_comp_id_1 
_pdbx_validate_close_contact.auth_seq_id_1 
_pdbx_validate_close_contact.PDB_ins_code_1 
_pdbx_validate_close_contact.label_alt_id_1 
_pdbx_validate_close_contact.auth_atom_id_2 
_pdbx_validate_close_contact.auth_asym_id_2 
_pdbx_validate_close_contact.auth_comp_id_2 
_pdbx_validate_close_contact.auth_seq_id_2 
_pdbx_validate_close_contact.PDB_ins_code_2 
_pdbx_validate_close_contact.label_alt_id_2 
_pdbx_validate_close_contact.dist 
1 1 NZ  A LYS 257 ? ? O4 A SO4 301 ? ? 2.04 
2 1 ND1 A HIS 191 ? ? O3 A SO4 302 ? ? 2.11 
# 
_pdbx_validate_torsion.id              1 
_pdbx_validate_torsion.PDB_model_num   1 
_pdbx_validate_torsion.auth_comp_id    ALA 
_pdbx_validate_torsion.auth_asym_id    A 
_pdbx_validate_torsion.auth_seq_id     243 
_pdbx_validate_torsion.PDB_ins_code    ? 
_pdbx_validate_torsion.label_alt_id    ? 
_pdbx_validate_torsion.phi             -118.05 
_pdbx_validate_torsion.psi             -108.50 
# 
_pdbx_struct_special_symmetry.id              1 
_pdbx_struct_special_symmetry.PDB_model_num   1 
_pdbx_struct_special_symmetry.auth_asym_id    A 
_pdbx_struct_special_symmetry.auth_comp_id    HOH 
_pdbx_struct_special_symmetry.auth_seq_id     412 
_pdbx_struct_special_symmetry.PDB_ins_code    ? 
_pdbx_struct_special_symmetry.label_asym_id   D 
_pdbx_struct_special_symmetry.label_comp_id   HOH 
_pdbx_struct_special_symmetry.label_seq_id    . 
# 
loop_
_space_group_symop.id 
_space_group_symop.operation_xyz 
1  x,y,z         
2  x-y,x,z+1/2   
3  y,-x+y,z+1/2  
4  -y,x-y,z      
5  -x+y,-x,z     
6  x-y,-y,-z     
7  -x,-x+y,-z    
8  -x,-y,z+1/2   
9  y,x,-z        
10 -y,-x,-z+1/2  
11 -x+y,y,-z+1/2 
12 x,x-y,-z+1/2  
# 
loop_
_pdbx_unobs_or_zero_occ_residues.id 
_pdbx_unobs_or_zero_occ_residues.PDB_model_num 
_pdbx_unobs_or_zero_occ_residues.polymer_flag 
_pdbx_unobs_or_zero_occ_residues.occupancy_flag 
_pdbx_unobs_or_zero_occ_residues.auth_asym_id 
_pdbx_unobs_or_zero_occ_residues.auth_comp_id 
_pdbx_unobs_or_zero_occ_residues.auth_seq_id 
_pdbx_unobs_or_zero_occ_residues.PDB_ins_code 
_pdbx_unobs_or_zero_occ_residues.label_asym_id 
_pdbx_unobs_or_zero_occ_residues.label_comp_id 
_pdbx_unobs_or_zero_occ_residues.label_seq_id 
1  1 Y 1 A ALA 111 ? A ALA 1  
2  1 Y 1 A ASP 112 ? A ASP 2  
3  1 Y 1 A PHE 113 ? A PHE 3  
4  1 Y 1 A LEU 114 ? A LEU 4  
5  1 Y 1 A LEU 115 ? A LEU 5  
6  1 Y 1 A ASP 116 ? A ASP 6  
7  1 Y 1 A ARG 117 ? A ARG 7  
8  1 Y 1 A MET 118 ? A MET 8  
9  1 Y 1 A THR 119 ? A THR 9  
10 1 Y 1 A PRO 120 ? A PRO 10 
11 1 Y 1 A VAL 121 ? A VAL 11 
12 1 Y 1 A SER 122 ? A SER 12 
13 1 Y 1 A GLU 123 ? A GLU 13 
14 1 Y 1 A GLU 124 ? A GLU 14 
15 1 Y 1 A ASP 125 ? A ASP 15 
16 1 Y 1 A ILE 126 ? A ILE 16 
17 1 Y 1 A GLU 127 ? A GLU 17 
18 1 Y 1 A GLY 128 ? A GLY 18 
19 1 Y 1 A PHE 129 ? A PHE 19 
20 1 Y 1 A ALA 130 ? A ALA 20 
21 1 Y 1 A ALA 131 ? A ALA 21 
22 1 Y 1 A SER 132 ? A SER 22 
23 1 Y 1 A THR 133 ? A THR 23 
24 1 Y 1 A PHE 134 ? A PHE 24 
25 1 Y 1 A LYS 135 ? A LYS 25 
26 1 Y 1 A GLU 136 ? A GLU 26 
27 1 Y 1 A VAL 137 ? A VAL 27 
28 1 Y 1 A PRO 164 ? A PRO 54 
29 1 Y 1 A SER 165 ? A SER 55 
30 1 Y 1 A PHE 166 ? A PHE 56 
31 1 Y 1 A GLY 167 ? A GLY 57 
32 1 Y 1 A VAL 168 ? A VAL 58 
33 1 Y 1 A THR 169 ? A THR 59 
34 1 Y 1 A GLN 170 ? A GLN 60 
35 1 Y 1 A GLU 171 ? A GLU 61 
36 1 Y 1 A ILE 172 ? A ILE 62 
37 1 Y 1 A LYS 173 ? A LYS 63 
38 1 Y 1 A ILE 174 ? A ILE 64 
39 1 Y 1 A TYR 175 ? A TYR 65 
40 1 Y 1 A ARG 176 ? A ARG 66 
41 1 Y 1 A SER 177 ? A SER 67 
42 1 Y 1 A ASN 178 ? A ASN 68 
43 1 Y 1 A ASN 179 ? A ASN 69 
44 1 Y 1 A SER 180 ? A SER 70 
45 1 Y 1 A SER 181 ? A SER 71 
46 1 Y 1 A GLU 182 ? A GLU 72 
47 1 Y 1 A LEU 183 ? A LEU 73 
48 1 Y 1 A ASP 184 ? A ASP 74 
49 1 Y 1 A ASN 185 ? A ASN 75 
# 
loop_
_chem_comp_atom.comp_id 
_chem_comp_atom.atom_id 
_chem_comp_atom.type_symbol 
_chem_comp_atom.pdbx_aromatic_flag 
_chem_comp_atom.pdbx_stereo_config 
_chem_comp_atom.pdbx_ordinal 
ALA N    N N N 1   
ALA CA   C N S 2   
ALA C    C N N 3   
ALA O    O N N 4   
ALA CB   C N N 5   
ALA OXT  O N N 6   
ALA H    H N N 7   
ALA H2   H N N 8   
ALA HA   H N N 9   
ALA HB1  H N N 10  
ALA HB2  H N N 11  
ALA HB3  H N N 12  
ALA HXT  H N N 13  
ARG N    N N N 14  
ARG CA   C N S 15  
ARG C    C N N 16  
ARG O    O N N 17  
ARG CB   C N N 18  
ARG CG   C N N 19  
ARG CD   C N N 20  
ARG NE   N N N 21  
ARG CZ   C N N 22  
ARG NH1  N N N 23  
ARG NH2  N N N 24  
ARG OXT  O N N 25  
ARG H    H N N 26  
ARG H2   H N N 27  
ARG HA   H N N 28  
ARG HB2  H N N 29  
ARG HB3  H N N 30  
ARG HG2  H N N 31  
ARG HG3  H N N 32  
ARG HD2  H N N 33  
ARG HD3  H N N 34  
ARG HE   H N N 35  
ARG HH11 H N N 36  
ARG HH12 H N N 37  
ARG HH21 H N N 38  
ARG HH22 H N N 39  
ARG HXT  H N N 40  
ASN N    N N N 41  
ASN CA   C N S 42  
ASN C    C N N 43  
ASN O    O N N 44  
ASN CB   C N N 45  
ASN CG   C N N 46  
ASN OD1  O N N 47  
ASN ND2  N N N 48  
ASN OXT  O N N 49  
ASN H    H N N 50  
ASN H2   H N N 51  
ASN HA   H N N 52  
ASN HB2  H N N 53  
ASN HB3  H N N 54  
ASN HD21 H N N 55  
ASN HD22 H N N 56  
ASN HXT  H N N 57  
ASP N    N N N 58  
ASP CA   C N S 59  
ASP C    C N N 60  
ASP O    O N N 61  
ASP CB   C N N 62  
ASP CG   C N N 63  
ASP OD1  O N N 64  
ASP OD2  O N N 65  
ASP OXT  O N N 66  
ASP H    H N N 67  
ASP H2   H N N 68  
ASP HA   H N N 69  
ASP HB2  H N N 70  
ASP HB3  H N N 71  
ASP HD2  H N N 72  
ASP HXT  H N N 73  
CYS N    N N N 74  
CYS CA   C N R 75  
CYS C    C N N 76  
CYS O    O N N 77  
CYS CB   C N N 78  
CYS SG   S N N 79  
CYS OXT  O N N 80  
CYS H    H N N 81  
CYS H2   H N N 82  
CYS HA   H N N 83  
CYS HB2  H N N 84  
CYS HB3  H N N 85  
CYS HG   H N N 86  
CYS HXT  H N N 87  
GLN N    N N N 88  
GLN CA   C N S 89  
GLN C    C N N 90  
GLN O    O N N 91  
GLN CB   C N N 92  
GLN CG   C N N 93  
GLN CD   C N N 94  
GLN OE1  O N N 95  
GLN NE2  N N N 96  
GLN OXT  O N N 97  
GLN H    H N N 98  
GLN H2   H N N 99  
GLN HA   H N N 100 
GLN HB2  H N N 101 
GLN HB3  H N N 102 
GLN HG2  H N N 103 
GLN HG3  H N N 104 
GLN HE21 H N N 105 
GLN HE22 H N N 106 
GLN HXT  H N N 107 
GLU N    N N N 108 
GLU CA   C N S 109 
GLU C    C N N 110 
GLU O    O N N 111 
GLU CB   C N N 112 
GLU CG   C N N 113 
GLU CD   C N N 114 
GLU OE1  O N N 115 
GLU OE2  O N N 116 
GLU OXT  O N N 117 
GLU H    H N N 118 
GLU H2   H N N 119 
GLU HA   H N N 120 
GLU HB2  H N N 121 
GLU HB3  H N N 122 
GLU HG2  H N N 123 
GLU HG3  H N N 124 
GLU HE2  H N N 125 
GLU HXT  H N N 126 
GLY N    N N N 127 
GLY CA   C N N 128 
GLY C    C N N 129 
GLY O    O N N 130 
GLY OXT  O N N 131 
GLY H    H N N 132 
GLY H2   H N N 133 
GLY HA2  H N N 134 
GLY HA3  H N N 135 
GLY HXT  H N N 136 
HIS N    N N N 137 
HIS CA   C N S 138 
HIS C    C N N 139 
HIS O    O N N 140 
HIS CB   C N N 141 
HIS CG   C Y N 142 
HIS ND1  N Y N 143 
HIS CD2  C Y N 144 
HIS CE1  C Y N 145 
HIS NE2  N Y N 146 
HIS OXT  O N N 147 
HIS H    H N N 148 
HIS H2   H N N 149 
HIS HA   H N N 150 
HIS HB2  H N N 151 
HIS HB3  H N N 152 
HIS HD1  H N N 153 
HIS HD2  H N N 154 
HIS HE1  H N N 155 
HIS HE2  H N N 156 
HIS HXT  H N N 157 
HOH O    O N N 158 
HOH H1   H N N 159 
HOH H2   H N N 160 
ILE N    N N N 161 
ILE CA   C N S 162 
ILE C    C N N 163 
ILE O    O N N 164 
ILE CB   C N S 165 
ILE CG1  C N N 166 
ILE CG2  C N N 167 
ILE CD1  C N N 168 
ILE OXT  O N N 169 
ILE H    H N N 170 
ILE H2   H N N 171 
ILE HA   H N N 172 
ILE HB   H N N 173 
ILE HG12 H N N 174 
ILE HG13 H N N 175 
ILE HG21 H N N 176 
ILE HG22 H N N 177 
ILE HG23 H N N 178 
ILE HD11 H N N 179 
ILE HD12 H N N 180 
ILE HD13 H N N 181 
ILE HXT  H N N 182 
LEU N    N N N 183 
LEU CA   C N S 184 
LEU C    C N N 185 
LEU O    O N N 186 
LEU CB   C N N 187 
LEU CG   C N N 188 
LEU CD1  C N N 189 
LEU CD2  C N N 190 
LEU OXT  O N N 191 
LEU H    H N N 192 
LEU H2   H N N 193 
LEU HA   H N N 194 
LEU HB2  H N N 195 
LEU HB3  H N N 196 
LEU HG   H N N 197 
LEU HD11 H N N 198 
LEU HD12 H N N 199 
LEU HD13 H N N 200 
LEU HD21 H N N 201 
LEU HD22 H N N 202 
LEU HD23 H N N 203 
LEU HXT  H N N 204 
LYS N    N N N 205 
LYS CA   C N S 206 
LYS C    C N N 207 
LYS O    O N N 208 
LYS CB   C N N 209 
LYS CG   C N N 210 
LYS CD   C N N 211 
LYS CE   C N N 212 
LYS NZ   N N N 213 
LYS OXT  O N N 214 
LYS H    H N N 215 
LYS H2   H N N 216 
LYS HA   H N N 217 
LYS HB2  H N N 218 
LYS HB3  H N N 219 
LYS HG2  H N N 220 
LYS HG3  H N N 221 
LYS HD2  H N N 222 
LYS HD3  H N N 223 
LYS HE2  H N N 224 
LYS HE3  H N N 225 
LYS HZ1  H N N 226 
LYS HZ2  H N N 227 
LYS HZ3  H N N 228 
LYS HXT  H N N 229 
MET N    N N N 230 
MET CA   C N S 231 
MET C    C N N 232 
MET O    O N N 233 
MET CB   C N N 234 
MET CG   C N N 235 
MET SD   S N N 236 
MET CE   C N N 237 
MET OXT  O N N 238 
MET H    H N N 239 
MET H2   H N N 240 
MET HA   H N N 241 
MET HB2  H N N 242 
MET HB3  H N N 243 
MET HG2  H N N 244 
MET HG3  H N N 245 
MET HE1  H N N 246 
MET HE2  H N N 247 
MET HE3  H N N 248 
MET HXT  H N N 249 
PHE N    N N N 250 
PHE CA   C N S 251 
PHE C    C N N 252 
PHE O    O N N 253 
PHE CB   C N N 254 
PHE CG   C Y N 255 
PHE CD1  C Y N 256 
PHE CD2  C Y N 257 
PHE CE1  C Y N 258 
PHE CE2  C Y N 259 
PHE CZ   C Y N 260 
PHE OXT  O N N 261 
PHE H    H N N 262 
PHE H2   H N N 263 
PHE HA   H N N 264 
PHE HB2  H N N 265 
PHE HB3  H N N 266 
PHE HD1  H N N 267 
PHE HD2  H N N 268 
PHE HE1  H N N 269 
PHE HE2  H N N 270 
PHE HZ   H N N 271 
PHE HXT  H N N 272 
PRO N    N N N 273 
PRO CA   C N S 274 
PRO C    C N N 275 
PRO O    O N N 276 
PRO CB   C N N 277 
PRO CG   C N N 278 
PRO CD   C N N 279 
PRO OXT  O N N 280 
PRO H    H N N 281 
PRO HA   H N N 282 
PRO HB2  H N N 283 
PRO HB3  H N N 284 
PRO HG2  H N N 285 
PRO HG3  H N N 286 
PRO HD2  H N N 287 
PRO HD3  H N N 288 
PRO HXT  H N N 289 
SER N    N N N 290 
SER CA   C N S 291 
SER C    C N N 292 
SER O    O N N 293 
SER CB   C N N 294 
SER OG   O N N 295 
SER OXT  O N N 296 
SER H    H N N 297 
SER H2   H N N 298 
SER HA   H N N 299 
SER HB2  H N N 300 
SER HB3  H N N 301 
SER HG   H N N 302 
SER HXT  H N N 303 
SO4 S    S N N 304 
SO4 O1   O N N 305 
SO4 O2   O N N 306 
SO4 O3   O N N 307 
SO4 O4   O N N 308 
THR N    N N N 309 
THR CA   C N S 310 
THR C    C N N 311 
THR O    O N N 312 
THR CB   C N R 313 
THR OG1  O N N 314 
THR CG2  C N N 315 
THR OXT  O N N 316 
THR H    H N N 317 
THR H2   H N N 318 
THR HA   H N N 319 
THR HB   H N N 320 
THR HG1  H N N 321 
THR HG21 H N N 322 
THR HG22 H N N 323 
THR HG23 H N N 324 
THR HXT  H N N 325 
TRP N    N N N 326 
TRP CA   C N S 327 
TRP C    C N N 328 
TRP O    O N N 329 
TRP CB   C N N 330 
TRP CG   C Y N 331 
TRP CD1  C Y N 332 
TRP CD2  C Y N 333 
TRP NE1  N Y N 334 
TRP CE2  C Y N 335 
TRP CE3  C Y N 336 
TRP CZ2  C Y N 337 
TRP CZ3  C Y N 338 
TRP CH2  C Y N 339 
TRP OXT  O N N 340 
TRP H    H N N 341 
TRP H2   H N N 342 
TRP HA   H N N 343 
TRP HB2  H N N 344 
TRP HB3  H N N 345 
TRP HD1  H N N 346 
TRP HE1  H N N 347 
TRP HE3  H N N 348 
TRP HZ2  H N N 349 
TRP HZ3  H N N 350 
TRP HH2  H N N 351 
TRP HXT  H N N 352 
TYR N    N N N 353 
TYR CA   C N S 354 
TYR C    C N N 355 
TYR O    O N N 356 
TYR CB   C N N 357 
TYR CG   C Y N 358 
TYR CD1  C Y N 359 
TYR CD2  C Y N 360 
TYR CE1  C Y N 361 
TYR CE2  C Y N 362 
TYR CZ   C Y N 363 
TYR OH   O N N 364 
TYR OXT  O N N 365 
TYR H    H N N 366 
TYR H2   H N N 367 
TYR HA   H N N 368 
TYR HB2  H N N 369 
TYR HB3  H N N 370 
TYR HD1  H N N 371 
TYR HD2  H N N 372 
TYR HE1  H N N 373 
TYR HE2  H N N 374 
TYR HH   H N N 375 
TYR HXT  H N N 376 
VAL N    N N N 377 
VAL CA   C N S 378 
VAL C    C N N 379 
VAL O    O N N 380 
VAL CB   C N N 381 
VAL CG1  C N N 382 
VAL CG2  C N N 383 
VAL OXT  O N N 384 
VAL H    H N N 385 
VAL H2   H N N 386 
VAL HA   H N N 387 
VAL HB   H N N 388 
VAL HG11 H N N 389 
VAL HG12 H N N 390 
VAL HG13 H N N 391 
VAL HG21 H N N 392 
VAL HG22 H N N 393 
VAL HG23 H N N 394 
VAL HXT  H N N 395 
# 
loop_
_chem_comp_bond.comp_id 
_chem_comp_bond.atom_id_1 
_chem_comp_bond.atom_id_2 
_chem_comp_bond.value_order 
_chem_comp_bond.pdbx_aromatic_flag 
_chem_comp_bond.pdbx_stereo_config 
_chem_comp_bond.pdbx_ordinal 
ALA N   CA   sing N N 1   
ALA N   H    sing N N 2   
ALA N   H2   sing N N 3   
ALA CA  C    sing N N 4   
ALA CA  CB   sing N N 5   
ALA CA  HA   sing N N 6   
ALA C   O    doub N N 7   
ALA C   OXT  sing N N 8   
ALA CB  HB1  sing N N 9   
ALA CB  HB2  sing N N 10  
ALA CB  HB3  sing N N 11  
ALA OXT HXT  sing N N 12  
ARG N   CA   sing N N 13  
ARG N   H    sing N N 14  
ARG N   H2   sing N N 15  
ARG CA  C    sing N N 16  
ARG CA  CB   sing N N 17  
ARG CA  HA   sing N N 18  
ARG C   O    doub N N 19  
ARG C   OXT  sing N N 20  
ARG CB  CG   sing N N 21  
ARG CB  HB2  sing N N 22  
ARG CB  HB3  sing N N 23  
ARG CG  CD   sing N N 24  
ARG CG  HG2  sing N N 25  
ARG CG  HG3  sing N N 26  
ARG CD  NE   sing N N 27  
ARG CD  HD2  sing N N 28  
ARG CD  HD3  sing N N 29  
ARG NE  CZ   sing N N 30  
ARG NE  HE   sing N N 31  
ARG CZ  NH1  sing N N 32  
ARG CZ  NH2  doub N N 33  
ARG NH1 HH11 sing N N 34  
ARG NH1 HH12 sing N N 35  
ARG NH2 HH21 sing N N 36  
ARG NH2 HH22 sing N N 37  
ARG OXT HXT  sing N N 38  
ASN N   CA   sing N N 39  
ASN N   H    sing N N 40  
ASN N   H2   sing N N 41  
ASN CA  C    sing N N 42  
ASN CA  CB   sing N N 43  
ASN CA  HA   sing N N 44  
ASN C   O    doub N N 45  
ASN C   OXT  sing N N 46  
ASN CB  CG   sing N N 47  
ASN CB  HB2  sing N N 48  
ASN CB  HB3  sing N N 49  
ASN CG  OD1  doub N N 50  
ASN CG  ND2  sing N N 51  
ASN ND2 HD21 sing N N 52  
ASN ND2 HD22 sing N N 53  
ASN OXT HXT  sing N N 54  
ASP N   CA   sing N N 55  
ASP N   H    sing N N 56  
ASP N   H2   sing N N 57  
ASP CA  C    sing N N 58  
ASP CA  CB   sing N N 59  
ASP CA  HA   sing N N 60  
ASP C   O    doub N N 61  
ASP C   OXT  sing N N 62  
ASP CB  CG   sing N N 63  
ASP CB  HB2  sing N N 64  
ASP CB  HB3  sing N N 65  
ASP CG  OD1  doub N N 66  
ASP CG  OD2  sing N N 67  
ASP OD2 HD2  sing N N 68  
ASP OXT HXT  sing N N 69  
CYS N   CA   sing N N 70  
CYS N   H    sing N N 71  
CYS N   H2   sing N N 72  
CYS CA  C    sing N N 73  
CYS CA  CB   sing N N 74  
CYS CA  HA   sing N N 75  
CYS C   O    doub N N 76  
CYS C   OXT  sing N N 77  
CYS CB  SG   sing N N 78  
CYS CB  HB2  sing N N 79  
CYS CB  HB3  sing N N 80  
CYS SG  HG   sing N N 81  
CYS OXT HXT  sing N N 82  
GLN N   CA   sing N N 83  
GLN N   H    sing N N 84  
GLN N   H2   sing N N 85  
GLN CA  C    sing N N 86  
GLN CA  CB   sing N N 87  
GLN CA  HA   sing N N 88  
GLN C   O    doub N N 89  
GLN C   OXT  sing N N 90  
GLN CB  CG   sing N N 91  
GLN CB  HB2  sing N N 92  
GLN CB  HB3  sing N N 93  
GLN CG  CD   sing N N 94  
GLN CG  HG2  sing N N 95  
GLN CG  HG3  sing N N 96  
GLN CD  OE1  doub N N 97  
GLN CD  NE2  sing N N 98  
GLN NE2 HE21 sing N N 99  
GLN NE2 HE22 sing N N 100 
GLN OXT HXT  sing N N 101 
GLU N   CA   sing N N 102 
GLU N   H    sing N N 103 
GLU N   H2   sing N N 104 
GLU CA  C    sing N N 105 
GLU CA  CB   sing N N 106 
GLU CA  HA   sing N N 107 
GLU C   O    doub N N 108 
GLU C   OXT  sing N N 109 
GLU CB  CG   sing N N 110 
GLU CB  HB2  sing N N 111 
GLU CB  HB3  sing N N 112 
GLU CG  CD   sing N N 113 
GLU CG  HG2  sing N N 114 
GLU CG  HG3  sing N N 115 
GLU CD  OE1  doub N N 116 
GLU CD  OE2  sing N N 117 
GLU OE2 HE2  sing N N 118 
GLU OXT HXT  sing N N 119 
GLY N   CA   sing N N 120 
GLY N   H    sing N N 121 
GLY N   H2   sing N N 122 
GLY CA  C    sing N N 123 
GLY CA  HA2  sing N N 124 
GLY CA  HA3  sing N N 125 
GLY C   O    doub N N 126 
GLY C   OXT  sing N N 127 
GLY OXT HXT  sing N N 128 
HIS N   CA   sing N N 129 
HIS N   H    sing N N 130 
HIS N   H2   sing N N 131 
HIS CA  C    sing N N 132 
HIS CA  CB   sing N N 133 
HIS CA  HA   sing N N 134 
HIS C   O    doub N N 135 
HIS C   OXT  sing N N 136 
HIS CB  CG   sing N N 137 
HIS CB  HB2  sing N N 138 
HIS CB  HB3  sing N N 139 
HIS CG  ND1  sing Y N 140 
HIS CG  CD2  doub Y N 141 
HIS ND1 CE1  doub Y N 142 
HIS ND1 HD1  sing N N 143 
HIS CD2 NE2  sing Y N 144 
HIS CD2 HD2  sing N N 145 
HIS CE1 NE2  sing Y N 146 
HIS CE1 HE1  sing N N 147 
HIS NE2 HE2  sing N N 148 
HIS OXT HXT  sing N N 149 
HOH O   H1   sing N N 150 
HOH O   H2   sing N N 151 
ILE N   CA   sing N N 152 
ILE N   H    sing N N 153 
ILE N   H2   sing N N 154 
ILE CA  C    sing N N 155 
ILE CA  CB   sing N N 156 
ILE CA  HA   sing N N 157 
ILE C   O    doub N N 158 
ILE C   OXT  sing N N 159 
ILE CB  CG1  sing N N 160 
ILE CB  CG2  sing N N 161 
ILE CB  HB   sing N N 162 
ILE CG1 CD1  sing N N 163 
ILE CG1 HG12 sing N N 164 
ILE CG1 HG13 sing N N 165 
ILE CG2 HG21 sing N N 166 
ILE CG2 HG22 sing N N 167 
ILE CG2 HG23 sing N N 168 
ILE CD1 HD11 sing N N 169 
ILE CD1 HD12 sing N N 170 
ILE CD1 HD13 sing N N 171 
ILE OXT HXT  sing N N 172 
LEU N   CA   sing N N 173 
LEU N   H    sing N N 174 
LEU N   H2   sing N N 175 
LEU CA  C    sing N N 176 
LEU CA  CB   sing N N 177 
LEU CA  HA   sing N N 178 
LEU C   O    doub N N 179 
LEU C   OXT  sing N N 180 
LEU CB  CG   sing N N 181 
LEU CB  HB2  sing N N 182 
LEU CB  HB3  sing N N 183 
LEU CG  CD1  sing N N 184 
LEU CG  CD2  sing N N 185 
LEU CG  HG   sing N N 186 
LEU CD1 HD11 sing N N 187 
LEU CD1 HD12 sing N N 188 
LEU CD1 HD13 sing N N 189 
LEU CD2 HD21 sing N N 190 
LEU CD2 HD22 sing N N 191 
LEU CD2 HD23 sing N N 192 
LEU OXT HXT  sing N N 193 
LYS N   CA   sing N N 194 
LYS N   H    sing N N 195 
LYS N   H2   sing N N 196 
LYS CA  C    sing N N 197 
LYS CA  CB   sing N N 198 
LYS CA  HA   sing N N 199 
LYS C   O    doub N N 200 
LYS C   OXT  sing N N 201 
LYS CB  CG   sing N N 202 
LYS CB  HB2  sing N N 203 
LYS CB  HB3  sing N N 204 
LYS CG  CD   sing N N 205 
LYS CG  HG2  sing N N 206 
LYS CG  HG3  sing N N 207 
LYS CD  CE   sing N N 208 
LYS CD  HD2  sing N N 209 
LYS CD  HD3  sing N N 210 
LYS CE  NZ   sing N N 211 
LYS CE  HE2  sing N N 212 
LYS CE  HE3  sing N N 213 
LYS NZ  HZ1  sing N N 214 
LYS NZ  HZ2  sing N N 215 
LYS NZ  HZ3  sing N N 216 
LYS OXT HXT  sing N N 217 
MET N   CA   sing N N 218 
MET N   H    sing N N 219 
MET N   H2   sing N N 220 
MET CA  C    sing N N 221 
MET CA  CB   sing N N 222 
MET CA  HA   sing N N 223 
MET C   O    doub N N 224 
MET C   OXT  sing N N 225 
MET CB  CG   sing N N 226 
MET CB  HB2  sing N N 227 
MET CB  HB3  sing N N 228 
MET CG  SD   sing N N 229 
MET CG  HG2  sing N N 230 
MET CG  HG3  sing N N 231 
MET SD  CE   sing N N 232 
MET CE  HE1  sing N N 233 
MET CE  HE2  sing N N 234 
MET CE  HE3  sing N N 235 
MET OXT HXT  sing N N 236 
PHE N   CA   sing N N 237 
PHE N   H    sing N N 238 
PHE N   H2   sing N N 239 
PHE CA  C    sing N N 240 
PHE CA  CB   sing N N 241 
PHE CA  HA   sing N N 242 
PHE C   O    doub N N 243 
PHE C   OXT  sing N N 244 
PHE CB  CG   sing N N 245 
PHE CB  HB2  sing N N 246 
PHE CB  HB3  sing N N 247 
PHE CG  CD1  doub Y N 248 
PHE CG  CD2  sing Y N 249 
PHE CD1 CE1  sing Y N 250 
PHE CD1 HD1  sing N N 251 
PHE CD2 CE2  doub Y N 252 
PHE CD2 HD2  sing N N 253 
PHE CE1 CZ   doub Y N 254 
PHE CE1 HE1  sing N N 255 
PHE CE2 CZ   sing Y N 256 
PHE CE2 HE2  sing N N 257 
PHE CZ  HZ   sing N N 258 
PHE OXT HXT  sing N N 259 
PRO N   CA   sing N N 260 
PRO N   CD   sing N N 261 
PRO N   H    sing N N 262 
PRO CA  C    sing N N 263 
PRO CA  CB   sing N N 264 
PRO CA  HA   sing N N 265 
PRO C   O    doub N N 266 
PRO C   OXT  sing N N 267 
PRO CB  CG   sing N N 268 
PRO CB  HB2  sing N N 269 
PRO CB  HB3  sing N N 270 
PRO CG  CD   sing N N 271 
PRO CG  HG2  sing N N 272 
PRO CG  HG3  sing N N 273 
PRO CD  HD2  sing N N 274 
PRO CD  HD3  sing N N 275 
PRO OXT HXT  sing N N 276 
SER N   CA   sing N N 277 
SER N   H    sing N N 278 
SER N   H2   sing N N 279 
SER CA  C    sing N N 280 
SER CA  CB   sing N N 281 
SER CA  HA   sing N N 282 
SER C   O    doub N N 283 
SER C   OXT  sing N N 284 
SER CB  OG   sing N N 285 
SER CB  HB2  sing N N 286 
SER CB  HB3  sing N N 287 
SER OG  HG   sing N N 288 
SER OXT HXT  sing N N 289 
SO4 S   O1   doub N N 290 
SO4 S   O2   doub N N 291 
SO4 S   O3   sing N N 292 
SO4 S   O4   sing N N 293 
THR N   CA   sing N N 294 
THR N   H    sing N N 295 
THR N   H2   sing N N 296 
THR CA  C    sing N N 297 
THR CA  CB   sing N N 298 
THR CA  HA   sing N N 299 
THR C   O    doub N N 300 
THR C   OXT  sing N N 301 
THR CB  OG1  sing N N 302 
THR CB  CG2  sing N N 303 
THR CB  HB   sing N N 304 
THR OG1 HG1  sing N N 305 
THR CG2 HG21 sing N N 306 
THR CG2 HG22 sing N N 307 
THR CG2 HG23 sing N N 308 
THR OXT HXT  sing N N 309 
TRP N   CA   sing N N 310 
TRP N   H    sing N N 311 
TRP N   H2   sing N N 312 
TRP CA  C    sing N N 313 
TRP CA  CB   sing N N 314 
TRP CA  HA   sing N N 315 
TRP C   O    doub N N 316 
TRP C   OXT  sing N N 317 
TRP CB  CG   sing N N 318 
TRP CB  HB2  sing N N 319 
TRP CB  HB3  sing N N 320 
TRP CG  CD1  doub Y N 321 
TRP CG  CD2  sing Y N 322 
TRP CD1 NE1  sing Y N 323 
TRP CD1 HD1  sing N N 324 
TRP CD2 CE2  doub Y N 325 
TRP CD2 CE3  sing Y N 326 
TRP NE1 CE2  sing Y N 327 
TRP NE1 HE1  sing N N 328 
TRP CE2 CZ2  sing Y N 329 
TRP CE3 CZ3  doub Y N 330 
TRP CE3 HE3  sing N N 331 
TRP CZ2 CH2  doub Y N 332 
TRP CZ2 HZ2  sing N N 333 
TRP CZ3 CH2  sing Y N 334 
TRP CZ3 HZ3  sing N N 335 
TRP CH2 HH2  sing N N 336 
TRP OXT HXT  sing N N 337 
TYR N   CA   sing N N 338 
TYR N   H    sing N N 339 
TYR N   H2   sing N N 340 
TYR CA  C    sing N N 341 
TYR CA  CB   sing N N 342 
TYR CA  HA   sing N N 343 
TYR C   O    doub N N 344 
TYR C   OXT  sing N N 345 
TYR CB  CG   sing N N 346 
TYR CB  HB2  sing N N 347 
TYR CB  HB3  sing N N 348 
TYR CG  CD1  doub Y N 349 
TYR CG  CD2  sing Y N 350 
TYR CD1 CE1  sing Y N 351 
TYR CD1 HD1  sing N N 352 
TYR CD2 CE2  doub Y N 353 
TYR CD2 HD2  sing N N 354 
TYR CE1 CZ   doub Y N 355 
TYR CE1 HE1  sing N N 356 
TYR CE2 CZ   sing Y N 357 
TYR CE2 HE2  sing N N 358 
TYR CZ  OH   sing N N 359 
TYR OH  HH   sing N N 360 
TYR OXT HXT  sing N N 361 
VAL N   CA   sing N N 362 
VAL N   H    sing N N 363 
VAL N   H2   sing N N 364 
VAL CA  C    sing N N 365 
VAL CA  CB   sing N N 366 
VAL CA  HA   sing N N 367 
VAL C   O    doub N N 368 
VAL C   OXT  sing N N 369 
VAL CB  CG1  sing N N 370 
VAL CB  CG2  sing N N 371 
VAL CB  HB   sing N N 372 
VAL CG1 HG11 sing N N 373 
VAL CG1 HG12 sing N N 374 
VAL CG1 HG13 sing N N 375 
VAL CG2 HG21 sing N N 376 
VAL CG2 HG22 sing N N 377 
VAL CG2 HG23 sing N N 378 
VAL OXT HXT  sing N N 379 
# 
_space_group.name_H-M_alt     'P 63 2 2' 
_space_group.name_Hall        'P 6c 2c' 
_space_group.IT_number        182 
_space_group.crystal_system   hexagonal 
_space_group.id               1 
# 
_atom_sites.entry_id                    7DDA 
_atom_sites.Cartn_transf_matrix[1][1]   ? 
_atom_sites.Cartn_transf_matrix[1][2]   ? 
_atom_sites.Cartn_transf_matrix[1][3]   ? 
_atom_sites.Cartn_transf_matrix[2][1]   ? 
_atom_sites.Cartn_transf_matrix[2][2]   ? 
_atom_sites.Cartn_transf_matrix[2][3]   ? 
_atom_sites.Cartn_transf_matrix[3][1]   ? 
_atom_sites.Cartn_transf_matrix[3][2]   ? 
_atom_sites.Cartn_transf_matrix[3][3]   ? 
_atom_sites.Cartn_transf_vector[1]      ? 
_atom_sites.Cartn_transf_vector[2]      ? 
_atom_sites.Cartn_transf_vector[3]      ? 
_atom_sites.fract_transf_matrix[1][1]   0.01068071 
_atom_sites.fract_transf_matrix[1][2]   0.00260680 
_atom_sites.fract_transf_matrix[1][3]   0.00678359 
_atom_sites.fract_transf_matrix[2][1]   0.01131016 
_atom_sites.fract_transf_matrix[2][2]   -0.00515166 
_atom_sites.fract_transf_matrix[2][3]   -0.00352723 
_atom_sites.fract_transf_matrix[3][1]   0.00179878 
_atom_sites.fract_transf_matrix[3][2]   0.00799064 
_atom_sites.fract_transf_matrix[3][3]   -0.00590282 
_atom_sites.fract_transf_vector[1]      -0.162385 
_atom_sites.fract_transf_vector[2]      0.391260 
_atom_sites.fract_transf_vector[3]      0.042081 
_atom_sites.solution_primary            ? 
_atom_sites.solution_secondary          ? 
_atom_sites.solution_hydrogens          ? 
_atom_sites.special_details             ? 
# 
loop_
_atom_type.symbol 
_atom_type.scat_dispersion_real 
_atom_type.scat_dispersion_imag 
_atom_type.scat_Cromer_Mann_a1 
_atom_type.scat_Cromer_Mann_a2 
_atom_type.scat_Cromer_Mann_a3 
_atom_type.scat_Cromer_Mann_a4 
_atom_type.scat_Cromer_Mann_b1 
_atom_type.scat_Cromer_Mann_b2 
_atom_type.scat_Cromer_Mann_b3 
_atom_type.scat_Cromer_Mann_b4 
_atom_type.scat_Cromer_Mann_c 
_atom_type.scat_source 
_atom_type.scat_dispersion_source 
C ? ? 3.54356 2.42580 ? ? 25.62398 1.50364  ? ? 0.0 
;2-Gaussian fit: Grosse-Kunstleve RW, Sauter NK, Adams PD: Newsletter of the IUCr Commission on Crystallographic Computing 2004, 3, 22-31.
;
? 
N ? ? 4.01032 2.96436 ? ? 19.97189 1.75589  ? ? 0.0 
;2-Gaussian fit: Grosse-Kunstleve RW, Sauter NK, Adams PD: Newsletter of the IUCr Commission on Crystallographic Computing 2004, 3, 22-31.
;
? 
O ? ? 4.49882 3.47563 ? ? 15.80542 1.70748  ? ? 0.0 
;2-Gaussian fit: Grosse-Kunstleve RW, Sauter NK, Adams PD: Newsletter of the IUCr Commission on Crystallographic Computing 2004, 3, 22-31.
;
? 
S ? ? 9.55732 6.39887 ? ? 1.23737  29.19336 ? ? 0.0 
;2-Gaussian fit: Grosse-Kunstleve RW, Sauter NK, Adams PD: Newsletter of the IUCr Commission on Crystallographic Computing 2004, 3, 22-31.
;
? 
# 
loop_
_atom_site.group_PDB 
_atom_site.id 
_atom_site.type_symbol 
_atom_site.label_atom_id 
_atom_site.label_alt_id 
_atom_site.label_comp_id 
_atom_site.label_asym_id 
_atom_site.label_entity_id 
_atom_site.label_seq_id 
_atom_site.pdbx_PDB_ins_code 
_atom_site.Cartn_x 
_atom_site.Cartn_y 
_atom_site.Cartn_z 
_atom_site.occupancy 
_atom_site.B_iso_or_equiv 
_atom_site.pdbx_formal_charge 
_atom_site.auth_seq_id 
_atom_site.auth_comp_id 
_atom_site.auth_asym_id 
_atom_site.auth_atom_id 
_atom_site.pdbx_PDB_model_num 
ATOM   1   N N   . SER A 1 28  ? 2.26170   -27.66492 5.20725   1.000 72.23307 ? 138 SER A N   1 
ATOM   2   C CA  . SER A 1 28  ? 0.93444   -27.60802 5.80950   1.000 83.54302 ? 138 SER A CA  1 
ATOM   3   C C   . SER A 1 28  ? 0.14288   -26.36493 5.39770   1.000 81.84648 ? 138 SER A C   1 
ATOM   4   O O   . SER A 1 28  ? 0.00392   -26.06835 4.21237   1.000 76.36751 ? 138 SER A O   1 
ATOM   5   C CB  . SER A 1 28  ? 1.03050   -27.66718 7.34104   1.000 77.43870 ? 138 SER A CB  1 
ATOM   6   O OG  . SER A 1 28  ? 1.44911   -28.94259 7.79067   1.000 80.01167 ? 138 SER A OG  1 
ATOM   7   N N   . ASP A 1 29  ? -0.32462  -25.63266 6.41016   1.000 83.64937 ? 139 ASP A N   1 
ATOM   8   C CA  . ASP A 1 29  ? -1.42558  -24.68335 6.27337   1.000 78.54393 ? 139 ASP A CA  1 
ATOM   9   C C   . ASP A 1 29  ? -1.10248  -23.55651 5.29131   1.000 76.17091 ? 139 ASP A C   1 
ATOM   10  O O   . ASP A 1 29  ? 0.04935   -23.14118 5.13957   1.000 71.45091 ? 139 ASP A O   1 
ATOM   11  C CB  . ASP A 1 29  ? -1.77217  -24.11670 7.65407   1.000 70.86091 ? 139 ASP A CB  1 
ATOM   12  C CG  . ASP A 1 29  ? -2.89157  -23.09757 7.61060   1.000 77.80907 ? 139 ASP A CG  1 
ATOM   13  O OD1 . ASP A 1 29  ? -4.06965  -23.49323 7.44253   1.000 81.98644 ? 139 ASP A OD1 1 
ATOM   14  O OD2 . ASP A 1 29  ? -2.59350  -21.89852 7.77936   1.000 76.80091 ? 139 ASP A OD2 1 
ATOM   15  N N   . SER A 1 30  ? -2.14935  -23.06134 4.61934   1.000 75.40579 ? 140 SER A N   1 
ATOM   16  C CA  . SER A 1 30  ? -2.04730  -21.99931 3.62352   1.000 67.81040 ? 140 SER A CA  1 
ATOM   17  C C   . SER A 1 30  ? -3.20866  -21.02278 3.78670   1.000 65.94504 ? 140 SER A C   1 
ATOM   18  O O   . SER A 1 30  ? -4.33696  -21.43343 4.06604   1.000 67.78111 ? 140 SER A O   1 
ATOM   19  C CB  . SER A 1 30  ? -2.03290  -22.57603 2.20165   1.000 62.07378 ? 140 SER A CB  1 
ATOM   20  O OG  . SER A 1 30  ? -2.02719  -21.53698 1.23803   1.000 67.12046 ? 140 SER A OG  1 
ATOM   21  N N   . LYS A 1 31  ? -2.93332  -19.72875 3.61554   1.000 59.39780 ? 141 LYS A N   1 
ATOM   22  C CA  . LYS A 1 31  ? -3.91989  -18.68820 3.88580   1.000 58.47402 ? 141 LYS A CA  1 
ATOM   23  C C   . LYS A 1 31  ? -3.75936  -17.53520 2.89878   1.000 51.52428 ? 141 LYS A C   1 
ATOM   24  O O   . LYS A 1 31  ? -2.65805  -17.25951 2.40505   1.000 49.23075 ? 141 LYS A O   1 
ATOM   25  C CB  . LYS A 1 31  ? -3.79315  -18.14597 5.32090   1.000 59.36512 ? 141 LYS A CB  1 
ATOM   26  C CG  . LYS A 1 31  ? -3.96248  -19.17798 6.41556   1.000 61.70574 ? 141 LYS A CG  1 
ATOM   27  C CD  . LYS A 1 31  ? -5.29481  -19.03799 7.12466   1.000 68.79115 ? 141 LYS A CD  1 
ATOM   28  C CE  . LYS A 1 31  ? -5.22396  -19.63925 8.51892   1.000 68.34922 ? 141 LYS A CE  1 
ATOM   29  N NZ  . LYS A 1 31  ? -6.56601  -20.00611 9.02854   1.000 69.48849 ? 141 LYS A NZ  1 
ATOM   30  N N   . THR A 1 32  ? -4.87625  -16.86456 2.61262   1.000 42.50260 ? 142 THR A N   1 
ATOM   31  C CA  . THR A 1 32  ? -4.87217  -15.64755 1.81520   1.000 41.73551 ? 142 THR A CA  1 
ATOM   32  C C   . THR A 1 32  ? -5.74184  -14.58391 2.47817   1.000 38.19136 ? 142 THR A C   1 
ATOM   33  O O   . THR A 1 32  ? -6.71648  -14.89031 3.17535   1.000 37.85807 ? 142 THR A O   1 
ATOM   34  C CB  . THR A 1 32  ? -5.35554  -15.86593 0.36583   1.000 38.75139 ? 142 THR A CB  1 
ATOM   35  O OG1 . THR A 1 32  ? -6.66992  -16.43406 0.36893   1.000 44.08390 ? 142 THR A OG1 1 
ATOM   36  C CG2 . THR A 1 32  ? -4.42154  -16.75694 -0.42980  1.000 42.77937 ? 142 THR A CG2 1 
ATOM   37  N N   . ALA A 1 33  ? -5.35927  -13.32323 2.27198   1.000 29.29101 ? 143 ALA A N   1 
ATOM   38  C CA  . ALA A 1 33  ? -6.11580  -12.18906 2.78001   1.000 28.54334 ? 143 ALA A CA  1 
ATOM   39  C C   . ALA A 1 33  ? -5.98793  -11.02497 1.80616   1.000 29.77390 ? 143 ALA A C   1 
ATOM   40  O O   . ALA A 1 33  ? -4.99174  -10.89582 1.08340   1.000 30.56572 ? 143 ALA A O   1 
ATOM   41  C CB  . ALA A 1 33  ? -5.64903  -11.76432 4.17477   1.000 24.98412 ? 143 ALA A CB  1 
ATOM   42  N N   . THR A 1 34  ? -7.01946  -10.18983 1.79136   1.000 29.73926 ? 144 THR A N   1 
ATOM   43  C CA  . THR A 1 34  ? -7.04275  -8.93765  1.05145   1.000 28.80313 ? 144 THR A CA  1 
ATOM   44  C C   . THR A 1 34  ? -7.18667  -7.80948  2.05774   1.000 28.02723 ? 144 THR A C   1 
ATOM   45  O O   . THR A 1 34  ? -8.10550  -7.82998  2.88321   1.000 32.13824 ? 144 THR A O   1 
ATOM   46  C CB  . THR A 1 34  ? -8.20773  -8.89961  0.05176   1.000 29.46848 ? 144 THR A CB  1 
ATOM   47  O OG1 . THR A 1 34  ? -8.07113  -9.97748  -0.88148  1.000 28.28868 ? 144 THR A OG1 1 
ATOM   48  C CG2 . THR A 1 34  ? -8.25345  -7.56308  -0.68788  1.000 26.27061 ? 144 THR A CG2 1 
ATOM   49  N N   . VAL A 1 35  ? -6.28452  -6.83559  1.99950   1.000 24.10019 ? 145 VAL A N   1 
ATOM   50  C CA  . VAL A 1 35  ? -6.30888  -5.69732  2.90802   1.000 24.53624 ? 145 VAL A CA  1 
ATOM   51  C C   . VAL A 1 35  ? -6.37396  -4.42456  2.06695   1.000 22.66423 ? 145 VAL A C   1 
ATOM   52  O O   . VAL A 1 35  ? -5.51405  -4.19434  1.20416   1.000 22.37033 ? 145 VAL A O   1 
ATOM   53  C CB  . VAL A 1 35  ? -5.09094  -5.70651  3.85429   1.000 24.94632 ? 145 VAL A CB  1 
ATOM   54  C CG1 . VAL A 1 35  ? -5.20219  -4.61328  4.90589   1.000 20.15010 ? 145 VAL A CG1 1 
ATOM   55  C CG2 . VAL A 1 35  ? -4.96207  -7.06627  4.52353   1.000 21.43920 ? 145 VAL A CG2 1 
ATOM   56  N N   . ILE A 1 36  ? -7.39828  -3.60832  2.31195   1.000 23.64655 ? 146 ILE A N   1 
ATOM   57  C CA  . ILE A 1 36  ? -7.65289  -2.38166  1.56103   1.000 19.39370 ? 146 ILE A CA  1 
ATOM   58  C C   . ILE A 1 36  ? -7.26280  -1.20588  2.44345   1.000 20.79939 ? 146 ILE A C   1 
ATOM   59  O O   . ILE A 1 36  ? -7.83713  -1.00516  3.51953   1.000 20.36713 ? 146 ILE A O   1 
ATOM   60  C CB  . ILE A 1 36  ? -9.12224  -2.28388  1.11991   1.000 21.60485 ? 146 ILE A CB  1 
ATOM   61  C CG1 . ILE A 1 36  ? -9.54889  -3.54719  0.36732   1.000 23.63790 ? 146 ILE A CG1 1 
ATOM   62  C CG2 . ILE A 1 36  ? -9.35512  -1.06455  0.23324   1.000 18.96378 ? 146 ILE A CG2 1 
ATOM   63  C CD1 . ILE A 1 36  ? -11.02283 -3.52801  -0.06869  1.000 21.57480 ? 146 ILE A CD1 1 
ATOM   64  N N   . VAL A 1 37  ? -6.26853  -0.44355  2.00715   1.000 21.54836 ? 147 VAL A N   1 
ATOM   65  C CA  . VAL A 1 37  ? -5.71695  0.65692   2.78613   1.000 17.60074 ? 147 VAL A CA  1 
ATOM   66  C C   . VAL A 1 37  ? -6.09633  1.95614   2.09738   1.000 22.08987 ? 147 VAL A C   1 
ATOM   67  O O   . VAL A 1 37  ? -5.85534  2.11742   0.89068   1.000 18.49054 ? 147 VAL A O   1 
ATOM   68  C CB  . VAL A 1 37  ? -4.18830  0.54845   2.92668   1.000 19.11140 ? 147 VAL A CB  1 
ATOM   69  C CG1 . VAL A 1 37  ? -3.61446  1.81915   3.57612   1.000 16.39564 ? 147 VAL A CG1 1 
ATOM   70  C CG2 . VAL A 1 37  ? -3.80051  -0.70454  3.69813   1.000 15.47037 ? 147 VAL A CG2 1 
ATOM   71  N N   . LYS A 1 38  ? -6.69069  2.87551   2.86599   1.000 18.69757 ? 148 LYS A N   1 
ATOM   72  C CA  . LYS A 1 38  ? -6.97154  4.23345   2.42624   1.000 18.85675 ? 148 LYS A CA  1 
ATOM   73  C C   . LYS A 1 38  ? -5.93109  5.18506   3.01793   1.000 21.97700 ? 148 LYS A C   1 
ATOM   74  O O   . LYS A 1 38  ? -5.78742  5.27095   4.24481   1.000 22.12630 ? 148 LYS A O   1 
ATOM   75  C CB  . LYS A 1 38  ? -8.38230  4.65483   2.83622   1.000 16.78372 ? 148 LYS A CB  1 
ATOM   76  C CG  . LYS A 1 38  ? -8.66358  6.11877   2.53550   1.000 21.51010 ? 148 LYS A CG  1 
ATOM   77  C CD  . LYS A 1 38  ? -10.14666 6.39837   2.35724   1.000 23.90800 ? 148 LYS A CD  1 
ATOM   78  C CE  . LYS A 1 38  ? -10.82215 6.74574   3.65560   1.000 28.00454 ? 148 LYS A CE  1 
ATOM   79  N NZ  . LYS A 1 38  ? -10.58197 8.16700   3.98828   1.000 33.14316 ? 148 LYS A NZ  1 
ATOM   80  N N   . ALA A 1 39  ? -5.22056  5.90649   2.14943   1.000 20.11050 ? 149 ALA A N   1 
ATOM   81  C CA  . ALA A 1 39  ? -4.19653  6.85291   2.56707   1.000 20.62090 ? 149 ALA A CA  1 
ATOM   82  C C   . ALA A 1 39  ? -4.43667  8.20971   1.91489   1.000 22.09121 ? 149 ALA A C   1 
ATOM   83  O O   . ALA A 1 39  ? -5.02130  8.30416   0.83536   1.000 23.13750 ? 149 ALA A O   1 
ATOM   84  C CB  . ALA A 1 39  ? -2.79482  6.35196   2.20919   1.000 18.19340 ? 149 ALA A CB  1 
ATOM   85  N N   . ASP A 1 40  ? -3.95498  9.26559   2.56005   1.000 21.97497 ? 150 ASP A N   1 
ATOM   86  C CA  . ASP A 1 40  ? -4.21347  10.61337  2.07353   1.000 23.05329 ? 150 ASP A CA  1 
ATOM   87  C C   . ASP A 1 40  ? -3.20440  11.01852  0.99911   1.000 23.08213 ? 150 ASP A C   1 
ATOM   88  O O   . ASP A 1 40  ? -1.99825  10.82924  1.17020   1.000 24.29583 ? 150 ASP A O   1 
ATOM   89  C CB  . ASP A 1 40  ? -4.17168  11.60207  3.22961   1.000 20.18562 ? 150 ASP A CB  1 
ATOM   90  C CG  . ASP A 1 40  ? -4.55958  12.98135  2.80008   1.000 22.56296 ? 150 ASP A CG  1 
ATOM   91  O OD1 . ASP A 1 40  ? -5.77836  13.25327  2.73471   1.000 17.72663 ? 150 ASP A OD1 1 
ATOM   92  O OD2 . ASP A 1 40  ? -3.63906  13.77181  2.48152   1.000 24.41965 ? 150 ASP A OD2 1 
ATOM   93  N N   . CYS A 1 41  ? -3.69256  11.59927  -0.10108  1.000 20.83215 ? 151 CYS A N   1 
ATOM   94  C CA  . CYS A 1 41  ? -2.79902  11.90022  -1.22085  1.000 23.72876 ? 151 CYS A CA  1 
ATOM   95  C C   . CYS A 1 41  ? -1.82923  13.03461  -0.92830  1.000 27.16784 ? 151 CYS A C   1 
ATOM   96  O O   . CYS A 1 41  ? -0.81518  13.15167  -1.61906  1.000 31.52456 ? 151 CYS A O   1 
ATOM   97  C CB  . CYS A 1 41  ? -3.58616  12.25517  -2.47923  1.000 21.07667 ? 151 CYS A CB  1 
ATOM   98  S SG  . CYS A 1 41  ? -4.26665  10.85962  -3.36284  1.000 25.64252 ? 151 CYS A SG  1 
ATOM   99  N N   . GLU A 1 42  ? -2.11951  13.88262  0.05098   1.000 29.20151 ? 152 GLU A N   1 
ATOM   100 C CA  . GLU A 1 42  ? -1.27365  15.03223  0.33786   1.000 31.75440 ? 152 GLU A CA  1 
ATOM   101 C C   . GLU A 1 42  ? -0.24482  14.74575  1.42304   1.000 33.96184 ? 152 GLU A C   1 
ATOM   102 O O   . GLU A 1 42  ? 0.92821   15.08049  1.26269   1.000 34.80497 ? 152 GLU A O   1 
ATOM   103 C CB  . GLU A 1 42  ? -2.14072  16.23372  0.73935   1.000 30.78610 ? 152 GLU A CB  1 
ATOM   104 C CG  . GLU A 1 42  ? -1.38667  17.55424  0.92587   1.000 38.73334 ? 152 GLU A CG  1 
ATOM   105 C CD  . GLU A 1 42  ? -0.16317  17.68608  0.01078   1.000 51.14641 ? 152 GLU A CD  1 
ATOM   106 O OE1 . GLU A 1 42  ? -0.33443  17.65615  -1.23313  1.000 48.72891 ? 152 GLU A OE1 1 
ATOM   107 O OE2 . GLU A 1 42  ? 0.96554   17.85121  0.53989   1.000 52.81923 ? 152 GLU A OE2 1 
ATOM   108 N N   . THR A 1 43  ? -0.64427  14.12004  2.51948   1.000 29.01020 ? 153 THR A N   1 
ATOM   109 C CA  . THR A 1 43  ? 0.29795   13.82354  3.58467   1.000 25.26112 ? 153 THR A CA  1 
ATOM   110 C C   . THR A 1 43  ? 0.87810   12.41975  3.49465   1.000 28.02176 ? 153 THR A C   1 
ATOM   111 O O   . THR A 1 43  ? 1.94255   12.16384  4.07124   1.000 28.04528 ? 153 THR A O   1 
ATOM   112 C CB  . THR A 1 43  ? -0.39398  14.00559  4.93646   1.000 29.73034 ? 153 THR A CB  1 
ATOM   113 O OG1 . THR A 1 43  ? -1.42435  13.01540  5.09246   1.000 26.06871 ? 153 THR A OG1 1 
ATOM   114 C CG2 . THR A 1 43  ? -1.01202  15.40430  5.00811   1.000 21.59115 ? 153 THR A CG2 1 
ATOM   115 N N   . GLY A 1 44  ? 0.21339   11.51107  2.78030   1.000 26.31103 ? 154 GLY A N   1 
ATOM   116 C CA  . GLY A 1 44  ? 0.55548   10.11106  2.80607   1.000 20.65685 ? 154 GLY A CA  1 
ATOM   117 C C   . GLY A 1 44  ? -0.01644  9.33551   3.97050   1.000 25.14109 ? 154 GLY A C   1 
ATOM   118 O O   . GLY A 1 44  ? 0.07515   8.10473   3.96863   1.000 26.21289 ? 154 GLY A O   1 
ATOM   119 N N   . ASP A 1 45  ? -0.63217  10.00079  4.94970   1.000 26.12764 ? 155 ASP A N   1 
ATOM   120 C CA  . ASP A 1 45  ? -1.05878  9.32259   6.16733   1.000 21.88864 ? 155 ASP A CA  1 
ATOM   121 C C   . ASP A 1 45  ? -2.12405  8.27034   5.89014   1.000 23.40811 ? 155 ASP A C   1 
ATOM   122 O O   . ASP A 1 45  ? -2.99826  8.44069   5.03987   1.000 24.43928 ? 155 ASP A O   1 
ATOM   123 C CB  . ASP A 1 45  ? -1.60296  10.32606  7.17610   1.000 21.85043 ? 155 ASP A CB  1 
ATOM   124 C CG  . ASP A 1 45  ? -0.55938  11.29865  7.64732   1.000 29.72704 ? 155 ASP A CG  1 
ATOM   125 O OD1 . ASP A 1 45  ? 0.63889   11.08328  7.34556   1.000 30.60224 ? 155 ASP A OD1 1 
ATOM   126 O OD2 . ASP A 1 45  ? -0.94442  12.29196  8.30280   1.000 33.60927 ? 155 ASP A OD2 1 
ATOM   127 N N   . ILE A 1 46  ? -2.07230  7.19317   6.66140   1.000 19.89969 ? 156 ILE A N   1 
ATOM   128 C CA  . ILE A 1 46  ? -3.02369  6.10126   6.51577   1.000 22.80515 ? 156 ILE A CA  1 
ATOM   129 C C   . ILE A 1 46  ? -4.29643  6.45869   7.27136   1.000 24.55920 ? 156 ILE A C   1 
ATOM   130 O O   . ILE A 1 46  ? -4.25598  6.73849   8.46960   1.000 28.11844 ? 156 ILE A O   1 
ATOM   131 C CB  . ILE A 1 46  ? -2.42403  4.77847   7.01571   1.000 21.39636 ? 156 ILE A CB  1 
ATOM   132 C CG1 . ILE A 1 46  ? -1.34199  4.31327   6.03810   1.000 18.28952 ? 156 ILE A CG1 1 
ATOM   133 C CG2 . ILE A 1 46  ? -3.50003  3.72745   7.19043   1.000 16.66879 ? 156 ILE A CG2 1 
ATOM   134 C CD1 . ILE A 1 46  ? -0.68323  3.02585   6.41172   1.000 14.54721 ? 156 ILE A CD1 1 
ATOM   135 N N   . ASP A 1 47  ? -5.42958  6.46892   6.56471   1.000 24.02850 ? 157 ASP A N   1 
ATOM   136 C CA  . ASP A 1 47  ? -6.71245  6.76467   7.18275   1.000 19.56487 ? 157 ASP A CA  1 
ATOM   137 C C   . ASP A 1 47  ? -7.43306  5.52669   7.68639   1.000 21.39083 ? 157 ASP A C   1 
ATOM   138 O O   . ASP A 1 47  ? -8.24749  5.64310   8.60242   1.000 18.49594 ? 157 ASP A O   1 
ATOM   139 C CB  . ASP A 1 47  ? -7.64184  7.48146   6.20471   1.000 18.54803 ? 157 ASP A CB  1 
ATOM   140 C CG  . ASP A 1 47  ? -7.15847  8.86269   5.83862   1.000 24.63035 ? 157 ASP A CG  1 
ATOM   141 O OD1 . ASP A 1 47  ? -6.39125  9.45500   6.61835   1.000 27.21217 ? 157 ASP A OD1 1 
ATOM   142 O OD2 . ASP A 1 47  ? -7.56875  9.37034   4.76889   1.000 29.67937 ? 157 ASP A OD2 1 
ATOM   143 N N   . GLU A 1 48  ? -7.17405  4.35796   7.10318   1.000 20.36169 ? 158 GLU A N   1 
ATOM   144 C CA  . GLU A 1 48  ? -7.94491  3.16930   7.43101   1.000 19.76824 ? 158 GLU A CA  1 
ATOM   145 C C   . GLU A 1 48  ? -7.24313  1.93622   6.87226   1.000 21.71862 ? 158 GLU A C   1 
ATOM   146 O O   . GLU A 1 48  ? -6.69723  1.97358   5.76531   1.000 20.36773 ? 158 GLU A O   1 
ATOM   147 C CB  . GLU A 1 48  ? -9.37797  3.25852   6.87068   1.000 20.16308 ? 158 GLU A CB  1 
ATOM   148 C CG  . GLU A 1 48  ? -10.18293 2.00011   7.10642   1.000 19.07264 ? 158 GLU A CG  1 
ATOM   149 C CD  . GLU A 1 48  ? -11.57648 2.06212   6.53879   1.000 22.55840 ? 158 GLU A CD  1 
ATOM   150 O OE1 . GLU A 1 48  ? -11.74703 1.93017   5.31599   1.000 28.72086 ? 158 GLU A OE1 1 
ATOM   151 O OE2 . GLU A 1 48  ? -12.51843 2.21869   7.32414   1.000 26.58124 ? 158 GLU A OE2 1 
ATOM   152 N N   . VAL A 1 49  ? -7.26946  0.85538   7.65324   1.000 23.70221 ? 159 VAL A N   1 
ATOM   153 C CA  . VAL A 1 49  ? -6.78159  -0.46022  7.26080   1.000 23.95453 ? 159 VAL A CA  1 
ATOM   154 C C   . VAL A 1 49  ? -7.96229  -1.41883  7.35719   1.000 25.51514 ? 159 VAL A C   1 
ATOM   155 O O   . VAL A 1 49  ? -8.39182  -1.77328  8.45642   1.000 25.92397 ? 159 VAL A O   1 
ATOM   156 C CB  . VAL A 1 49  ? -5.61115  -0.92347  8.13929   1.000 21.53047 ? 159 VAL A CB  1 
ATOM   157 C CG1 . VAL A 1 49  ? -5.11125  -2.29560  7.69538   1.000 19.23724 ? 159 VAL A CG1 1 
ATOM   158 C CG2 . VAL A 1 49  ? -4.49178  0.09702   8.07672   1.000 15.35969 ? 159 VAL A CG2 1 
ATOM   159 N N   . TYR A 1 50  ? -8.48270  -1.84329  6.21164   1.000 24.80281 ? 160 TYR A N   1 
ATOM   160 C CA  . TYR A 1 50  ? -9.73804  -2.58133  6.12045   1.000 23.16664 ? 160 TYR A CA  1 
ATOM   161 C C   . TYR A 1 50  ? -9.42589  -4.01238  5.70365   1.000 25.13790 ? 160 TYR A C   1 
ATOM   162 O O   . TYR A 1 50  ? -8.94834  -4.24589  4.59049   1.000 30.11334 ? 160 TYR A O   1 
ATOM   163 C CB  . TYR A 1 50  ? -10.65175 -1.87579  5.12316   1.000 21.37728 ? 160 TYR A CB  1 
ATOM   164 C CG  . TYR A 1 50  ? -12.04038 -2.43182  4.92875   1.000 28.84626 ? 160 TYR A CG  1 
ATOM   165 C CD1 . TYR A 1 50  ? -13.07488 -2.08036  5.77980   1.000 23.23071 ? 160 TYR A CD1 1 
ATOM   166 C CD2 . TYR A 1 50  ? -12.33219 -3.26293  3.84744   1.000 28.19773 ? 160 TYR A CD2 1 
ATOM   167 C CE1 . TYR A 1 50  ? -14.35319 -2.55514  5.57549   1.000 25.07363 ? 160 TYR A CE1 1 
ATOM   168 C CE2 . TYR A 1 50  ? -13.60036 -3.74465  3.64533   1.000 23.35465 ? 160 TYR A CE2 1 
ATOM   169 C CZ  . TYR A 1 50  ? -14.61042 -3.38881  4.51346   1.000 27.29682 ? 160 TYR A CZ  1 
ATOM   170 O OH  . TYR A 1 50  ? -15.88421 -3.86617  4.30591   1.000 28.62543 ? 160 TYR A OH  1 
ATOM   171 N N   . ASN A 1 51  ? -9.67645  -4.96746  6.59312   1.000 32.27922 ? 161 ASN A N   1 
ATOM   172 C CA  . ASN A 1 51  ? -9.28538  -6.35773  6.37525   1.000 36.68992 ? 161 ASN A CA  1 
ATOM   173 C C   . ASN A 1 51  ? -10.45773 -7.17344  5.84748   1.000 38.30473 ? 161 ASN A C   1 
ATOM   174 O O   . ASN A 1 51  ? -11.56284 -7.10329  6.39068   1.000 38.83031 ? 161 ASN A O   1 
ATOM   175 C CB  . ASN A 1 51  ? -8.74687  -6.97783  7.66879   1.000 41.94876 ? 161 ASN A CB  1 
ATOM   176 C CG  . ASN A 1 51  ? -7.65741  -6.12092  8.32016   1.000 49.43975 ? 161 ASN A CG  1 
ATOM   177 O OD1 . ASN A 1 51  ? -6.58488  -5.93553  7.74857   1.000 52.67062 ? 161 ASN A OD1 1 
ATOM   178 N ND2 . ASN A 1 51  ? -7.93577  -5.58628  9.50778   1.000 53.94983 ? 161 ASN A ND2 1 
ATOM   179 N N   . LEU A 1 52  ? -10.21099 -7.94478  4.78667   1.000 44.33262 ? 162 LEU A N   1 
ATOM   180 C CA  . LEU A 1 52  ? -11.19079 -8.88074  4.23512   1.000 46.47432 ? 162 LEU A CA  1 
ATOM   181 C C   . LEU A 1 52  ? -10.88485 -10.27808 4.77514   1.000 57.83856 ? 162 LEU A C   1 
ATOM   182 O O   . LEU A 1 52  ? -9.87813  -10.89104 4.40091   1.000 52.17706 ? 162 LEU A O   1 
ATOM   183 C CB  . LEU A 1 52  ? -11.16851 -8.86490  2.71007   1.000 39.17081 ? 162 LEU A CB  1 
ATOM   184 C CG  . LEU A 1 52  ? -12.15058 -7.91397  2.02231   1.000 42.49655 ? 162 LEU A CG  1 
ATOM   185 C CD1 . LEU A 1 52  ? -12.14027 -6.57586  2.70874   1.000 37.98091 ? 162 LEU A CD1 1 
ATOM   186 C CD2 . LEU A 1 52  ? -11.84572 -7.75647  0.53456   1.000 38.44091 ? 162 LEU A CD2 1 
ATOM   187 N N   . ALA A 1 53  ? -11.75882 -10.77256 5.64990   1.000 65.08091 ? 163 ALA A N   1 
ATOM   188 C CA  . ALA A 1 53  ? -11.55417 -12.01994 6.38832   1.000 73.21091 ? 163 ALA A CA  1 
ATOM   189 C C   . ALA A 1 53  ? -10.35219 -11.89534 7.32397   1.000 71.54379 ? 163 ALA A C   1 
ATOM   190 O O   . ALA A 1 53  ? -10.51233 -11.61473 8.51743   1.000 72.86938 ? 163 ALA A O   1 
ATOM   191 C CB  . ALA A 1 53  ? -11.38777 -13.21453 5.42956   1.000 66.78091 ? 163 ALA A CB  1 
ATOM   192 N N   . VAL A 1 76  ? -5.73808  -11.26122 10.98228  1.000 65.89091 ? 186 VAL A N   1 
ATOM   193 C CA  . VAL A 1 76  ? -5.59968  -10.49274 9.74983   1.000 77.59091 ? 186 VAL A CA  1 
ATOM   194 C C   . VAL A 1 76  ? -5.27625  -9.03576  10.08305  1.000 77.05091 ? 186 VAL A C   1 
ATOM   195 O O   . VAL A 1 76  ? -4.54895  -8.36337  9.34262   1.000 73.46091 ? 186 VAL A O   1 
ATOM   196 C CB  . VAL A 1 76  ? -6.86797  -10.60624 8.87009   1.000 81.09091 ? 186 VAL A CB  1 
ATOM   197 C CG1 . VAL A 1 76  ? -6.69644  -9.83954  7.56831   1.000 76.65091 ? 186 VAL A CG1 1 
ATOM   198 C CG2 . VAL A 1 76  ? -7.17270  -12.06231 8.57367   1.000 77.09091 ? 186 VAL A CG2 1 
ATOM   199 N N   . ALA A 1 77  ? -5.81253  -8.54871  11.20568  1.000 70.74017 ? 187 ALA A N   1 
ATOM   200 C CA  . ALA A 1 77  ? -5.45054  -7.21362  11.67493  1.000 68.28069 ? 187 ALA A CA  1 
ATOM   201 C C   . ALA A 1 77  ? -4.14141  -7.23963  12.45654  1.000 64.38451 ? 187 ALA A C   1 
ATOM   202 O O   . ALA A 1 77  ? -3.33675  -6.30695  12.35868  1.000 59.80528 ? 187 ALA A O   1 
ATOM   203 C CB  . ALA A 1 77  ? -6.57499  -6.62692  12.52935  1.000 60.40201 ? 187 ALA A CB  1 
ATOM   204 N N   . ASP A 1 78  ? -3.91999  -8.29555  13.24076  1.000 67.08843 ? 188 ASP A N   1 
ATOM   205 C CA  . ASP A 1 78  ? -2.66620  -8.50952  13.94886  1.000 59.19582 ? 188 ASP A CA  1 
ATOM   206 C C   . ASP A 1 78  ? -1.67125  -9.32057  13.13557  1.000 51.06648 ? 188 ASP A C   1 
ATOM   207 O O   . ASP A 1 78  ? -0.51450  -9.44539  13.54830  1.000 49.78630 ? 188 ASP A O   1 
ATOM   208 C CB  . ASP A 1 78  ? -2.91621  -9.23041  15.28035  1.000 54.97775 ? 188 ASP A CB  1 
ATOM   209 C CG  . ASP A 1 78  ? -3.73108  -8.40657  16.24332  1.000 61.86089 ? 188 ASP A CG  1 
ATOM   210 O OD1 . ASP A 1 78  ? -3.80987  -7.17459  16.04656  1.000 62.40644 ? 188 ASP A OD1 1 
ATOM   211 O OD2 . ASP A 1 78  ? -4.29954  -8.99441  17.19168  1.000 64.25480 ? 188 ASP A OD2 1 
ATOM   212 N N   . SER A 1 79  ? -2.09753  -9.88915  12.00821  1.000 47.63233 ? 189 SER A N   1 
ATOM   213 C CA  . SER A 1 79  ? -1.19664  -10.66512 11.16916  1.000 44.43805 ? 189 SER A CA  1 
ATOM   214 C C   . SER A 1 79  ? -0.26724  -9.79095  10.33569  1.000 36.93463 ? 189 SER A C   1 
ATOM   215 O O   . SER A 1 79  ? 0.78775   -10.26741 9.90059   1.000 32.59477 ? 189 SER A O   1 
ATOM   216 C CB  . SER A 1 79  ? -1.99916  -11.58176 10.24527  1.000 44.45998 ? 189 SER A CB  1 
ATOM   217 O OG  . SER A 1 79  ? -2.51189  -12.69958 10.94535  1.000 47.80385 ? 189 SER A OG  1 
ATOM   218 N N   . PHE A 1 80  ? -0.63224  -8.53560  10.10189  1.000 31.76543 ? 190 PHE A N   1 
ATOM   219 C CA  . PHE A 1 80  ? 0.13865   -7.65491  9.24543   1.000 30.38792 ? 190 PHE A CA  1 
ATOM   220 C C   . PHE A 1 80  ? 0.16767   -6.27753  9.87088   1.000 26.51834 ? 190 PHE A C   1 
ATOM   221 O O   . PHE A 1 80  ? -0.72684  -5.91056  10.63408  1.000 30.36310 ? 190 PHE A O   1 
ATOM   222 C CB  . PHE A 1 80  ? -0.45503  -7.59177  7.83984   1.000 24.38246 ? 190 PHE A CB  1 
ATOM   223 C CG  . PHE A 1 80  ? -0.62283  -8.93063  7.22026   1.000 30.32759 ? 190 PHE A CG  1 
ATOM   224 C CD1 . PHE A 1 80  ? 0.49124   -9.67240  6.83190   1.000 34.84053 ? 190 PHE A CD1 1 
ATOM   225 C CD2 . PHE A 1 80  ? -1.88911  -9.49258  7.08196   1.000 36.01952 ? 190 PHE A CD2 1 
ATOM   226 C CE1 . PHE A 1 80  ? 0.34573   -10.94375 6.27225   1.000 33.97608 ? 190 PHE A CE1 1 
ATOM   227 C CE2 . PHE A 1 80  ? -2.04756  -10.75680 6.52988   1.000 36.11612 ? 190 PHE A CE2 1 
ATOM   228 C CZ  . PHE A 1 80  ? -0.92807  -11.48565 6.12360   1.000 35.54927 ? 190 PHE A CZ  1 
ATOM   229 N N   . HIS A 1 81  ? 1.22076   -5.53064  9.56513   1.000 22.49855 ? 191 HIS A N   1 
ATOM   230 C CA  . HIS A 1 81  ? 1.32373   -4.13476  9.96161   1.000 22.12235 ? 191 HIS A CA  1 
ATOM   231 C C   . HIS A 1 81  ? 1.66795   -3.32035  8.72044   1.000 21.63798 ? 191 HIS A C   1 
ATOM   232 O O   . HIS A 1 81  ? 2.64170   -3.62584  8.02695   1.000 22.32326 ? 191 HIS A O   1 
ATOM   233 C CB  . HIS A 1 81  ? 2.37661   -3.94383  11.07578  1.000 20.35800 ? 191 HIS A CB  1 
ATOM   234 C CG  . HIS A 1 81  ? 2.49527   -2.52915  11.56358  1.000 21.95613 ? 191 HIS A CG  1 
ATOM   235 N ND1 . HIS A 1 81  ? 3.66802   -2.01044  12.07440  1.000 21.61587 ? 191 HIS A ND1 1 
ATOM   236 C CD2 . HIS A 1 81  ? 1.59098   -1.52047  11.60245  1.000 17.08217 ? 191 HIS A CD2 1 
ATOM   237 C CE1 . HIS A 1 81  ? 3.48016   -0.74595  12.41011  1.000 20.18489 ? 191 HIS A CE1 1 
ATOM   238 N NE2 . HIS A 1 81  ? 2.22770   -0.42421  12.13354  1.000 21.28389 ? 191 HIS A NE2 1 
ATOM   239 N N   . ILE A 1 82  ? 0.86408   -2.30066  8.43250   1.000 20.52979 ? 192 ILE A N   1 
ATOM   240 C CA  . ILE A 1 82  ? 1.02568   -1.46821  7.24346   1.000 19.60423 ? 192 ILE A CA  1 
ATOM   241 C C   . ILE A 1 82  ? 1.22891   -0.02880  7.69482   1.000 20.35347 ? 192 ILE A C   1 
ATOM   242 O O   . ILE A 1 82  ? 0.48935   0.47274   8.55003   1.000 20.52648 ? 192 ILE A O   1 
ATOM   243 C CB  . ILE A 1 82  ? -0.18621  -1.58532  6.29961   1.000 18.31686 ? 192 ILE A CB  1 
ATOM   244 C CG1 . ILE A 1 82  ? -0.44260  -3.05563  5.95779   1.000 17.45943 ? 192 ILE A CG1 1 
ATOM   245 C CG2 . ILE A 1 82  ? 0.03420   -0.75296  5.03373   1.000 17.11166 ? 192 ILE A CG2 1 
ATOM   246 C CD1 . ILE A 1 82  ? -1.87208  -3.34519  5.52003   1.000 17.04465 ? 192 ILE A CD1 1 
ATOM   247 N N   . TYR A 1 83  ? 2.22648   0.63434   7.12407   1.000 17.32100 ? 193 TYR A N   1 
ATOM   248 C CA  . TYR A 1 83  ? 2.64968   1.91870   7.66180   1.000 21.29977 ? 193 TYR A CA  1 
ATOM   249 C C   . TYR A 1 83  ? 3.21383   2.76008   6.53422   1.000 21.21296 ? 193 TYR A C   1 
ATOM   250 O O   . TYR A 1 83  ? 3.77962   2.23807   5.56415   1.000 20.56678 ? 193 TYR A O   1 
ATOM   251 C CB  . TYR A 1 83  ? 3.71097   1.76264   8.77548   1.000 18.81929 ? 193 TYR A CB  1 
ATOM   252 C CG  . TYR A 1 83  ? 4.69805   0.65885   8.47013   1.000 19.58909 ? 193 TYR A CG  1 
ATOM   253 C CD1 . TYR A 1 83  ? 5.84979   0.91967   7.75364   1.000 18.14431 ? 193 TYR A CD1 1 
ATOM   254 C CD2 . TYR A 1 83  ? 4.44236   -0.65956  8.85374   1.000 20.76310 ? 193 TYR A CD2 1 
ATOM   255 C CE1 . TYR A 1 83  ? 6.74368   -0.08921  7.45154   1.000 20.41527 ? 193 TYR A CE1 1 
ATOM   256 C CE2 . TYR A 1 83  ? 5.32405   -1.67962  8.54565   1.000 19.27687 ? 193 TYR A CE2 1 
ATOM   257 C CZ  . TYR A 1 83  ? 6.47039   -1.38353  7.84692   1.000 19.60273 ? 193 TYR A CZ  1 
ATOM   258 O OH  . TYR A 1 83  ? 7.35900   -2.37852  7.53693   1.000 22.94702 ? 193 TYR A OH  1 
ATOM   259 N N   . LYS A 1 84  ? 3.03064   4.06702   6.67321   1.000 20.40541 ? 194 LYS A N   1 
ATOM   260 C CA  . LYS A 1 84  ? 3.69599   5.02699   5.81146   1.000 18.81712 ? 194 LYS A CA  1 
ATOM   261 C C   . LYS A 1 84  ? 5.18996   5.03680   6.10055   1.000 19.76428 ? 194 LYS A C   1 
ATOM   262 O O   . LYS A 1 84  ? 5.61075   5.18200   7.24931   1.000 25.11352 ? 194 LYS A O   1 
ATOM   263 C CB  . LYS A 1 84  ? 3.08967   6.40761   6.03612   1.000 20.06175 ? 194 LYS A CB  1 
ATOM   264 C CG  . LYS A 1 84  ? 3.78800   7.54594   5.33048   1.000 25.59952 ? 194 LYS A CG  1 
ATOM   265 C CD  . LYS A 1 84  ? 3.11845   8.85548   5.71362   1.000 25.50896 ? 194 LYS A CD  1 
ATOM   266 C CE  . LYS A 1 84  ? 4.07056   10.01867  5.61472   1.000 28.68521 ? 194 LYS A CE  1 
ATOM   267 N NZ  . LYS A 1 84  ? 3.42397   11.27049  6.11754   1.000 35.82048 ? 194 LYS A NZ  1 
ATOM   268 N N   . ILE A 1 85  ? 5.99660   4.84058   5.06763   1.000 21.99353 ? 195 ILE A N   1 
ATOM   269 C CA  . ILE A 1 85  ? 7.43102   5.03079   5.21761   1.000 21.03311 ? 195 ILE A CA  1 
ATOM   270 C C   . ILE A 1 85  ? 7.82826   6.45862   4.87202   1.000 26.21722 ? 195 ILE A C   1 
ATOM   271 O O   . ILE A 1 85  ? 8.64768   7.06380   5.56604   1.000 24.71571 ? 195 ILE A O   1 
ATOM   272 C CB  . ILE A 1 85  ? 8.18799   4.00686   4.35235   1.000 24.12493 ? 195 ILE A CB  1 
ATOM   273 C CG1 . ILE A 1 85  ? 8.02784   2.59331   4.92417   1.000 20.16288 ? 195 ILE A CG1 1 
ATOM   274 C CG2 . ILE A 1 85  ? 9.66478   4.37212   4.22235   1.000 18.13004 ? 195 ILE A CG2 1 
ATOM   275 C CD1 . ILE A 1 85  ? 8.55346   1.53428   3.99284   1.000 17.72192 ? 195 ILE A CD1 1 
ATOM   276 N N   . SER A 1 86  ? 7.21547   7.04039   3.83914   1.000 28.94317 ? 196 SER A N   1 
ATOM   277 C CA  . SER A 1 86  ? 7.75392   8.26448   3.26154   1.000 23.45982 ? 196 SER A CA  1 
ATOM   278 C C   . SER A 1 86  ? 6.73701   8.90194   2.31152   1.000 25.32923 ? 196 SER A C   1 
ATOM   279 O O   . SER A 1 86  ? 6.02356   8.19856   1.58326   1.000 22.52136 ? 196 SER A O   1 
ATOM   280 C CB  . SER A 1 86  ? 9.06055   7.94622   2.52658   1.000 20.09900 ? 196 SER A CB  1 
ATOM   281 O OG  . SER A 1 86  ? 9.60625   9.09758   1.92838   1.000 35.54455 ? 196 SER A OG  1 
ATOM   282 N N   . ALA A 1 87  ? 6.68408   10.23375  2.32280   1.000 23.59681 ? 197 ALA A N   1 
ATOM   283 C CA  . ALA A 1 87  ? 5.87962   11.00561  1.37620   1.000 25.68639 ? 197 ALA A CA  1 
ATOM   284 C C   . ALA A 1 87  ? 6.67531   12.24143  0.99754   1.000 27.55445 ? 197 ALA A C   1 
ATOM   285 O O   . ALA A 1 87  ? 6.91194   13.09844  1.84964   1.000 26.15732 ? 197 ALA A O   1 
ATOM   286 C CB  . ALA A 1 87  ? 4.52769   11.40453  1.96948   1.000 24.35589 ? 197 ALA A CB  1 
ATOM   287 N N   . THR A 1 88  ? 7.07101   12.34243  -0.27175  1.000 29.05778 ? 198 THR A N   1 
ATOM   288 C CA  . THR A 1 88  ? 7.91464   13.42822  -0.74877  1.000 33.95606 ? 198 THR A CA  1 
ATOM   289 C C   . THR A 1 88  ? 7.32676   14.05211  -2.01161  1.000 35.36169 ? 198 THR A C   1 
ATOM   290 O O   . THR A 1 88  ? 6.89165   13.34709  -2.92498  1.000 33.34171 ? 198 THR A O   1 
ATOM   291 C CB  . THR A 1 88  ? 9.32689   12.93501  -1.06590  1.000 35.85616 ? 198 THR A CB  1 
ATOM   292 O OG1 . THR A 1 88  ? 9.27332   12.08174  -2.21194  1.000 43.15026 ? 198 THR A OG1 1 
ATOM   293 C CG2 . THR A 1 88  ? 9.89074   12.13990  0.11808   1.000 34.76047 ? 198 THR A CG2 1 
ATOM   294 N N   . ASP A 1 89  ? 7.33851   15.37595  -2.07259  1.000 37.59269 ? 199 ASP A N   1 
ATOM   295 C CA  . ASP A 1 89  ? 7.03362   16.04852  -3.32181  1.000 36.42993 ? 199 ASP A CA  1 
ATOM   296 C C   . ASP A 1 89  ? 8.22558   15.95943  -4.25420  1.000 34.79906 ? 199 ASP A C   1 
ATOM   297 O O   . ASP A 1 89  ? 9.37633   15.90176  -3.81665  1.000 40.44152 ? 199 ASP A O   1 
ATOM   298 C CB  . ASP A 1 89  ? 6.68758   17.51886  -3.08967  1.000 34.13456 ? 199 ASP A CB  1 
ATOM   299 C CG  . ASP A 1 89  ? 5.47464   17.69198  -2.21565  1.000 43.61754 ? 199 ASP A CG  1 
ATOM   300 O OD1 . ASP A 1 89  ? 4.41032   17.11831  -2.55079  1.000 45.44892 ? 199 ASP A OD1 1 
ATOM   301 O OD2 . ASP A 1 89  ? 5.59349   18.37994  -1.17880  1.000 49.52409 ? 199 ASP A OD2 1 
ATOM   302 N N   . SER A 1 90  ? 7.94308   15.92728  -5.54984  1.000 33.91674 ? 200 SER A N   1 
ATOM   303 C CA  . SER A 1 90  ? 8.96726   16.29964  -6.51267  1.000 42.06623 ? 200 SER A CA  1 
ATOM   304 C C   . SER A 1 90  ? 9.22855   17.80983  -6.41222  1.000 50.25103 ? 200 SER A C   1 
ATOM   305 O O   . SER A 1 90  ? 8.35746   18.58840  -6.00987  1.000 46.43888 ? 200 SER A O   1 
ATOM   306 C CB  . SER A 1 90  ? 8.53838   15.90236  -7.92688  1.000 33.87907 ? 200 SER A CB  1 
ATOM   307 O OG  . SER A 1 90  ? 7.51709   16.74994  -8.41419  1.000 32.93351 ? 200 SER A OG  1 
ATOM   308 N N   . ASP A 1 91  ? 10.44834  18.23189  -6.75885  1.000 51.30275 ? 201 ASP A N   1 
ATOM   309 C CA  . ASP A 1 91  ? 10.76325  19.65878  -6.65909  1.000 59.56778 ? 201 ASP A CA  1 
ATOM   310 C C   . ASP A 1 91  ? 9.89906   20.49467  -7.60331  1.000 56.05120 ? 201 ASP A C   1 
ATOM   311 O O   . ASP A 1 91  ? 9.60274   21.65944  -7.31078  1.000 58.93225 ? 201 ASP A O   1 
ATOM   312 C CB  . ASP A 1 91  ? 12.25357  19.89393  -6.91350  1.000 68.00187 ? 201 ASP A CB  1 
ATOM   313 C CG  . ASP A 1 91  ? 13.10348  19.66918  -5.66850  1.000 75.10527 ? 201 ASP A CG  1 
ATOM   314 O OD1 . ASP A 1 91  ? 12.73186  20.15612  -4.57999  1.000 79.86671 ? 201 ASP A OD1 1 
ATOM   315 O OD2 . ASP A 1 91  ? 14.12984  18.95900  -5.76911  1.000 76.34956 ? 201 ASP A OD2 1 
ATOM   316 N N   . SER A 1 92  ? 9.46762   19.91123  -8.72824  1.000 47.67538 ? 202 SER A N   1 
ATOM   317 C CA  . SER A 1 92  ? 8.43889   20.54334  -9.55058  1.000 41.16824 ? 202 SER A CA  1 
ATOM   318 C C   . SER A 1 92  ? 7.13473   20.74265  -8.77880  1.000 41.65801 ? 202 SER A C   1 
ATOM   319 O O   . SER A 1 92  ? 6.37762   21.67971  -9.06588  1.000 33.64225 ? 202 SER A O   1 
ATOM   320 C CB  . SER A 1 92  ? 8.19001   19.70564  -10.80851 1.000 38.70638 ? 202 SER A CB  1 
ATOM   321 O OG  . SER A 1 92  ? 7.59769   18.44875  -10.50267 1.000 37.68495 ? 202 SER A OG  1 
ATOM   322 N N   . GLY A 1 93  ? 6.85735   19.88206  -7.79747  1.000 41.19352 ? 203 GLY A N   1 
ATOM   323 C CA  . GLY A 1 93  ? 5.58181   19.90081  -7.11142  1.000 31.83875 ? 203 GLY A CA  1 
ATOM   324 C C   . GLY A 1 93  ? 4.41720   19.35879  -7.90858  1.000 31.95797 ? 203 GLY A C   1 
ATOM   325 O O   . GLY A 1 93  ? 3.27496   19.44812  -7.45279  1.000 33.38647 ? 203 GLY A O   1 
ATOM   326 N N   . ASN A 1 94  ? 4.65904   18.80067  -9.09076  1.000 32.12447 ? 204 ASN A N   1 
ATOM   327 C CA  . ASN A 1 94  ? 3.57106   18.24153  -9.87806  1.000 32.29812 ? 204 ASN A CA  1 
ATOM   328 C C   . ASN A 1 94  ? 3.30089   16.78418  -9.55653  1.000 34.56507 ? 204 ASN A C   1 
ATOM   329 O O   . ASN A 1 94  ? 2.22708   16.27618  -9.90555  1.000 28.93652 ? 204 ASN A O   1 
ATOM   330 C CB  . ASN A 1 94  ? 3.87125   18.36589  -11.37100 1.000 34.10405 ? 204 ASN A CB  1 
ATOM   331 C CG  . ASN A 1 94  ? 3.68723   19.76609  -11.87358 1.000 34.07851 ? 204 ASN A CG  1 
ATOM   332 O OD1 . ASN A 1 94  ? 4.62135   20.56911  -11.82104 1.000 31.83567 ? 204 ASN A OD1 1 
ATOM   333 N ND2 . ASN A 1 94  ? 2.46814   20.08634  -12.33985 1.000 32.04212 ? 204 ASN A ND2 1 
ATOM   334 N N   . THR A 1 95  ? 4.24908   16.09938  -8.91893  1.000 31.72821 ? 205 THR A N   1 
ATOM   335 C CA  . THR A 1 95  ? 4.06132   14.71256  -8.54271  1.000 25.43105 ? 205 THR A CA  1 
ATOM   336 C C   . THR A 1 95  ? 4.42330   14.51814  -7.08154  1.000 28.66945 ? 205 THR A C   1 
ATOM   337 O O   . THR A 1 95  ? 5.06482   15.35080  -6.43137  1.000 31.06716 ? 205 THR A O   1 
ATOM   338 C CB  . THR A 1 95  ? 4.88031   13.73781  -9.40516  1.000 24.21862 ? 205 THR A CB  1 
ATOM   339 O OG1 . THR A 1 95  ? 6.28605   13.97966  -9.24302  1.000 26.11296 ? 205 THR A OG1 1 
ATOM   340 C CG2 . THR A 1 95  ? 4.48967   13.85918  -10.87921 1.000 26.36338 ? 205 THR A CG2 1 
ATOM   341 N N   . LYS A 1 96  ? 4.01191   13.36318  -6.59961  1.000 27.45958 ? 206 LYS A N   1 
ATOM   342 C CA  . LYS A 1 96  ? 4.07895   12.98107  -5.20845  1.000 29.41961 ? 206 LYS A CA  1 
ATOM   343 C C   . LYS A 1 96  ? 4.59720   11.55223  -5.19322  1.000 28.56393 ? 206 LYS A C   1 
ATOM   344 O O   . LYS A 1 96  ? 4.16180   10.73289  -6.01228  1.000 25.39280 ? 206 LYS A O   1 
ATOM   345 C CB  . LYS A 1 96  ? 2.67988   13.05181  -4.61380  1.000 30.89918 ? 206 LYS A CB  1 
ATOM   346 C CG  . LYS A 1 96  ? 2.60056   13.04082  -3.14252  1.000 35.64768 ? 206 LYS A CG  1 
ATOM   347 C CD  . LYS A 1 96  ? 2.42720   14.45516  -2.67199  1.000 37.09091 ? 206 LYS A CD  1 
ATOM   348 C CE  . LYS A 1 96  ? 2.34676   14.48176  -1.19111  1.000 39.01091 ? 206 LYS A CE  1 
ATOM   349 N NZ  . LYS A 1 96  ? 2.99671   15.67483  -0.60769  1.000 43.44405 ? 206 LYS A NZ  1 
ATOM   350 N N   . LYS A 1 97  ? 5.53552   11.24950  -4.30308  1.000 28.44951 ? 207 LYS A N   1 
ATOM   351 C CA  . LYS A 1 97  ? 6.02673   9.88115   -4.15106  1.000 28.09366 ? 207 LYS A CA  1 
ATOM   352 C C   . LYS A 1 97  ? 5.61476   9.36001   -2.77890  1.000 27.50961 ? 207 LYS A C   1 
ATOM   353 O O   . LYS A 1 97  ? 6.02227   9.91900   -1.75454  1.000 30.29758 ? 207 LYS A O   1 
ATOM   354 C CB  . LYS A 1 97  ? 7.53689   9.81138   -4.33635  1.000 23.62780 ? 207 LYS A CB  1 
ATOM   355 C CG  . LYS A 1 97  ? 8.11452   8.45439   -4.07714  1.000 26.99998 ? 207 LYS A CG  1 
ATOM   356 C CD  . LYS A 1 97  ? 7.61485   7.41611   -5.05623  1.000 28.39979 ? 207 LYS A CD  1 
ATOM   357 C CE  . LYS A 1 97  ? 8.07348   6.00859   -4.64190  1.000 29.68479 ? 207 LYS A CE  1 
ATOM   358 N NZ  . LYS A 1 97  ? 9.51737   5.93119   -4.23894  1.000 25.79337 ? 207 LYS A NZ  1 
ATOM   359 N N   . LEU A 1 98  ? 4.78596   8.31408   -2.76288  1.000 21.40099 ? 208 LEU A N   1 
ATOM   360 C CA  . LEU A 1 98  ? 4.20326   7.77547   -1.53878  1.000 22.11913 ? 208 LEU A CA  1 
ATOM   361 C C   . LEU A 1 98  ? 4.70851   6.35501   -1.35102  1.000 22.13386 ? 208 LEU A C   1 
ATOM   362 O O   . LEU A 1 98  ? 4.49817   5.50031   -2.21789  1.000 23.76785 ? 208 LEU A O   1 
ATOM   363 C CB  . LEU A 1 98  ? 2.67323   7.78815   -1.59604  1.000 19.12563 ? 208 LEU A CB  1 
ATOM   364 C CG  . LEU A 1 98  ? 2.04607   9.16823   -1.78564  1.000 26.11256 ? 208 LEU A CG  1 
ATOM   365 C CD1 . LEU A 1 98  ? 0.52634   9.06787   -1.79234  1.000 18.08585 ? 208 LEU A CD1 1 
ATOM   366 C CD2 . LEU A 1 98  ? 2.52492   10.13523  -0.70803  1.000 26.22841 ? 208 LEU A CD2 1 
ATOM   367 N N   . LEU A 1 99  ? 5.35232   6.09244   -0.22243  1.000 18.34488 ? 209 LEU A N   1 
ATOM   368 C CA  . LEU A 1 99  ? 5.99792   4.80637   -0.02520  1.000 21.42730 ? 209 LEU A CA  1 
ATOM   369 C C   . LEU A 1 99  ? 5.47797   4.16534   1.24975   1.000 21.33229 ? 209 LEU A C   1 
ATOM   370 O O   . LEU A 1 99  ? 5.48083   4.79486   2.31054   1.000 23.60567 ? 209 LEU A O   1 
ATOM   371 C CB  . LEU A 1 99  ? 7.52272   4.96645   0.01150   1.000 19.95977 ? 209 LEU A CB  1 
ATOM   372 C CG  . LEU A 1 99  ? 8.34711   3.73997   0.37539   1.000 19.31203 ? 209 LEU A CG  1 
ATOM   373 C CD1 . LEU A 1 99  ? 8.10849   2.62727   -0.62406  1.000 18.98378 ? 209 LEU A CD1 1 
ATOM   374 C CD2 . LEU A 1 99  ? 9.82652   4.11685   0.40575   1.000 20.40917 ? 209 LEU A CD2 1 
ATOM   375 N N   . TYR A 1 100 ? 5.04997   2.90930   1.14474   1.000 22.02386 ? 210 TYR A N   1 
ATOM   376 C CA  . TYR A 1 100 ? 4.47705   2.17142   2.25870   1.000 18.82801 ? 210 TYR A CA  1 
ATOM   377 C C   . TYR A 1 100 ? 5.23337   0.87492   2.48335   1.000 18.66463 ? 210 TYR A C   1 
ATOM   378 O O   . TYR A 1 100 ? 5.86441   0.33842   1.56773   1.000 19.40522 ? 210 TYR A O   1 
ATOM   379 C CB  . TYR A 1 100 ? 2.98634   1.89938   2.00665   1.000 17.50236 ? 210 TYR A CB  1 
ATOM   380 C CG  . TYR A 1 100 ? 2.25399   3.20466   1.94961   1.000 20.56484 ? 210 TYR A CG  1 
ATOM   381 C CD1 . TYR A 1 100 ? 1.76759   3.80452   3.10896   1.000 17.30676 ? 210 TYR A CD1 1 
ATOM   382 C CD2 . TYR A 1 100 ? 2.12944   3.89274   0.74604   1.000 20.49324 ? 210 TYR A CD2 1 
ATOM   383 C CE1 . TYR A 1 100 ? 1.13470   5.03369   3.06150   1.000 16.67526 ? 210 TYR A CE1 1 
ATOM   384 C CE2 . TYR A 1 100 ? 1.50153   5.12604   0.69329   1.000 21.17808 ? 210 TYR A CE2 1 
ATOM   385 C CZ  . TYR A 1 100 ? 1.01189   5.69120   1.84888   1.000 19.08318 ? 210 TYR A CZ  1 
ATOM   386 O OH  . TYR A 1 100 ? 0.38874   6.91764   1.76919   1.000 20.61359 ? 210 TYR A OH  1 
ATOM   387 N N   . GLY A 1 101 ? 5.17376   0.38901   3.71700   1.000 20.96584 ? 211 GLY A N   1 
ATOM   388 C CA  . GLY A 1 101 ? 5.71132   -0.91645  4.06733   1.000 15.74775 ? 211 GLY A CA  1 
ATOM   389 C C   . GLY A 1 101 ? 4.62604   -1.80781  4.63976   1.000 19.59048 ? 211 GLY A C   1 
ATOM   390 O O   . GLY A 1 101 ? 3.75850   -1.34279  5.38062   1.000 23.21656 ? 211 GLY A O   1 
ATOM   391 N N   . LEU A 1 102 ? 4.67618   -3.08944  4.28893   1.000 18.70952 ? 212 LEU A N   1 
ATOM   392 C CA  . LEU A 1 102 ? 3.84954   -4.11428  4.91389   1.000 20.43229 ? 212 LEU A CA  1 
ATOM   393 C C   . LEU A 1 102 ? 4.77191   -5.12934  5.57973   1.000 21.79379 ? 212 LEU A C   1 
ATOM   394 O O   . LEU A 1 102 ? 5.60513   -5.75162  4.90894   1.000 21.71708 ? 212 LEU A O   1 
ATOM   395 C CB  . LEU A 1 102 ? 2.93905   -4.79906  3.88130   1.000 20.08753 ? 212 LEU A CB  1 
ATOM   396 C CG  . LEU A 1 102 ? 2.01977   -5.93746  4.36059   1.000 25.26642 ? 212 LEU A CG  1 
ATOM   397 C CD1 . LEU A 1 102 ? 0.70716   -5.98757  3.57065   1.000 24.58576 ? 212 LEU A CD1 1 
ATOM   398 C CD2 . LEU A 1 102 ? 2.71296   -7.29552  4.29881   1.000 22.54042 ? 212 LEU A CD2 1 
ATOM   399 N N   . ARG A 1 103 ? 4.61347   -5.31569  6.88385   1.000 21.13398 ? 213 ARG A N   1 
ATOM   400 C CA  . ARG A 1 103 ? 5.39491   -6.30408  7.61499   1.000 23.55902 ? 213 ARG A CA  1 
ATOM   401 C C   . ARG A 1 103 ? 4.56699   -7.54626  7.92225   1.000 26.04200 ? 213 ARG A C   1 
ATOM   402 O O   . ARG A 1 103 ? 3.46055   -7.45357  8.47571   1.000 24.31320 ? 213 ARG A O   1 
ATOM   403 C CB  . ARG A 1 103 ? 5.95152   -5.72957  8.91487   1.000 23.20945 ? 213 ARG A CB  1 
ATOM   404 C CG  . ARG A 1 103 ? 7.15374   -6.51918  9.41845   1.000 24.03479 ? 213 ARG A CG  1 
ATOM   405 C CD  . ARG A 1 103 ? 7.70270   -5.94638  10.72176  1.000 20.09112 ? 213 ARG A CD  1 
ATOM   406 N NE  . ARG A 1 103 ? 8.14003   -4.55971  10.58788  1.000 16.58883 ? 213 ARG A NE  1 
ATOM   407 C CZ  . ARG A 1 103 ? 9.26474   -4.16847  9.98674   1.000 20.16555 ? 213 ARG A CZ  1 
ATOM   408 N NH1 . ARG A 1 103 ? 10.09977  -5.05832  9.45756   1.000 21.54044 ? 213 ARG A NH1 1 
ATOM   409 N NH2 . ARG A 1 103 ? 9.56160   -2.87621  9.90921   1.000 19.57499 ? 213 ARG A NH2 1 
ATOM   410 N N   . ASN A 1 104 ? 5.12036   -8.70375  7.56681   1.000 27.91056 ? 214 ASN A N   1 
ATOM   411 C CA  . ASN A 1 104 ? 4.55154   -9.98748  7.94922   1.000 28.78971 ? 214 ASN A CA  1 
ATOM   412 C C   . ASN A 1 104 ? 4.71936   -10.17546 9.45596   1.000 30.32068 ? 214 ASN A C   1 
ATOM   413 O O   . ASN A 1 104 ? 5.84123   -10.18766 9.97043   1.000 32.73546 ? 214 ASN A O   1 
ATOM   414 C CB  . ASN A 1 104 ? 5.23676   -11.10246 7.15503   1.000 27.12610 ? 214 ASN A CB  1 
ATOM   415 C CG  . ASN A 1 104 ? 4.74819   -12.51140 7.53258   1.000 31.51307 ? 214 ASN A CG  1 
ATOM   416 O OD1 . ASN A 1 104 ? 3.83625   -12.69391 8.35266   1.000 26.05931 ? 214 ASN A OD1 1 
ATOM   417 N ND2 . ASN A 1 104 ? 5.36137   -13.51387 6.91442   1.000 27.66746 ? 214 ASN A ND2 1 
ATOM   418 N N   . LYS A 1 105 ? 3.60417   -10.28833 10.17013  1.000 28.79405 ? 215 LYS A N   1 
ATOM   419 C CA  . LYS A 1 105 ? 3.61884   -10.50977 11.60900  1.000 30.23182 ? 215 LYS A CA  1 
ATOM   420 C C   . LYS A 1 105 ? 3.07453   -11.88051 11.99477  1.000 36.58698 ? 215 LYS A C   1 
ATOM   421 O O   . LYS A 1 105 ? 2.73133   -12.09629 13.15709  1.000 36.60830 ? 215 LYS A O   1 
ATOM   422 C CB  . LYS A 1 105 ? 2.81972   -9.41951  12.31492  1.000 33.15130 ? 215 LYS A CB  1 
ATOM   423 C CG  . LYS A 1 105 ? 3.34745   -8.03740  12.05114  1.000 32.00431 ? 215 LYS A CG  1 
ATOM   424 C CD  . LYS A 1 105 ? 4.63612   -7.84073  12.79708  1.000 29.09832 ? 215 LYS A CD  1 
ATOM   425 C CE  . LYS A 1 105 ? 4.39737   -6.97801  13.99526  1.000 28.00178 ? 215 LYS A CE  1 
ATOM   426 N NZ  . LYS A 1 105 ? 5.61712   -6.86207  14.82329  1.000 35.47683 ? 215 LYS A NZ  1 
ATOM   427 N N   . LYS A 1 106 ? 2.97856   -12.80752 11.04374  1.000 38.36630 ? 216 LYS A N   1 
ATOM   428 C CA  . LYS A 1 106 ? 2.39186   -14.12062 11.28941  1.000 36.93999 ? 216 LYS A CA  1 
ATOM   429 C C   . LYS A 1 106 ? 3.49206   -15.09474 11.68477  1.000 35.64050 ? 216 LYS A C   1 
ATOM   430 O O   . LYS A 1 106 ? 4.30882   -15.49479 10.84353  1.000 35.92728 ? 216 LYS A O   1 
ATOM   431 C CB  . LYS A 1 106 ? 1.66221   -14.62849 10.05153  1.000 38.08066 ? 216 LYS A CB  1 
ATOM   432 C CG  . LYS A 1 106 ? 0.27153   -14.12891 9.91416   1.000 38.59253 ? 216 LYS A CG  1 
ATOM   433 C CD  . LYS A 1 106 ? -0.42309  -14.83161 8.77548   1.000 41.47462 ? 216 LYS A CD  1 
ATOM   434 C CE  . LYS A 1 106 ? -1.00720  -16.14620 9.25103   1.000 42.54091 ? 216 LYS A CE  1 
ATOM   435 N NZ  . LYS A 1 106 ? -1.85636  -15.93625 10.45156  1.000 47.63401 ? 216 LYS A NZ  1 
ATOM   436 N N   . ALA A 1 107 ? 3.50231   -15.49707 12.95311  1.000 37.08169 ? 217 ALA A N   1 
ATOM   437 C CA  . ALA A 1 107 ? 4.48946   -16.47109 13.39765  1.000 39.55642 ? 217 ALA A CA  1 
ATOM   438 C C   . ALA A 1 107 ? 4.34374   -17.76104 12.59967  1.000 33.06935 ? 217 ALA A C   1 
ATOM   439 O O   . ALA A 1 107 ? 3.24375   -18.30268 12.46692  1.000 35.69258 ? 217 ALA A O   1 
ATOM   440 C CB  . ALA A 1 107 ? 4.33597   -16.73365 14.89099  1.000 36.71555 ? 217 ALA A CB  1 
ATOM   441 N N   . GLY A 1 108 ? 5.45303   -18.22054 12.02460  1.000 33.98514 ? 218 GLY A N   1 
ATOM   442 C CA  . GLY A 1 108 ? 5.47975   -19.42087 11.22700  1.000 29.59529 ? 218 GLY A CA  1 
ATOM   443 C C   . GLY A 1 108 ? 5.35800   -19.21099 9.73157   1.000 38.19023 ? 218 GLY A C   1 
ATOM   444 O O   . GLY A 1 108 ? 5.78768   -20.08248 8.96309   1.000 41.42992 ? 218 GLY A O   1 
ATOM   445 N N   . TYR A 1 109 ? 4.80671   -18.08183 9.28614   1.000 37.26149 ? 219 TYR A N   1 
ATOM   446 C CA  . TYR A 1 109 ? 4.38516   -17.93832 7.89710   1.000 37.69854 ? 219 TYR A CA  1 
ATOM   447 C C   . TYR A 1 109 ? 5.38108   -17.16310 7.04223   1.000 34.61437 ? 219 TYR A C   1 
ATOM   448 O O   . TYR A 1 109 ? 6.02815   -16.21825 7.50325   1.000 30.49052 ? 219 TYR A O   1 
ATOM   449 C CB  . TYR A 1 109 ? 3.02240   -17.25981 7.81505   1.000 37.68242 ? 219 TYR A CB  1 
ATOM   450 C CG  . TYR A 1 109 ? 1.87024   -18.16186 8.19091   1.000 43.17439 ? 219 TYR A CG  1 
ATOM   451 C CD1 . TYR A 1 109 ? 1.54261   -18.39657 9.52308   1.000 37.96213 ? 219 TYR A CD1 1 
ATOM   452 C CD2 . TYR A 1 109 ? 1.10655   -18.78531 7.20441   1.000 45.44889 ? 219 TYR A CD2 1 
ATOM   453 C CE1 . TYR A 1 109 ? 0.47859   -19.22388 9.85827   1.000 44.05718 ? 219 TYR A CE1 1 
ATOM   454 C CE2 . TYR A 1 109 ? 0.04152   -19.60680 7.53148   1.000 47.34120 ? 219 TYR A CE2 1 
ATOM   455 C CZ  . TYR A 1 109 ? -0.26804  -19.82338 8.85551   1.000 45.92425 ? 219 TYR A CZ  1 
ATOM   456 O OH  . TYR A 1 109 ? -1.32567  -20.64211 9.16521   1.000 43.84540 ? 219 TYR A OH  1 
ATOM   457 N N   . THR A 1 110 ? 5.50016   -17.59420 5.79404   1.000 33.26863 ? 220 THR A N   1 
ATOM   458 C CA  . THR A 1 110 ? 6.13276   -16.84993 4.71958   1.000 35.05191 ? 220 THR A CA  1 
ATOM   459 C C   . THR A 1 110 ? 5.02235   -16.32698 3.81876   1.000 38.88447 ? 220 THR A C   1 
ATOM   460 O O   . THR A 1 110 ? 3.99172   -16.99000 3.66083   1.000 35.87182 ? 220 THR A O   1 
ATOM   461 C CB  . THR A 1 110 ? 7.09340   -17.74950 3.93460   1.000 37.51112 ? 220 THR A CB  1 
ATOM   462 O OG1 . THR A 1 110 ? 8.04082   -18.32069 4.84458   1.000 40.34095 ? 220 THR A OG1 1 
ATOM   463 C CG2 . THR A 1 110 ? 7.84128   -16.96768 2.84706   1.000 32.99427 ? 220 THR A CG2 1 
ATOM   464 N N   . CYS A 1 111 ? 5.20643   -15.13133 3.24576   1.000 32.83631 ? 221 CYS A N   1 
ATOM   465 C CA  . CYS A 1 111 ? 4.13057   -14.50628 2.49009   1.000 30.25783 ? 221 CYS A CA  1 
ATOM   466 C C   . CYS A 1 111 ? 4.60960   -13.96791 1.15233   1.000 30.12429 ? 221 CYS A C   1 
ATOM   467 O O   . CYS A 1 111 ? 5.76514   -13.56313 0.98780   1.000 28.69226 ? 221 CYS A O   1 
ATOM   468 C CB  . CYS A 1 111 ? 3.46756   -13.36714 3.26365   1.000 26.12236 ? 221 CYS A CB  1 
ATOM   469 S SG  . CYS A 1 111 ? 2.60955   -13.86478 4.77008   1.000 34.44823 ? 221 CYS A SG  1 
ATOM   470 N N   . LEU A 1 112 ? 3.68633   -13.97721 0.19655   1.000 30.51099 ? 222 LEU A N   1 
ATOM   471 C CA  . LEU A 1 112 ? 3.77364   -13.17996 -1.01206  1.000 28.36174 ? 222 LEU A CA  1 
ATOM   472 C C   . LEU A 1 112 ? 2.73984   -12.05539 -0.94969  1.000 28.18543 ? 222 LEU A C   1 
ATOM   473 O O   . LEU A 1 112 ? 1.69585   -12.17757 -0.29355  1.000 25.65832 ? 222 LEU A O   1 
ATOM   474 C CB  . LEU A 1 112 ? 3.55646   -14.04860 -2.24882  1.000 27.47825 ? 222 LEU A CB  1 
ATOM   475 C CG  . LEU A 1 112 ? 4.68469   -15.00510 -2.63322  1.000 29.73407 ? 222 LEU A CG  1 
ATOM   476 C CD1 . LEU A 1 112 ? 4.22451   -15.86198 -3.78850  1.000 26.27421 ? 222 LEU A CD1 1 
ATOM   477 C CD2 . LEU A 1 112 ? 5.97899   -14.26682 -3.00752  1.000 23.95113 ? 222 LEU A CD2 1 
ATOM   478 N N   . CYS A 1 113 ? 3.04733   -10.94902 -1.62788  1.000 24.13732 ? 223 CYS A N   1 
ATOM   479 C CA  . CYS A 1 113 ? 2.17033   -9.78578  -1.66031  1.000 21.00155 ? 223 CYS A CA  1 
ATOM   480 C C   . CYS A 1 113 ? 2.10390   -9.24546  -3.08019  1.000 26.89885 ? 223 CYS A C   1 
ATOM   481 O O   . CYS A 1 113 ? 3.14151   -8.94396  -3.67838  1.000 27.19894 ? 223 CYS A O   1 
ATOM   482 C CB  . CYS A 1 113 ? 2.66966   -8.69548  -0.71043  1.000 21.24350 ? 223 CYS A CB  1 
ATOM   483 S SG  . CYS A 1 113 ? 1.48122   -7.37761  -0.40878  1.000 24.37637 ? 223 CYS A SG  1 
ATOM   484 N N   . ARG A 1 114 ? 0.89088   -9.10747  -3.61561  1.000 24.59971 ? 224 ARG A N   1 
ATOM   485 C CA  . ARG A 1 114 ? 0.66526   -8.38285  -4.85917  1.000 24.11337 ? 224 ARG A CA  1 
ATOM   486 C C   . ARG A 1 114 ? -0.28201  -7.22012  -4.58270  1.000 23.89082 ? 224 ARG A C   1 
ATOM   487 O O   . ARG A 1 114 ? -1.11371  -7.29091  -3.67049  1.000 21.82272 ? 224 ARG A O   1 
ATOM   488 C CB  . ARG A 1 114 ? 0.09175   -9.29306  -5.94921  1.000 22.24835 ? 224 ARG A CB  1 
ATOM   489 C CG  . ARG A 1 114 ? 0.97885   -10.46756 -6.31571  1.000 22.05315 ? 224 ARG A CG  1 
ATOM   490 C CD  . ARG A 1 114 ? 2.21621   -9.99187  -7.02114  1.000 23.47383 ? 224 ARG A CD  1 
ATOM   491 N NE  . ARG A 1 114 ? 3.17707   -11.06891 -7.25902  1.000 29.73666 ? 224 ARG A NE  1 
ATOM   492 C CZ  . ARG A 1 114 ? 4.05337   -11.51154 -6.35308  1.000 29.18300 ? 224 ARG A CZ  1 
ATOM   493 N NH1 . ARG A 1 114 ? 4.07383   -10.98955 -5.12615  1.000 23.28668 ? 224 ARG A NH1 1 
ATOM   494 N NH2 . ARG A 1 114 ? 4.90355   -12.48348 -6.67072  1.000 20.84827 ? 224 ARG A NH2 1 
ATOM   495 N N   . ILE A 1 115 ? -0.15650  -6.14248  -5.37429  1.000 21.19695 ? 225 ILE A N   1 
ATOM   496 C CA  . ILE A 1 115 ? -0.84519  -4.89563  -5.06998  1.000 19.76947 ? 225 ILE A CA  1 
ATOM   497 C C   . ILE A 1 115 ? -1.61222  -4.34915  -6.26747  1.000 21.82660 ? 225 ILE A C   1 
ATOM   498 O O   . ILE A 1 115 ? -1.29573  -4.59947  -7.43494  1.000 19.69838 ? 225 ILE A O   1 
ATOM   499 C CB  . ILE A 1 115 ? 0.10902   -3.79358  -4.57236  1.000 22.87298 ? 225 ILE A CB  1 
ATOM   500 C CG1 . ILE A 1 115 ? 0.99414   -3.36013  -5.72714  1.000 19.97760 ? 225 ILE A CG1 1 
ATOM   501 C CG2 . ILE A 1 115 ? 0.88791   -4.23063  -3.32057  1.000 19.75005 ? 225 ILE A CG2 1 
ATOM   502 C CD1 . ILE A 1 115 ? 1.80940   -2.17801  -5.44386  1.000 30.52445 ? 225 ILE A CD1 1 
ATOM   503 N N   . PHE A 1 116 ? -2.62253  -3.55692  -5.93553  1.000 20.10297 ? 226 PHE A N   1 
ATOM   504 C CA  . PHE A 1 116 ? -3.34234  -2.70736  -6.85830  1.000 16.44406 ? 226 PHE A CA  1 
ATOM   505 C C   . PHE A 1 116 ? -3.63446  -1.39909  -6.12707  1.000 17.96878 ? 226 PHE A C   1 
ATOM   506 O O   . PHE A 1 116 ? -3.92975  -1.40176  -4.92503  1.000 18.44592 ? 226 PHE A O   1 
ATOM   507 C CB  . PHE A 1 116 ? -4.63849  -3.38393  -7.33209  1.000 18.29917 ? 226 PHE A CB  1 
ATOM   508 C CG  . PHE A 1 116 ? -5.53246  -2.47245  -8.12482  1.000 20.00111 ? 226 PHE A CG  1 
ATOM   509 C CD1 . PHE A 1 116 ? -5.11540  -1.96742  -9.34613  1.000 17.81026 ? 226 PHE A CD1 1 
ATOM   510 C CD2 . PHE A 1 116 ? -6.75777  -2.06067  -7.61207  1.000 17.61260 ? 226 PHE A CD2 1 
ATOM   511 C CE1 . PHE A 1 116 ? -5.92245  -1.10355  -10.06697 1.000 20.55141 ? 226 PHE A CE1 1 
ATOM   512 C CE2 . PHE A 1 116 ? -7.57030  -1.20107  -8.33212  1.000 19.19681 ? 226 PHE A CE2 1 
ATOM   513 C CZ  . PHE A 1 116 ? -7.15408  -0.72289  -9.56516  1.000 16.59744 ? 226 PHE A CZ  1 
ATOM   514 N N   . ALA A 1 117 ? -3.54828  -0.28153  -6.83974  1.000 16.05294 ? 227 ALA A N   1 
ATOM   515 C CA  . ALA A 1 117 ? -3.79645  1.01608   -6.22494  1.000 18.09628 ? 227 ALA A CA  1 
ATOM   516 C C   . ALA A 1 117 ? -4.55653  1.91779   -7.18949  1.000 19.36694 ? 227 ALA A C   1 
ATOM   517 O O   . ALA A 1 117 ? -4.40125  1.81730   -8.40994  1.000 20.71605 ? 227 ALA A O   1 
ATOM   518 C CB  . ALA A 1 117 ? -2.49055  1.68702   -5.79517  1.000 17.66370 ? 227 ALA A CB  1 
ATOM   519 N N   . GLU A 1 118 ? -5.37972  2.80153   -6.62884  1.000 17.49522 ? 228 GLU A N   1 
ATOM   520 C CA  . GLU A 1 118 ? -6.22239  3.69357   -7.41659  1.000 20.33050 ? 228 GLU A CA  1 
ATOM   521 C C   . GLU A 1 118 ? -6.53027  4.95289   -6.61408  1.000 21.23218 ? 228 GLU A C   1 
ATOM   522 O O   . GLU A 1 118 ? -6.63983  4.91586   -5.38629  1.000 22.05921 ? 228 GLU A O   1 
ATOM   523 C CB  . GLU A 1 118 ? -7.49308  2.95857   -7.89849  1.000 17.68199 ? 228 GLU A CB  1 
ATOM   524 C CG  . GLU A 1 118 ? -8.37588  2.23986   -6.83072  1.000 22.19399 ? 228 GLU A CG  1 
ATOM   525 C CD  . GLU A 1 118 ? -9.54872  3.02324   -6.26251  1.000 21.86660 ? 228 GLU A CD  1 
ATOM   526 O OE1 . GLU A 1 118 ? -9.93947  4.02654   -6.86641  1.000 26.87390 ? 228 GLU A OE1 1 
ATOM   527 O OE2 . GLU A 1 118 ? -10.15700 2.55739   -5.26953  1.000 21.32473 ? 228 GLU A OE2 1 
ATOM   528 N N   . ILE A 1 119 ? -6.59718  6.08152   -7.32056  1.000 19.52547 ? 229 ILE A N   1 
ATOM   529 C CA  . ILE A 1 119 ? -6.92585  7.36270   -6.70780  1.000 18.61546 ? 229 ILE A CA  1 
ATOM   530 C C   . ILE A 1 119 ? -8.43882  7.46782   -6.53269  1.000 18.73368 ? 229 ILE A C   1 
ATOM   531 O O   . ILE A 1 119 ? -9.20741  7.24931   -7.47170  1.000 21.32232 ? 229 ILE A O   1 
ATOM   532 C CB  . ILE A 1 119 ? -6.38751  8.52077   -7.55788  1.000 20.40228 ? 229 ILE A CB  1 
ATOM   533 C CG1 . ILE A 1 119 ? -4.89001  8.35824   -7.79681  1.000 21.36140 ? 229 ILE A CG1 1 
ATOM   534 C CG2 . ILE A 1 119 ? -6.70460  9.87148   -6.90144  1.000 22.86018 ? 229 ILE A CG2 1 
ATOM   535 C CD1 . ILE A 1 119 ? -4.05174  8.86898   -6.68122  1.000 21.78874 ? 229 ILE A CD1 1 
ATOM   536 N N   . GLU A 1 120 ? -8.86913  7.80285   -5.33165  1.000 20.28305 ? 230 GLU A N   1 
ATOM   537 C CA  . GLU A 1 120 ? -10.27532 7.99966   -5.02177  1.000 21.02764 ? 230 GLU A CA  1 
ATOM   538 C C   . GLU A 1 120 ? -10.50382 9.48247   -4.80477  1.000 19.78291 ? 230 GLU A C   1 
ATOM   539 O O   . GLU A 1 120 ? -9.94213  10.07883  -3.88475  1.000 27.13805 ? 230 GLU A O   1 
ATOM   540 C CB  . GLU A 1 120 ? -10.68574 7.20725   -3.78953  1.000 20.33924 ? 230 GLU A CB  1 
ATOM   541 C CG  . GLU A 1 120 ? -12.14830 7.05324   -3.63701  1.000 19.42843 ? 230 GLU A CG  1 
ATOM   542 C CD  . GLU A 1 120 ? -12.48946 6.37786   -2.34553  1.000 26.07000 ? 230 GLU A CD  1 
ATOM   543 O OE1 . GLU A 1 120 ? -12.62202 5.13648   -2.34677  1.000 23.02568 ? 230 GLU A OE1 1 
ATOM   544 O OE2 . GLU A 1 120 ? -12.59662 7.09501   -1.32378  1.000 29.74182 ? 230 GLU A OE2 1 
ATOM   545 N N   . SER A 1 121 ? -11.34429 10.05974  -5.63668  1.000 23.32936 ? 231 SER A N   1 
ATOM   546 C CA  . SER A 1 121 ? -11.44263 11.49296  -5.80977  1.000 23.68002 ? 231 SER A CA  1 
ATOM   547 C C   . SER A 1 121 ? -12.88302 11.82827  -6.14772  1.000 27.08714 ? 231 SER A C   1 
ATOM   548 O O   . SER A 1 121 ? -13.59905 11.02492  -6.75915  1.000 25.18300 ? 231 SER A O   1 
ATOM   549 C CB  . SER A 1 121 ? -10.50657 11.96642  -6.92201  1.000 22.83525 ? 231 SER A CB  1 
ATOM   550 O OG  . SER A 1 121 ? -10.79525 13.30198  -7.28193  1.000 38.22073 ? 231 SER A OG  1 
ATOM   551 N N   . ASP A 1 122 ? -13.30423 13.01944  -5.74880  1.000 26.45337 ? 232 ASP A N   1 
ATOM   552 C CA  . ASP A 1 122 ? -14.65117 13.44515  -6.07499  1.000 24.42149 ? 232 ASP A CA  1 
ATOM   553 C C   . ASP A 1 122 ? -14.71765 14.17803  -7.40852  1.000 23.70837 ? 232 ASP A C   1 
ATOM   554 O O   . ASP A 1 122 ? -15.81402 14.44525  -7.90260  1.000 32.73155 ? 232 ASP A O   1 
ATOM   555 C CB  . ASP A 1 122 ? -15.21267 14.27286  -4.91370  1.000 23.30827 ? 232 ASP A CB  1 
ATOM   556 C CG  . ASP A 1 122 ? -14.64187 15.64173  -4.83895  1.000 25.79847 ? 232 ASP A CG  1 
ATOM   557 O OD1 . ASP A 1 122 ? -13.62483 15.90650  -5.50053  1.000 36.29037 ? 232 ASP A OD1 1 
ATOM   558 O OD2 . ASP A 1 122 ? -15.17181 16.45127  -4.05663  1.000 40.24379 ? 232 ASP A OD2 1 
ATOM   559 N N   . GLY A 1 123 ? -13.57243 14.46536  -8.02121  1.000 23.54735 ? 233 GLY A N   1 
ATOM   560 C CA  . GLY A 1 123 ? -13.52913 15.05726  -9.33577  1.000 20.95394 ? 233 GLY A CA  1 
ATOM   561 C C   . GLY A 1 123 ? -13.22689 14.01059  -10.39432 1.000 23.89835 ? 233 GLY A C   1 
ATOM   562 O O   . GLY A 1 123 ? -13.06609 12.82837  -10.10614 1.000 26.68381 ? 233 GLY A O   1 
ATOM   563 N N   . ILE A 1 124 ? -13.16434 14.47380  -11.64616 1.000 21.71191 ? 234 ILE A N   1 
ATOM   564 C CA  . ILE A 1 124 ? -12.92832 13.58764  -12.77914 1.000 22.15908 ? 234 ILE A CA  1 
ATOM   565 C C   . ILE A 1 124 ? -11.97052 14.21143  -13.78981 1.000 24.19218 ? 234 ILE A C   1 
ATOM   566 O O   . ILE A 1 124 ? -11.68885 13.60580  -14.82817 1.000 23.33089 ? 234 ILE A O   1 
ATOM   567 C CB  . ILE A 1 124 ? -14.24464 13.19982  -13.48400 1.000 26.43704 ? 234 ILE A CB  1 
ATOM   568 C CG1 . ILE A 1 124 ? -15.00306 14.43600  -13.96102 1.000 25.60012 ? 234 ILE A CG1 1 
ATOM   569 C CG2 . ILE A 1 124 ? -15.12550 12.34736  -12.60729 1.000 19.56748 ? 234 ILE A CG2 1 
ATOM   570 C CD1 . ILE A 1 124 ? -15.98544 14.11091  -15.05650 1.000 24.69289 ? 234 ILE A CD1 1 
ATOM   571 N N   . MET A 1 125 ? -11.46372 15.41606  -13.50687 1.000 24.34089 ? 235 MET A N   1 
ATOM   572 C CA  . MET A 1 125 ? -10.63387 16.14375  -14.46317 1.000 23.02002 ? 235 MET A CA  1 
ATOM   573 C C   . MET A 1 125 ? -9.13483  15.95091  -14.26518 1.000 25.57336 ? 235 MET A C   1 
ATOM   574 O O   . MET A 1 125 ? -8.35796  16.39056  -15.11637 1.000 33.43509 ? 235 MET A O   1 
ATOM   575 C CB  . MET A 1 125 ? -10.92069 17.64834  -14.40240 1.000 19.57801 ? 235 MET A CB  1 
ATOM   576 C CG  . MET A 1 125 ? -12.29787 18.06967  -14.86860 1.000 25.77014 ? 235 MET A CG  1 
ATOM   577 S SD  . MET A 1 125 ? -12.96696 17.04704  -16.17674 1.000 29.15412 ? 235 MET A SD  1 
ATOM   578 C CE  . MET A 1 125 ? -14.69365 17.48898  -16.09062 1.000 29.81432 ? 235 MET A CE  1 
ATOM   579 N N   . ALA A 1 126 ? -8.70128  15.35285  -13.16894 1.000 25.83787 ? 236 ALA A N   1 
ATOM   580 C CA  . ALA A 1 126 ? -7.28125  15.24135  -12.87702 1.000 24.47828 ? 236 ALA A CA  1 
ATOM   581 C C   . ALA A 1 126 ? -6.73033  13.91810  -13.39367 1.000 21.18415 ? 236 ALA A C   1 
ATOM   582 O O   . ALA A 1 126 ? -7.43596  12.91585  -13.46873 1.000 27.98167 ? 236 ALA A O   1 
ATOM   583 C CB  . ALA A 1 126 ? -7.02778  15.36309  -11.37045 1.000 21.72635 ? 236 ALA A CB  1 
ATOM   584 N N   . ASN A 1 127 ? -5.46182  13.92801  -13.76961 1.000 20.07249 ? 237 ASN A N   1 
ATOM   585 C CA  . ASN A 1 127 ? -4.78667  12.68755  -14.11117 1.000 19.26346 ? 237 ASN A CA  1 
ATOM   586 C C   . ASN A 1 127 ? -4.73791  11.78821  -12.88202 1.000 20.65122 ? 237 ASN A C   1 
ATOM   587 O O   . ASN A 1 127 ? -4.39067  12.23967  -11.79014 1.000 24.54920 ? 237 ASN A O   1 
ATOM   588 C CB  . ASN A 1 127 ? -3.38770  13.01546  -14.62182 1.000 18.71300 ? 237 ASN A CB  1 
ATOM   589 C CG  . ASN A 1 127 ? -2.58624  11.79760  -14.98141 1.000 23.54871 ? 237 ASN A CG  1 
ATOM   590 O OD1 . ASN A 1 127 ? -3.06521  10.66909  -14.93450 1.000 27.26814 ? 237 ASN A OD1 1 
ATOM   591 N ND2 . ASN A 1 127 ? -1.34627  12.02661  -15.37588 1.000 30.74539 ? 237 ASN A ND2 1 
ATOM   592 N N   . THR A 1 128 ? -5.12696  10.52322  -13.04140 1.000 19.10911 ? 238 THR A N   1 
ATOM   593 C CA  . THR A 1 128 ? -5.09358  9.58041   -11.92551 1.000 21.52640 ? 238 THR A CA  1 
ATOM   594 C C   . THR A 1 128 ? -4.24076  8.35445   -12.21992 1.000 21.00157 ? 238 THR A C   1 
ATOM   595 O O   . THR A 1 128 ? -4.30625  7.37852   -11.46979 1.000 22.03991 ? 238 THR A O   1 
ATOM   596 C CB  . THR A 1 128 ? -6.50423  9.13963   -11.49820 1.000 18.02915 ? 238 THR A CB  1 
ATOM   597 O OG1 . THR A 1 128 ? -7.22784  8.62840   -12.61990 1.000 20.48264 ? 238 THR A OG1 1 
ATOM   598 C CG2 . THR A 1 128 ? -7.27953  10.28822  -10.86758 1.000 21.63608 ? 238 THR A CG2 1 
ATOM   599 N N   . ASN A 1 129 ? -3.44079  8.38041   -13.28036 1.000 20.86617 ? 239 ASN A N   1 
ATOM   600 C CA  . ASN A 1 129 ? -2.40679  7.37392   -13.46324 1.000 19.10291 ? 239 ASN A CA  1 
ATOM   601 C C   . ASN A 1 129 ? -1.52049  7.26522   -12.22093 1.000 22.94728 ? 239 ASN A C   1 
ATOM   602 O O   . ASN A 1 129 ? -1.18658  8.26418   -11.57747 1.000 26.98689 ? 239 ASN A O   1 
ATOM   603 C CB  . ASN A 1 129 ? -1.55082  7.72563   -14.67489 1.000 20.26923 ? 239 ASN A CB  1 
ATOM   604 C CG  . ASN A 1 129 ? -2.26668  7.48073   -15.98609 1.000 23.17176 ? 239 ASN A CG  1 
ATOM   605 O OD1 . ASN A 1 129 ? -3.29416  6.81448   -16.02895 1.000 21.18642 ? 239 ASN A OD1 1 
ATOM   606 N ND2 . ASN A 1 129 ? -1.71273  8.00980   -17.07023 1.000 20.48338 ? 239 ASN A ND2 1 
ATOM   607 N N   . ILE A 1 130 ? -1.13928  6.03996   -11.88717 1.000 19.70887 ? 240 ILE A N   1 
ATOM   608 C CA  . ILE A 1 130 ? -0.23281  5.75477   -10.78878 1.000 18.81178 ? 240 ILE A CA  1 
ATOM   609 C C   . ILE A 1 130 ? 0.97740   5.02902   -11.34622 1.000 21.54755 ? 240 ILE A C   1 
ATOM   610 O O   . ILE A 1 130 ? 0.83431   4.00323   -12.01629 1.000 22.82161 ? 240 ILE A O   1 
ATOM   611 C CB  . ILE A 1 130 ? -0.91577  4.89785   -9.71408  1.000 19.99491 ? 240 ILE A CB  1 
ATOM   612 C CG1 . ILE A 1 130 ? -2.15491  5.62201   -9.19591  1.000 16.36675 ? 240 ILE A CG1 1 
ATOM   613 C CG2 . ILE A 1 130 ? 0.08083   4.57780   -8.60287  1.000 18.45372 ? 240 ILE A CG2 1 
ATOM   614 C CD1 . ILE A 1 130 ? -2.92045  4.84189   -8.22701  1.000 19.13068 ? 240 ILE A CD1 1 
ATOM   615 N N   . GLY A 1 131 ? 2.16994   5.55251   -11.06566 1.000 27.11243 ? 241 GLY A N   1 
ATOM   616 C CA  . GLY A 1 131 ? 3.39856   4.86867   -11.42530 1.000 22.73413 ? 241 GLY A CA  1 
ATOM   617 C C   . GLY A 1 131 ? 3.85546   3.98752   -10.27810 1.000 23.16005 ? 241 GLY A C   1 
ATOM   618 O O   . GLY A 1 131 ? 3.87820   4.41958   -9.12211  1.000 22.39316 ? 241 GLY A O   1 
ATOM   619 N N   . VAL A 1 132 ? 4.20303   2.74554   -10.60239 1.000 26.27509 ? 242 VAL A N   1 
ATOM   620 C CA  . VAL A 1 132 ? 4.72615   1.79978   -9.61840  1.000 26.04777 ? 242 VAL A CA  1 
ATOM   621 C C   . VAL A 1 132 ? 6.22229   2.01583   -9.47253  1.000 23.44018 ? 242 VAL A C   1 
ATOM   622 O O   . VAL A 1 132 ? 6.94009   2.14700   -10.46757 1.000 27.68056 ? 242 VAL A O   1 
ATOM   623 C CB  . VAL A 1 132 ? 4.41730   0.35041   -10.03330 1.000 28.68312 ? 242 VAL A CB  1 
ATOM   624 C CG1 . VAL A 1 132 ? 4.85824   -0.63478  -8.93883  1.000 27.03938 ? 242 VAL A CG1 1 
ATOM   625 C CG2 . VAL A 1 132 ? 2.93622   0.19044   -10.31027 1.000 23.20130 ? 242 VAL A CG2 1 
ATOM   626 N N   . ALA A 1 133 ? 6.69548   2.06900   -8.23173  1.000 24.01910 ? 243 ALA A N   1 
ATOM   627 C CA  . ALA A 1 133 ? 8.12432   2.21853   -7.97020  1.000 23.28668 ? 243 ALA A CA  1 
ATOM   628 C C   . ALA A 1 133 ? 8.60713   0.99032   -7.21189  1.000 19.01111 ? 243 ALA A C   1 
ATOM   629 O O   . ALA A 1 133 ? 8.67988   -0.09787  -7.79032  1.000 19.48624 ? 243 ALA A O   1 
ATOM   630 C CB  . ALA A 1 133 ? 8.41605   3.50940   -7.19500  1.000 15.87680 ? 243 ALA A CB  1 
ATOM   631 N N   . GLU A 1 134 ? 8.91859   1.14520   -5.92397  1.000 20.86660 ? 244 GLU A N   1 
ATOM   632 C CA  . GLU A 1 134 ? 9.23036   -0.00993  -5.08788  1.000 19.04939 ? 244 GLU A CA  1 
ATOM   633 C C   . GLU A 1 134 ? 8.08344   -1.01205  -5.11185  1.000 19.04549 ? 244 GLU A C   1 
ATOM   634 O O   . GLU A 1 134 ? 6.91144   -0.64675  -4.96962  1.000 20.94062 ? 244 GLU A O   1 
ATOM   635 C CB  . GLU A 1 134 ? 9.48965   0.42092   -3.64828  1.000 17.56068 ? 244 GLU A CB  1 
ATOM   636 C CG  . GLU A 1 134 ? 10.77036  1.19617   -3.42385  1.000 19.74977 ? 244 GLU A CG  1 
ATOM   637 C CD  . GLU A 1 134 ? 10.60335  2.68990   -3.60760  1.000 24.56093 ? 244 GLU A CD  1 
ATOM   638 O OE1 . GLU A 1 134 ? 9.63510   3.12193   -4.26423  1.000 25.32753 ? 244 GLU A OE1 1 
ATOM   639 O OE2 . GLU A 1 134 ? 11.43542  3.43932   -3.06235  1.000 33.70376 ? 244 GLU A OE2 1 
ATOM   640 N N   . ASN A 1 135 ? 8.43200   -2.28434  -5.27675  1.000 16.30989 ? 245 ASN A N   1 
ATOM   641 C CA  . ASN A 1 135 ? 7.44066   -3.35232  -5.27816  1.000 18.13230 ? 245 ASN A CA  1 
ATOM   642 C C   . ASN A 1 135 ? 8.15083   -4.65504  -4.94179  1.000 20.49143 ? 245 ASN A C   1 
ATOM   643 O O   . ASN A 1 135 ? 8.88769   -5.18121  -5.77341  1.000 25.49571 ? 245 ASN A O   1 
ATOM   644 C CB  . ASN A 1 135 ? 6.75950   -3.44437  -6.63657  1.000 21.07091 ? 245 ASN A CB  1 
ATOM   645 C CG  . ASN A 1 135 ? 5.54915   -4.33096  -6.60998  1.000 24.00013 ? 245 ASN A CG  1 
ATOM   646 O OD1 . ASN A 1 135 ? 5.49706   -5.30789  -5.86786  1.000 26.35058 ? 245 ASN A OD1 1 
ATOM   647 N ND2 . ASN A 1 135 ? 4.56361   -4.00448  -7.43081  1.000 31.80150 ? 245 ASN A ND2 1 
ATOM   648 N N   . ASN A 1 136 ? 7.90187   -5.20031  -3.75841  1.000 25.13602 ? 246 ASN A N   1 
ATOM   649 C CA  . ASN A 1 136 ? 8.52236   -6.46320  -3.36555  1.000 21.80611 ? 246 ASN A CA  1 
ATOM   650 C C   . ASN A 1 136 ? 7.67733   -7.63551  -3.86186  1.000 23.06295 ? 246 ASN A C   1 
ATOM   651 O O   . ASN A 1 136 ? 6.59439   -7.91326  -3.33286  1.000 23.42400 ? 246 ASN A O   1 
ATOM   652 C CB  . ASN A 1 136 ? 8.70888   -6.50956  -1.85207  1.000 19.65285 ? 246 ASN A CB  1 
ATOM   653 C CG  . ASN A 1 136 ? 9.48278   -7.73325  -1.40058  1.000 24.98464 ? 246 ASN A CG  1 
ATOM   654 O OD1 . ASN A 1 136 ? 9.66421   -8.68250  -2.16121  1.000 26.96113 ? 246 ASN A OD1 1 
ATOM   655 N ND2 . ASN A 1 136 ? 9.97207   -7.70335  -0.16884  1.000 23.92040 ? 246 ASN A ND2 1 
ATOM   656 N N   . ARG A 1 137 ? 8.19223   -8.34653  -4.85120  1.000 24.03827 ? 247 ARG A N   1 
ATOM   657 C CA  . ARG A 1 137 ? 7.52119   -9.50949  -5.41622  1.000 27.68020 ? 247 ARG A CA  1 
ATOM   658 C C   . ARG A 1 137 ? 7.98312   -10.81736 -4.79621  1.000 26.75937 ? 247 ARG A C   1 
ATOM   659 O O   . ARG A 1 137 ? 7.46918   -11.87741 -5.16358  1.000 29.60842 ? 247 ARG A O   1 
ATOM   660 C CB  . ARG A 1 137 ? 7.75131   -9.55748  -6.93213  1.000 25.08230 ? 247 ARG A CB  1 
ATOM   661 C CG  . ARG A 1 137 ? 7.09653   -8.40966  -7.62543  1.000 26.89966 ? 247 ARG A CG  1 
ATOM   662 C CD  . ARG A 1 137 ? 7.74465   -8.05459  -8.92606  1.000 28.08025 ? 247 ARG A CD  1 
ATOM   663 N NE  . ARG A 1 137 ? 6.99029   -6.98477  -9.58428  1.000 38.96495 ? 247 ARG A NE  1 
ATOM   664 C CZ  . ARG A 1 137 ? 5.72698   -7.07743  -10.00449 1.000 36.12136 ? 247 ARG A CZ  1 
ATOM   665 N NH1 . ARG A 1 137 ? 5.04294   -8.21900  -9.90388  1.000 35.13255 ? 247 ARG A NH1 1 
ATOM   666 N NH2 . ARG A 1 137 ? 5.15451   -6.01987  -10.55862 1.000 37.34875 ? 247 ARG A NH2 1 
ATOM   667 N N   . ASP A 1 138 ? 8.93621   -10.77215 -3.87676  1.000 25.47723 ? 248 ASP A N   1 
ATOM   668 C CA  . ASP A 1 138 ? 9.56144   -11.97940 -3.37024  1.000 26.33199 ? 248 ASP A CA  1 
ATOM   669 C C   . ASP A 1 138 ? 8.85433   -12.47455 -2.12349  1.000 26.90238 ? 248 ASP A C   1 
ATOM   670 O O   . ASP A 1 138 ? 7.86175   -11.90908 -1.66202  1.000 27.82373 ? 248 ASP A O   1 
ATOM   671 C CB  . ASP A 1 138 ? 11.03531  -11.73445 -3.07278  1.000 23.05293 ? 248 ASP A CB  1 
ATOM   672 C CG  . ASP A 1 138 ? 11.75402  -11.12236 -4.23954  1.000 28.98463 ? 248 ASP A CG  1 
ATOM   673 O OD1 . ASP A 1 138 ? 11.58919  -11.64264 -5.37015  1.000 26.40881 ? 248 ASP A OD1 1 
ATOM   674 O OD2 . ASP A 1 138 ? 12.46558  -10.11496 -4.02811  1.000 31.52288 ? 248 ASP A OD2 1 
ATOM   675 N N   . GLU A 1 139 ? 9.38140   -13.55624 -1.57242  1.000 29.43312 ? 249 GLU A N   1 
ATOM   676 C CA  . GLU A 1 139 ? 8.88716   -14.04832 -0.30257  1.000 29.70690 ? 249 GLU A CA  1 
ATOM   677 C C   . GLU A 1 139 ? 9.19415   -13.04038 0.79959   1.000 25.62910 ? 249 GLU A C   1 
ATOM   678 O O   . GLU A 1 139 ? 10.16563  -12.28557 0.72830   1.000 26.44015 ? 249 GLU A O   1 
ATOM   679 C CB  . GLU A 1 139 ? 9.51355   -15.40164 -0.00202  1.000 32.22429 ? 249 GLU A CB  1 
ATOM   680 C CG  . GLU A 1 139 ? 9.11181   -16.45017 -1.00939  1.000 37.40657 ? 249 GLU A CG  1 
ATOM   681 C CD  . GLU A 1 139 ? 9.52310   -17.84090 -0.59280  1.000 38.30021 ? 249 GLU A CD  1 
ATOM   682 O OE1 . GLU A 1 139 ? 9.34372   -18.78512 -1.39966  1.000 40.98281 ? 249 GLU A OE1 1 
ATOM   683 O OE2 . GLU A 1 139 ? 10.02082  -17.98067 0.54352   1.000 37.17022 ? 249 GLU A OE2 1 
ATOM   684 N N   . ILE A 1 140 ? 8.33009   -13.00172 1.80530   1.000 25.48809 ? 250 ILE A N   1 
ATOM   685 C CA  . ILE A 1 140 ? 8.45190   -12.06792 2.91286   1.000 26.44973 ? 250 ILE A CA  1 
ATOM   686 C C   . ILE A 1 140 ? 8.34136   -12.89693 4.17595   1.000 31.59481 ? 250 ILE A C   1 
ATOM   687 O O   . ILE A 1 140 ? 7.25142   -13.37390 4.51637   1.000 33.73121 ? 250 ILE A O   1 
ATOM   688 C CB  . ILE A 1 140 ? 7.38328   -10.96203 2.88768   1.000 25.69346 ? 250 ILE A CB  1 
ATOM   689 C CG1 . ILE A 1 140 ? 7.49947   -10.10006 1.62448   1.000 22.88828 ? 250 ILE A CG1 1 
ATOM   690 C CG2 . ILE A 1 140 ? 7.51461   -10.06165 4.10149   1.000 21.35777 ? 250 ILE A CG2 1 
ATOM   691 C CD1 . ILE A 1 140 ? 6.29627   -9.17814  1.41092   1.000 20.12628 ? 250 ILE A CD1 1 
ATOM   692 N N   . ASP A 1 141 ? 9.46202   -13.07751 4.86568   1.000 31.82811 ? 251 ASP A N   1 
ATOM   693 C CA  . ASP A 1 141 ? 9.49563   -13.90892 6.05411   1.000 30.30658 ? 251 ASP A CA  1 
ATOM   694 C C   . ASP A 1 141 ? 8.84615   -13.18710 7.22159   1.000 26.54856 ? 251 ASP A C   1 
ATOM   695 O O   . ASP A 1 141 ? 8.42534   -12.03700 7.11688   1.000 27.57488 ? 251 ASP A O   1 
ATOM   696 C CB  . ASP A 1 141 ? 10.92907  -14.29602 6.37825   1.000 33.69561 ? 251 ASP A CB  1 
ATOM   697 C CG  . ASP A 1 141 ? 11.50291  -15.21919 5.36008   1.000 35.85738 ? 251 ASP A CG  1 
ATOM   698 O OD1 . ASP A 1 141 ? 10.74930  -16.11688 4.92118   1.000 41.08798 ? 251 ASP A OD1 1 
ATOM   699 O OD2 . ASP A 1 141 ? 12.68550  -15.04179 4.99235   1.000 40.78704 ? 251 ASP A OD2 1 
ATOM   700 N N   . GLU A 1 142 ? 8.75405   -13.87593 8.35378   1.000 32.85598 ? 252 GLU A N   1 
ATOM   701 C CA  . GLU A 1 142 ? 8.16443   -13.26142 9.53233   1.000 30.96083 ? 252 GLU A CA  1 
ATOM   702 C C   . GLU A 1 142 ? 9.02687   -12.09788 9.99889   1.000 30.61735 ? 252 GLU A C   1 
ATOM   703 O O   . GLU A 1 142 ? 10.25500  -12.20785 10.07831  1.000 29.56388 ? 252 GLU A O   1 
ATOM   704 C CB  . GLU A 1 142 ? 8.00108   -14.28720 10.64333  1.000 31.00257 ? 252 GLU A CB  1 
ATOM   705 C CG  . GLU A 1 142 ? 7.26755   -13.73782 11.84634  1.000 36.40570 ? 252 GLU A CG  1 
ATOM   706 C CD  . GLU A 1 142 ? 7.36163   -14.64406 13.06140  1.000 42.82758 ? 252 GLU A CD  1 
ATOM   707 O OE1 . GLU A 1 142 ? 7.81619   -15.80897 12.90851  1.000 41.43471 ? 252 GLU A OE1 1 
ATOM   708 O OE2 . GLU A 1 142 ? 6.98594   -14.17548 14.16395  1.000 40.29564 ? 252 GLU A OE2 1 
ATOM   709 N N   . ASN A 1 143 ? 8.37145   -10.97137 10.26777  1.000 27.39685 ? 253 ASN A N   1 
ATOM   710 C CA  . ASN A 1 143 ? 8.94961   -9.69081  10.66358  1.000 28.56217 ? 253 ASN A CA  1 
ATOM   711 C C   . ASN A 1 143 ? 9.76663   -9.04506  9.55338   1.000 24.36886 ? 253 ASN A C   1 
ATOM   712 O O   . ASN A 1 143 ? 10.36777  -7.98334  9.77322   1.000 21.83625 ? 253 ASN A O   1 
ATOM   713 C CB  . ASN A 1 143 ? 9.78379   -9.81076  11.94185  1.000 24.87012 ? 253 ASN A CB  1 
ATOM   714 C CG  . ASN A 1 143 ? 8.90685   -9.97747  13.16102  1.000 33.24580 ? 253 ASN A CG  1 
ATOM   715 O OD1 . ASN A 1 143 ? 7.92966   -9.23401  13.33394  1.000 33.94084 ? 253 ASN A OD1 1 
ATOM   716 N ND2 . ASN A 1 143 ? 9.21399   -10.97031 13.99161  1.000 26.52461 ? 253 ASN A ND2 1 
ATOM   717 N N   . GLU A 1 144 ? 9.79476   -9.62749  8.36549   1.000 20.81425 ? 254 GLU A N   1 
ATOM   718 C CA  . GLU A 1 144 ? 10.33128  -8.92395  7.21865   1.000 21.90962 ? 254 GLU A CA  1 
ATOM   719 C C   . GLU A 1 144 ? 9.24399   -8.04517  6.58751   1.000 23.30784 ? 254 GLU A C   1 
ATOM   720 O O   . GLU A 1 144 ? 8.04993   -8.32127  6.70708   1.000 23.68356 ? 254 GLU A O   1 
ATOM   721 C CB  . GLU A 1 144 ? 10.88837  -9.92431  6.21940   1.000 20.60815 ? 254 GLU A CB  1 
ATOM   722 C CG  . GLU A 1 144 ? 11.47987  -9.26637  5.01632   1.000 26.48147 ? 254 GLU A CG  1 
ATOM   723 C CD  . GLU A 1 144 ? 11.99554  -10.26295 4.02683   1.000 33.02089 ? 254 GLU A CD  1 
ATOM   724 O OE1 . GLU A 1 144 ? 11.86437  -11.48669 4.30829   1.000 31.92711 ? 254 GLU A OE1 1 
ATOM   725 O OE2 . GLU A 1 144 ? 12.51878  -9.81083  2.97907   1.000 27.63524 ? 254 GLU A OE2 1 
ATOM   726 N N   . GLU A 1 145 ? 9.66019   -6.94725  5.96251   1.000 23.05948 ? 255 GLU A N   1 
ATOM   727 C CA  . GLU A 1 145 ? 8.73304   -6.01909  5.32751   1.000 21.78400 ? 255 GLU A CA  1 
ATOM   728 C C   . GLU A 1 145 ? 8.84886   -6.09399  3.81196   1.000 21.49011 ? 255 GLU A C   1 
ATOM   729 O O   . GLU A 1 145 ? 9.92158   -6.37435  3.26121   1.000 19.00004 ? 255 GLU A O   1 
ATOM   730 C CB  . GLU A 1 145 ? 8.97956   -4.56794  5.76584   1.000 19.73649 ? 255 GLU A CB  1 
ATOM   731 C CG  . GLU A 1 145 ? 10.24041  -3.97082  5.15499   1.000 19.66268 ? 255 GLU A CG  1 
ATOM   732 C CD  . GLU A 1 145 ? 10.48712  -2.50668  5.52669   1.000 22.95947 ? 255 GLU A CD  1 
ATOM   733 O OE1 . GLU A 1 145 ? 9.60653   -1.87190  6.16363   1.000 21.27427 ? 255 GLU A OE1 1 
ATOM   734 O OE2 . GLU A 1 145 ? 11.58751  -2.00230  5.18253   1.000 21.39888 ? 255 GLU A OE2 1 
ATOM   735 N N   . GLY A 1 146 ? 7.71600   -5.85616  3.15420   1.000 20.75492 ? 256 GLY A N   1 
ATOM   736 C CA  . GLY A 1 146 ? 7.67978   -5.50120  1.74306   1.000 15.85317 ? 256 GLY A CA  1 
ATOM   737 C C   . GLY A 1 146 ? 7.38318   -4.01418  1.59764   1.000 16.64507 ? 256 GLY A C   1 
ATOM   738 O O   . GLY A 1 146 ? 6.51748   -3.47195  2.29034   1.000 16.68912 ? 256 GLY A O   1 
ATOM   739 N N   . LYS A 1 147 ? 8.11472   -3.36136  0.70363   1.000 15.71145 ? 257 LYS A N   1 
ATOM   740 C CA  . LYS A 1 147 ? 7.95704   -1.93151  0.45967   1.000 16.33262 ? 257 LYS A CA  1 
ATOM   741 C C   . LYS A 1 147 ? 7.26674   -1.70497  -0.87971  1.000 18.59526 ? 257 LYS A C   1 
ATOM   742 O O   . LYS A 1 147 ? 7.66807   -2.28657  -1.89538  1.000 18.16386 ? 257 LYS A O   1 
ATOM   743 C CB  . LYS A 1 147 ? 9.30912   -1.21289  0.49156   1.000 13.71796 ? 257 LYS A CB  1 
ATOM   744 C CG  . LYS A 1 147 ? 10.01691  -1.35251  1.83164   1.000 16.41811 ? 257 LYS A CG  1 
ATOM   745 C CD  . LYS A 1 147 ? 11.17156  -0.36984  2.01440   1.000 18.56174 ? 257 LYS A CD  1 
ATOM   746 C CE  . LYS A 1 147 ? 12.23871  -0.51714  0.94056   1.000 13.99053 ? 257 LYS A CE  1 
ATOM   747 N NZ  . LYS A 1 147 ? 12.92226  -1.82099  0.93807   1.000 13.68712 ? 257 LYS A NZ  1 
ATOM   748 N N   . TYR A 1 148 ? 6.25430   -0.83058  -0.88272  1.000 18.17340 ? 258 TYR A N   1 
ATOM   749 C CA  . TYR A 1 148 ? 5.44036   -0.55712  -2.06317  1.000 16.06859 ? 258 TYR A CA  1 
ATOM   750 C C   . TYR A 1 148 ? 5.35311   0.94655   -2.28037  1.000 18.01323 ? 258 TYR A C   1 
ATOM   751 O O   . TYR A 1 148 ? 4.83108   1.67194   -1.42933  1.000 21.11817 ? 258 TYR A O   1 
ATOM   752 C CB  . TYR A 1 148 ? 4.06555   -1.21032  -1.89953  1.000 15.85195 ? 258 TYR A CB  1 
ATOM   753 C CG  . TYR A 1 148 ? 4.28571   -2.70191  -1.71760  1.000 19.12924 ? 258 TYR A CG  1 
ATOM   754 C CD1 . TYR A 1 148 ? 4.60702   -3.50810  -2.80750  1.000 20.23580 ? 258 TYR A CD1 1 
ATOM   755 C CD2 . TYR A 1 148 ? 4.27981   -3.28233  -0.45738  1.000 18.55703 ? 258 TYR A CD2 1 
ATOM   756 C CE1 . TYR A 1 148 ? 4.87758   -4.84682  -2.65626  1.000 20.04978 ? 258 TYR A CE1 1 
ATOM   757 C CE2 . TYR A 1 148 ? 4.55203   -4.64067  -0.29555  1.000 19.77909 ? 258 TYR A CE2 1 
ATOM   758 C CZ  . TYR A 1 148 ? 4.84890   -5.40830  -1.39803  1.000 20.43225 ? 258 TYR A CZ  1 
ATOM   759 O OH  . TYR A 1 148 ? 5.10906   -6.74848  -1.25463  1.000 25.87347 ? 258 TYR A OH  1 
ATOM   760 N N   . GLY A 1 149 ? 5.88930   1.41644   -3.40136  1.000 17.04522 ? 259 GLY A N   1 
ATOM   761 C CA  . GLY A 1 149 ? 6.00621   2.84053   -3.67623  1.000 17.77997 ? 259 GLY A CA  1 
ATOM   762 C C   . GLY A 1 149 ? 5.17033   3.26129   -4.87603  1.000 19.13466 ? 259 GLY A C   1 
ATOM   763 O O   . GLY A 1 149 ? 5.13257   2.56706   -5.89445  1.000 18.73426 ? 259 GLY A O   1 
ATOM   764 N N   . PHE A 1 150 ? 4.52649   4.41463   -4.75121  1.000 18.15932 ? 260 PHE A N   1 
ATOM   765 C CA  . PHE A 1 150 ? 3.63345   4.89752   -5.78708  1.000 16.87507 ? 260 PHE A CA  1 
ATOM   766 C C   . PHE A 1 150 ? 4.02129   6.31318   -6.17565  1.000 20.06192 ? 260 PHE A C   1 
ATOM   767 O O   . PHE A 1 150 ? 4.25345   7.15686   -5.30505  1.000 22.41510 ? 260 PHE A O   1 
ATOM   768 C CB  . PHE A 1 150 ? 2.19657   4.81327   -5.29925  1.000 15.48925 ? 260 PHE A CB  1 
ATOM   769 C CG  . PHE A 1 150 ? 1.82134   3.43686   -4.83725  1.000 18.41677 ? 260 PHE A CG  1 
ATOM   770 C CD1 . PHE A 1 150 ? 1.43936   2.46354   -5.75577  1.000 16.50151 ? 260 PHE A CD1 1 
ATOM   771 C CD2 . PHE A 1 150 ? 1.91105   3.09157   -3.49634  1.000 15.87868 ? 260 PHE A CD2 1 
ATOM   772 C CE1 . PHE A 1 150 ? 1.11219   1.18555   -5.33997  1.000 14.99760 ? 260 PHE A CE1 1 
ATOM   773 C CE2 . PHE A 1 150 ? 1.58685   1.80813   -3.06629  1.000 16.64506 ? 260 PHE A CE2 1 
ATOM   774 C CZ  . PHE A 1 150 ? 1.18242   0.85682   -3.98853  1.000 17.60362 ? 260 PHE A CZ  1 
ATOM   775 N N   . LEU A 1 151 ? 4.13277   6.55740   -7.47764  1.000 16.93498 ? 261 LEU A N   1 
ATOM   776 C CA  . LEU A 1 151 ? 4.29017   7.90563   -8.00903  1.000 20.47559 ? 261 LEU A CA  1 
ATOM   777 C C   . LEU A 1 151 ? 2.91590   8.38270   -8.44248  1.000 20.16374 ? 261 LEU A C   1 
ATOM   778 O O   . LEU A 1 151 ? 2.29866   7.77228   -9.32184  1.000 25.02554 ? 261 LEU A O   1 
ATOM   779 C CB  . LEU A 1 151 ? 5.24269   7.92169   -9.20120  1.000 17.32857 ? 261 LEU A CB  1 
ATOM   780 C CG  . LEU A 1 151 ? 5.59716   9.26827   -9.83790  1.000 24.60708 ? 261 LEU A CG  1 
ATOM   781 C CD1 . LEU A 1 151 ? 6.19361   10.28262  -8.85386  1.000 16.35575 ? 261 LEU A CD1 1 
ATOM   782 C CD2 . LEU A 1 151 ? 6.51661   9.03493   -11.02310 1.000 30.77092 ? 261 LEU A CD2 1 
ATOM   783 N N   . ILE A 1 152 ? 2.41219   9.43440   -7.81628  1.000 22.40580 ? 262 ILE A N   1 
ATOM   784 C CA  . ILE A 1 152 ? 1.09124   9.91492   -8.22640  1.000 28.83155 ? 262 ILE A CA  1 
ATOM   785 C C   . ILE A 1 152 ? 1.18809   11.35898  -8.71447  1.000 27.49252 ? 262 ILE A C   1 
ATOM   786 O O   . ILE A 1 152 ? 2.08028   12.10611  -8.28343  1.000 23.55882 ? 262 ILE A O   1 
ATOM   787 C CB  . ILE A 1 152 ? 0.04366   9.78246   -7.09968  1.000 24.90586 ? 262 ILE A CB  1 
ATOM   788 C CG1 . ILE A 1 152 ? 0.30600   10.78478  -5.98454  1.000 24.44423 ? 262 ILE A CG1 1 
ATOM   789 C CG2 . ILE A 1 152 ? -0.01225  8.36298   -6.55467  1.000 19.40106 ? 262 ILE A CG2 1 
ATOM   790 C CD1 . ILE A 1 152 ? -0.84315  10.91086  -5.00938  1.000 21.28274 ? 262 ILE A CD1 1 
ATOM   791 N N   . PRO A 1 153 ? 0.32212   11.78143  -9.63551  1.000 25.06805 ? 263 PRO A N   1 
ATOM   792 C CA  . PRO A 1 153 ? 0.20765   13.21045  -9.92734  1.000 24.77624 ? 263 PRO A CA  1 
ATOM   793 C C   . PRO A 1 153 ? -0.37874  13.92844  -8.72894  1.000 28.30728 ? 263 PRO A C   1 
ATOM   794 O O   . PRO A 1 153 ? -1.14897  13.34892  -7.95767  1.000 27.97158 ? 263 PRO A O   1 
ATOM   795 C CB  . PRO A 1 153 ? -0.74872  13.26121  -11.12558 1.000 24.98436 ? 263 PRO A CB  1 
ATOM   796 C CG  . PRO A 1 153 ? -0.87538  11.84480  -11.60634 1.000 26.85053 ? 263 PRO A CG  1 
ATOM   797 C CD  . PRO A 1 153 ? -0.63185  10.98253  -10.41730 1.000 23.78114 ? 263 PRO A CD  1 
ATOM   798 N N   . LYS A 1 154 ? 0.02068   15.19197  -8.55902  1.000 28.67392 ? 264 LYS A N   1 
ATOM   799 C CA  . LYS A 1 154 ? -0.63047  16.06368  -7.58871  1.000 29.82892 ? 264 LYS A CA  1 
ATOM   800 C C   . LYS A 1 154 ? -2.13771  16.01654  -7.77132  1.000 26.43538 ? 264 LYS A C   1 
ATOM   801 O O   . LYS A 1 154 ? -2.64029  16.12757  -8.88907  1.000 24.32160 ? 264 LYS A O   1 
ATOM   802 C CB  . LYS A 1 154 ? -0.12639  17.49572  -7.75214  1.000 36.95159 ? 264 LYS A CB  1 
ATOM   803 C CG  . LYS A 1 154 ? -0.71716  18.50617  -6.78178  1.000 45.47091 ? 264 LYS A CG  1 
ATOM   804 C CD  . LYS A 1 154 ? -0.33392  19.92908  -7.22343  1.000 59.37091 ? 264 LYS A CD  1 
ATOM   805 C CE  . LYS A 1 154 ? -0.50493  20.10621  -8.74623  1.000 60.84091 ? 264 LYS A CE  1 
ATOM   806 N NZ  . LYS A 1 154 ? 0.31185   21.19630  -9.38894  1.000 60.92708 ? 264 LYS A NZ  1 
ATOM   807 N N   . GLN A 1 155 ? -2.85203  15.85137  -6.67107  1.000 27.86370 ? 265 GLN A N   1 
ATOM   808 C CA  . GLN A 1 155 ? -4.29651  15.72182  -6.69268  1.000 30.39875 ? 265 GLN A CA  1 
ATOM   809 C C   . GLN A 1 155 ? -4.98871  16.92206  -6.05625  1.000 28.92054 ? 265 GLN A C   1 
ATOM   810 O O   . GLN A 1 155 ? -4.38480  17.66927  -5.27985  1.000 30.19542 ? 265 GLN A O   1 
ATOM   811 C CB  . GLN A 1 155 ? -4.71824  14.43709  -5.96398  1.000 30.00292 ? 265 GLN A CB  1 
ATOM   812 C CG  . GLN A 1 155 ? -4.10202  13.20842  -6.57272  1.000 24.83468 ? 265 GLN A CG  1 
ATOM   813 C CD  . GLN A 1 155 ? -4.68208  12.92316  -7.92423  1.000 24.00412 ? 265 GLN A CD  1 
ATOM   814 O OE1 . GLN A 1 155 ? -5.87600  13.13118  -8.15826  1.000 28.09829 ? 265 GLN A OE1 1 
ATOM   815 N NE2 . GLN A 1 155 ? -3.83480  12.48659  -8.84519  1.000 22.63568 ? 265 GLN A NE2 1 
ATOM   816 N N   . PRO A 1 156 ? -6.26267  17.14349  -6.37370  1.000 31.08557 ? 266 PRO A N   1 
ATOM   817 C CA  . PRO A 1 156 ? -7.03482  18.13839  -5.62547  1.000 30.71532 ? 266 PRO A CA  1 
ATOM   818 C C   . PRO A 1 156 ? -7.10467  17.75358  -4.15944  1.000 29.33069 ? 266 PRO A C   1 
ATOM   819 O O   . PRO A 1 156 ? -6.92913  16.59431  -3.78618  1.000 36.60884 ? 266 PRO A O   1 
ATOM   820 C CB  . PRO A 1 156 ? -8.42235  18.08513  -6.27743  1.000 31.27594 ? 266 PRO A CB  1 
ATOM   821 C CG  . PRO A 1 156 ? -8.18920  17.51149  -7.63103  1.000 32.35368 ? 266 PRO A CG  1 
ATOM   822 C CD  . PRO A 1 156 ? -7.05772  16.53370  -7.45671  1.000 32.25028 ? 266 PRO A CD  1 
ATOM   823 N N   . ALA A 1 157 ? -7.35248  18.74997  -3.32137  1.000 29.80755 ? 267 ALA A N   1 
ATOM   824 C CA  . ALA A 1 157 ? -7.50953  18.50220  -1.89595  1.000 31.51828 ? 267 ALA A CA  1 
ATOM   825 C C   . ALA A 1 157 ? -8.51607  17.38305  -1.64531  1.000 27.01324 ? 267 ALA A C   1 
ATOM   826 O O   . ALA A 1 157 ? -9.49443  17.22472  -2.37475  1.000 31.06518 ? 267 ALA A O   1 
ATOM   827 C CB  . ALA A 1 157 ? -7.95116  19.78632  -1.19318  1.000 26.08129 ? 267 ALA A CB  1 
ATOM   828 N N   . GLY A 1 158 ? -8.25559  16.58471  -0.62417  1.000 24.88326 ? 268 GLY A N   1 
ATOM   829 C CA  . GLY A 1 158 ? -9.18689  15.55883  -0.21975  1.000 25.40335 ? 268 GLY A CA  1 
ATOM   830 C C   . GLY A 1 158 ? -9.04043  14.23061  -0.92544  1.000 25.41839 ? 268 GLY A C   1 
ATOM   831 O O   . GLY A 1 158 ? -9.66740  13.25647  -0.49989  1.000 27.68401 ? 268 GLY A O   1 
ATOM   832 N N   . ALA A 1 159 ? -8.22889  14.15237  -1.97537  1.000 23.98939 ? 269 ALA A N   1 
ATOM   833 C CA  . ALA A 1 159 ? -8.11716  12.92562  -2.74736  1.000 22.54600 ? 269 ALA A CA  1 
ATOM   834 C C   . ALA A 1 159 ? -7.33698  11.86656  -1.96859  1.000 23.22267 ? 269 ALA A C   1 
ATOM   835 O O   . ALA A 1 159 ? -6.41106  12.17624  -1.21375  1.000 21.08687 ? 269 ALA A O   1 
ATOM   836 C CB  . ALA A 1 159 ? -7.44134  13.21137  -4.08927  1.000 21.09370 ? 269 ALA A CB  1 
ATOM   837 N N   . LYS A 1 160 ? -7.71533  10.60244  -2.16658  1.000 21.50091 ? 270 LYS A N   1 
ATOM   838 C CA  . LYS A 1 160 ? -7.14497  9.49148   -1.41738  1.000 23.65056 ? 270 LYS A CA  1 
ATOM   839 C C   . LYS A 1 160 ? -6.48054  8.47645   -2.33914  1.000 23.82047 ? 270 LYS A C   1 
ATOM   840 O O   . LYS A 1 160 ? -6.85691  8.31456   -3.50805  1.000 24.09783 ? 270 LYS A O   1 
ATOM   841 C CB  . LYS A 1 160 ? -8.20892  8.77072   -0.57295  1.000 21.26786 ? 270 LYS A CB  1 
ATOM   842 C CG  . LYS A 1 160 ? -8.97430  9.66393   0.41855   1.000 24.99892 ? 270 LYS A CG  1 
ATOM   843 C CD  . LYS A 1 160 ? -8.02839  10.36389  1.37955   1.000 20.91935 ? 270 LYS A CD  1 
ATOM   844 C CE  . LYS A 1 160 ? -8.77113  11.16681  2.43697   1.000 17.58390 ? 270 LYS A CE  1 
ATOM   845 N NZ  . LYS A 1 160 ? -7.81715  11.74393  3.41635   1.000 15.64481 ? 270 LYS A NZ  1 
ATOM   846 N N   . LEU A 1 161 ? -5.48685  7.78926   -1.78950  1.000 20.99798 ? 271 LEU A N   1 
ATOM   847 C CA  . LEU A 1 161 ? -4.87078  6.63046   -2.42384  1.000 18.63172 ? 271 LEU A CA  1 
ATOM   848 C C   . LEU A 1 161 ? -5.42931  5.37916   -1.75875  1.000 20.52580 ? 271 LEU A C   1 
ATOM   849 O O   . LEU A 1 161 ? -5.34275  5.23368   -0.53477  1.000 21.26185 ? 271 LEU A O   1 
ATOM   850 C CB  . LEU A 1 161 ? -3.34488  6.69173   -2.30355  1.000 15.79360 ? 271 LEU A CB  1 
ATOM   851 C CG  . LEU A 1 161 ? -2.50059  5.55931   -2.89274  1.000 18.21116 ? 271 LEU A CG  1 
ATOM   852 C CD1 . LEU A 1 161 ? -2.69879  5.42650   -4.40051  1.000 15.72530 ? 271 LEU A CD1 1 
ATOM   853 C CD2 . LEU A 1 161 ? -1.03426  5.79483   -2.57430  1.000 14.97875 ? 271 LEU A CD2 1 
ATOM   854 N N   . ILE A 1 162 ? -6.04106  4.50272   -2.54916  1.000 18.49289 ? 272 ILE A N   1 
ATOM   855 C CA  . ILE A 1 162 ? -6.55663  3.23213   -2.05418  1.000 16.22002 ? 272 ILE A CA  1 
ATOM   856 C C   . ILE A 1 162 ? -5.63289  2.13736   -2.57011  1.000 19.41030 ? 272 ILE A C   1 
ATOM   857 O O   . ILE A 1 162 ? -5.48260  1.96490   -3.78778  1.000 18.83072 ? 272 ILE A O   1 
ATOM   858 C CB  . ILE A 1 162 ? -8.01064  2.99085   -2.48658  1.000 15.14137 ? 272 ILE A CB  1 
ATOM   859 C CG1 . ILE A 1 162 ? -8.86850  4.24202   -2.24487  1.000 19.75755 ? 272 ILE A CG1 1 
ATOM   860 C CG2 . ILE A 1 162 ? -8.59357  1.84034   -1.72880  1.000 15.82632 ? 272 ILE A CG2 1 
ATOM   861 C CD1 . ILE A 1 162 ? -8.98666  4.66162   -0.78106  1.000 15.51782 ? 272 ILE A CD1 1 
ATOM   862 N N   . ILE A 1 163 ? -4.98821  1.42151   -1.64936  1.000 17.10118 ? 273 ILE A N   1 
ATOM   863 C CA  . ILE A 1 163 ? -4.05022  0.35828   -1.98734  1.000 16.45197 ? 273 ILE A CA  1 
ATOM   864 C C   . ILE A 1 163 ? -4.65109  -0.97351  -1.56427  1.000 19.22854 ? 273 ILE A C   1 
ATOM   865 O O   . ILE A 1 163 ? -5.12912  -1.11973  -0.43000  1.000 17.45453 ? 273 ILE A O   1 
ATOM   866 C CB  . ILE A 1 163 ? -2.68224  0.55840   -1.31770  1.000 15.80850 ? 273 ILE A CB  1 
ATOM   867 C CG1 . ILE A 1 163 ? -2.18690  1.98816   -1.46583  1.000 14.79775 ? 273 ILE A CG1 1 
ATOM   868 C CG2 . ILE A 1 163 ? -1.67739  -0.41487  -1.87831  1.000 15.71517 ? 273 ILE A CG2 1 
ATOM   869 C CD1 . ILE A 1 163 ? -1.02338  2.28885   -0.51153  1.000 16.87992 ? 273 ILE A CD1 1 
ATOM   870 N N   . TYR A 1 164 ? -4.61449  -1.94527  -2.46951  1.000 17.69467 ? 274 TYR A N   1 
ATOM   871 C CA  . TYR A 1 164 ? -5.13245  -3.27907  -2.20715  1.000 19.46638 ? 274 TYR A CA  1 
ATOM   872 C C   . TYR A 1 164 ? -3.94451  -4.22693  -2.11413  1.000 18.73665 ? 274 TYR A C   1 
ATOM   873 O O   . TYR A 1 164 ? -3.14069  -4.31596  -3.04699  1.000 18.21558 ? 274 TYR A O   1 
ATOM   874 C CB  . TYR A 1 164 ? -6.12109  -3.71998  -3.29579  1.000 19.77094 ? 274 TYR A CB  1 
ATOM   875 C CG  . TYR A 1 164 ? -7.31783  -2.78943  -3.49102  1.000 20.02346 ? 274 TYR A CG  1 
ATOM   876 C CD1 . TYR A 1 164 ? -7.16410  -1.53148  -4.07064  1.000 19.35286 ? 274 TYR A CD1 1 
ATOM   877 C CD2 . TYR A 1 164 ? -8.59490  -3.17050  -3.10412  1.000 17.42920 ? 274 TYR A CD2 1 
ATOM   878 C CE1 . TYR A 1 164 ? -8.24777  -0.68053  -4.24666  1.000 19.41990 ? 274 TYR A CE1 1 
ATOM   879 C CE2 . TYR A 1 164 ? -9.68776  -2.32457  -3.28257  1.000 18.80895 ? 274 TYR A CE2 1 
ATOM   880 C CZ  . TYR A 1 164 ? -9.51071  -1.08140  -3.85284  1.000 21.76340 ? 274 TYR A CZ  1 
ATOM   881 O OH  . TYR A 1 164 ? -10.58947 -0.22084  -4.03524  1.000 22.49521 ? 274 TYR A OH  1 
ATOM   882 N N   . PHE A 1 165 ? -3.81916  -4.90392  -0.97985  1.000 20.52572 ? 275 PHE A N   1 
ATOM   883 C CA  . PHE A 1 165 ? -2.76121  -5.88070  -0.75652  1.000 18.66404 ? 275 PHE A CA  1 
ATOM   884 C C   . PHE A 1 165 ? -3.36692  -7.26730  -0.86180  1.000 22.54787 ? 275 PHE A C   1 
ATOM   885 O O   . PHE A 1 165 ? -4.27186  -7.61048  -0.08604  1.000 20.89669 ? 275 PHE A O   1 
ATOM   886 C CB  . PHE A 1 165 ? -2.11097  -5.69226  0.61424   1.000 19.51250 ? 275 PHE A CB  1 
ATOM   887 C CG  . PHE A 1 165 ? -1.46384  -4.35309  0.79907   1.000 19.17222 ? 275 PHE A CG  1 
ATOM   888 C CD1 . PHE A 1 165 ? -2.21985  -3.24828  1.17126   1.000 20.09449 ? 275 PHE A CD1 1 
ATOM   889 C CD2 . PHE A 1 165 ? -0.11190  -4.19737  0.62237   1.000 14.67475 ? 275 PHE A CD2 1 
ATOM   890 C CE1 . PHE A 1 165 ? -1.62232  -2.01445  1.34460   1.000 17.78086 ? 275 PHE A CE1 1 
ATOM   891 C CE2 . PHE A 1 165 ? 0.48125   -2.97512  0.80076   1.000 17.78237 ? 275 PHE A CE2 1 
ATOM   892 C CZ  . PHE A 1 165 ? -0.26873  -1.88360  1.16048   1.000 16.75720 ? 275 PHE A CZ  1 
ATOM   893 N N   . PHE A 1 166 ? -2.86253  -8.06149  -1.80815  1.000 21.86266 ? 276 PHE A N   1 
ATOM   894 C CA  . PHE A 1 166 ? -3.32538  -9.43447  -2.02387  1.000 23.31874 ? 276 PHE A CA  1 
ATOM   895 C C   . PHE A 1 166 ? -2.27981  -10.37951 -1.44885  1.000 27.30063 ? 276 PHE A C   1 
ATOM   896 O O   . PHE A 1 166 ? -1.23885  -10.62318 -2.06745  1.000 26.14879 ? 276 PHE A O   1 
ATOM   897 C CB  . PHE A 1 166 ? -3.59033  -9.69499  -3.49917  1.000 21.08132 ? 276 PHE A CB  1 
ATOM   898 C CG  . PHE A 1 166 ? -4.52201  -8.68361  -4.12299  1.000 22.94177 ? 276 PHE A CG  1 
ATOM   899 C CD1 . PHE A 1 166 ? -5.86319  -8.65670  -3.77485  1.000 24.99298 ? 276 PHE A CD1 1 
ATOM   900 C CD2 . PHE A 1 166 ? -4.05104  -7.73902  -5.01997  1.000 19.64594 ? 276 PHE A CD2 1 
ATOM   901 C CE1 . PHE A 1 166 ? -6.72464  -7.73573  -4.33708  1.000 25.58510 ? 276 PHE A CE1 1 
ATOM   902 C CE2 . PHE A 1 166 ? -4.90461  -6.81828  -5.57747  1.000 20.90858 ? 276 PHE A CE2 1 
ATOM   903 C CZ  . PHE A 1 166 ? -6.24761  -6.81726  -5.24275  1.000 17.42403 ? 276 PHE A CZ  1 
ATOM   904 N N   . LEU A 1 167 ? -2.58042  -10.92419 -0.26793  1.000 28.53986 ? 277 LEU A N   1 
ATOM   905 C CA  . LEU A 1 167 ? -1.61493  -11.64938 0.54575   1.000 28.88178 ? 277 LEU A CA  1 
ATOM   906 C C   . LEU A 1 167 ? -1.82008  -13.15683 0.43472   1.000 34.24252 ? 277 LEU A C   1 
ATOM   907 O O   . LEU A 1 167 ? -2.94385  -13.65391 0.56370   1.000 30.60521 ? 277 LEU A O   1 
ATOM   908 C CB  . LEU A 1 167 ? -1.72797  -11.18005 1.99478   1.000 26.22886 ? 277 LEU A CB  1 
ATOM   909 C CG  . LEU A 1 167 ? -1.14216  -9.77803  2.15620   1.000 26.48333 ? 277 LEU A CG  1 
ATOM   910 C CD1 . LEU A 1 167 ? -1.73240  -9.09664  3.36154   1.000 29.97453 ? 277 LEU A CD1 1 
ATOM   911 C CD2 . LEU A 1 167 ? 0.37188   -9.85956  2.31437   1.000 27.77127 ? 277 LEU A CD2 1 
ATOM   912 N N   . ASN A 1 168 ? -0.72995  -13.87592 0.18666   1.000 33.75531 ? 278 ASN A N   1 
ATOM   913 C CA  . ASN A 1 168 ? -0.74988  -15.33046 0.08948   1.000 37.11215 ? 278 ASN A CA  1 
ATOM   914 C C   . ASN A 1 168 ? 0.34941   -15.88415 0.98390   1.000 36.63171 ? 278 ASN A C   1 
ATOM   915 O O   . ASN A 1 168 ? 1.53384   -15.76766 0.65838   1.000 36.60351 ? 278 ASN A O   1 
ATOM   916 C CB  . ASN A 1 168 ? -0.57329  -15.79260 -1.35730  1.000 38.09100 ? 278 ASN A CB  1 
ATOM   917 C CG  . ASN A 1 168 ? -0.72163  -17.29270 -1.50399  1.000 46.51138 ? 278 ASN A CG  1 
ATOM   918 O OD1 . ASN A 1 168 ? -0.23786  -17.88444 -2.46933  1.000 48.49918 ? 278 ASN A OD1 1 
ATOM   919 N ND2 . ASN A 1 168 ? -1.35680  -17.92526 -0.51791  1.000 45.95373 ? 278 ASN A ND2 1 
ATOM   920 N N   . CYS A 1 169 ? -0.04426  -16.49515 2.09733   1.000 36.05892 ? 279 CYS A N   1 
ATOM   921 C CA  . CYS A 1 169 ? 0.88150   -16.92794 3.13124   1.000 41.25391 ? 279 CYS A CA  1 
ATOM   922 C C   . CYS A 1 169 ? 0.76098   -18.42800 3.39403   1.000 47.72662 ? 279 CYS A C   1 
ATOM   923 O O   . CYS A 1 169 ? -0.31258  -19.02191 3.24516   1.000 48.92408 ? 279 CYS A O   1 
ATOM   924 C CB  . CYS A 1 169 ? 0.63313   -16.15641 4.42497   1.000 37.85239 ? 279 CYS A CB  1 
ATOM   925 S SG  . CYS A 1 169 ? 0.72619   -14.38883 4.19533   1.000 36.87395 ? 279 CYS A SG  1 
ATOM   926 N N   . TRP A 1 170 ? 1.87405   -19.03181 3.81276   1.000 45.11237 ? 280 TRP A N   1 
ATOM   927 C CA  . TRP A 1 170 ? 1.92823   -20.46445 4.06045   1.000 46.26814 ? 280 TRP A CA  1 
ATOM   928 C C   . TRP A 1 170 ? 2.99227   -20.76283 5.11010   1.000 43.26610 ? 280 TRP A C   1 
ATOM   929 O O   . TRP A 1 170 ? 3.82932   -19.91890 5.42732   1.000 41.96375 ? 280 TRP A O   1 
ATOM   930 C CB  . TRP A 1 170 ? 2.21594   -21.22377 2.76722   1.000 40.82899 ? 280 TRP A CB  1 
ATOM   931 C CG  . TRP A 1 170 ? 3.55194   -20.91737 2.21245   1.000 39.05396 ? 280 TRP A CG  1 
ATOM   932 C CD1 . TRP A 1 170 ? 4.71376   -21.55625 2.49814   1.000 40.55143 ? 280 TRP A CD1 1 
ATOM   933 C CD2 . TRP A 1 170 ? 3.87981   -19.88435 1.27076   1.000 43.98672 ? 280 TRP A CD2 1 
ATOM   934 N NE1 . TRP A 1 170 ? 5.75423   -20.98730 1.79677   1.000 46.03824 ? 280 TRP A NE1 1 
ATOM   935 C CE2 . TRP A 1 170 ? 5.26702   -19.95841 1.03574   1.000 44.87978 ? 280 TRP A CE2 1 
ATOM   936 C CE3 . TRP A 1 170 ? 3.13868   -18.90281 0.60925   1.000 40.14720 ? 280 TRP A CE3 1 
ATOM   937 C CZ2 . TRP A 1 170 ? 5.92541   -19.09503 0.16097   1.000 38.32092 ? 280 TRP A CZ2 1 
ATOM   938 C CZ3 . TRP A 1 170 ? 3.79886   -18.04688 -0.25670  1.000 37.61698 ? 280 TRP A CZ3 1 
ATOM   939 C CH2 . TRP A 1 170 ? 5.17554   -18.15105 -0.47327  1.000 31.01220 ? 280 TRP A CH2 1 
ATOM   940 N N   . THR A 1 171 ? 2.94899   -21.98035 5.64821   1.000 47.86706 ? 281 THR A N   1 
ATOM   941 C CA  . THR A 1 171 ? 3.93422   -22.43988 6.63208   1.000 45.06423 ? 281 THR A CA  1 
ATOM   942 C C   . THR A 1 171 ? 4.89021   -23.45385 6.01446   1.000 40.54510 ? 281 THR A C   1 
ATOM   943 O O   . THR A 1 171 ? 4.61251   -24.00029 4.94686   1.000 43.59726 ? 281 THR A O   1 
ATOM   944 C CB  . THR A 1 171 ? 3.26818   -23.08392 7.83901   1.000 38.33189 ? 281 THR A CB  1 
ATOM   945 O OG1 . THR A 1 171 ? 2.47895   -24.18874 7.39064   1.000 50.42973 ? 281 THR A OG1 1 
ATOM   946 C CG2 . THR A 1 171 ? 2.37760   -22.09566 8.53714   1.000 37.75626 ? 281 THR A CG2 1 
HETATM 947 S S   . SO4 B 2 .   ? 11.18014  -4.44668  -0.12630  0.519 10.77296 ? 301 SO4 A S   1 
HETATM 948 O O1  . SO4 B 2 .   ? 12.01098  -5.17125  -1.09391  0.519 24.49241 ? 301 SO4 A O1  1 
HETATM 949 O O2  . SO4 B 2 .   ? 10.39786  -5.38105  0.63388   0.519 17.00738 ? 301 SO4 A O2  1 
HETATM 950 O O3  . SO4 B 2 .   ? 10.29178  -3.60955  -0.91451  0.519 24.40940 ? 301 SO4 A O3  1 
HETATM 951 O O4  . SO4 B 2 .   ? 12.00768  -3.62647  0.71703   0.519 11.60411 ? 301 SO4 A O4  1 
HETATM 952 S S   . SO4 C 2 .   ? 6.07938   -3.32216  13.17747  0.366 26.79564 ? 302 SO4 A S   1 
HETATM 953 O O1  . SO4 C 2 .   ? 7.27053   -4.12398  12.97741  0.366 24.73546 ? 302 SO4 A O1  1 
HETATM 954 O O2  . SO4 C 2 .   ? 5.18454   -4.07736  14.05429  0.366 25.16654 ? 302 SO4 A O2  1 
HETATM 955 O O3  . SO4 C 2 .   ? 5.46893   -3.08508  11.87999  0.366 19.97829 ? 302 SO4 A O3  1 
HETATM 956 O O4  . SO4 C 2 .   ? 6.45311   -2.04535  13.80240  0.366 22.75963 ? 302 SO4 A O4  1 
HETATM 957 O O   . HOH D 3 .   ? 11.60340  -10.03019 0.73258   1.000 18.43562 ? 401 HOH A O   1 
HETATM 958 O O   . HOH D 3 .   ? 4.07774   -7.43203  -5.56582  1.000 24.36474 ? 402 HOH A O   1 
HETATM 959 O O   . HOH D 3 .   ? -12.42024 3.36300   -4.31678  1.000 18.94010 ? 403 HOH A O   1 
HETATM 960 O O   . HOH D 3 .   ? -12.51999 9.61470   -0.69667  1.000 24.85186 ? 404 HOH A O   1 
HETATM 961 O O   . HOH D 3 .   ? -5.73750  14.41224  -0.06504  1.000 28.55887 ? 405 HOH A O   1 
HETATM 962 O O   . HOH D 3 .   ? -5.34086  2.57311   -10.78640 1.000 27.12349 ? 406 HOH A O   1 
HETATM 963 O O   . HOH D 3 .   ? 5.68844   -10.54374 -2.64285  1.000 27.85815 ? 407 HOH A O   1 
HETATM 964 O O   . HOH D 3 .   ? -1.80511  -7.04304  -8.58581  1.000 20.91452 ? 408 HOH A O   1 
HETATM 965 O O   . HOH D 3 .   ? -6.40833  9.76681   -15.42761 1.000 17.96456 ? 409 HOH A O   1 
HETATM 966 O O   . HOH D 3 .   ? -9.81563  13.06021  -11.82106 1.000 19.95265 ? 410 HOH A O   1 
HETATM 967 O O   . HOH D 3 .   ? 2.06365   -6.17336  -7.31724  1.000 21.83577 ? 411 HOH A O   1 
HETATM 968 O O   . HOH D 3 .   ? 8.04610   15.63118  -11.61612 0.50  45.33980 ? 412 HOH A O   1 
HETATM 969 O O   . HOH D 3 .   ? 11.37372  -15.29422 -3.20056  1.000 30.57666 ? 413 HOH A O   1 
# 
